data_4BZ6
#
_entry.id   4BZ6
#
_cell.length_a   70.640
_cell.length_b   70.640
_cell.length_c   97.990
_cell.angle_alpha   77.88
_cell.angle_beta   75.48
_cell.angle_gamma   85.69
#
_symmetry.space_group_name_H-M   'P 1'
#
loop_
_entity.id
_entity.type
_entity.pdbx_description
1 polymer 'HISTONE DEACETYLASE 8'
2 non-polymer 'ZINC ION'
3 non-polymer 'POTASSIUM ION'
4 non-polymer GLYCEROL
5 non-polymer 'OCTANEDIOIC ACID HYDROXYAMIDE PHENYLAMIDE'
6 non-polymer DIMETHYLFORMAMIDE
7 water water
#
_entity_poly.entity_id   1
_entity_poly.type   'polypeptide(L)'
_entity_poly.pdbx_seq_one_letter_code
;MSVGIVYGDQYRQLCCSSPKFGDRYALVMDLINAYKLIPELSRVPPLQWDSPSRMYEAVTAFHSTEYVDALKKLQMLHCE
EKELTADDELLMDSFSLNYDCPGFPSVFDYSLAAVQGSLAAASALICRHCEVVINWGGGWHHAKRSEASGFCYLNDIVLA
IHRLVSSTPPETSPNRQTRVLYVDLDLHHGDGVEEAFWYSPRVVTFSVHHASPGFFPGTGTWNMVDNDKLPIFLNGAGRG
RFSAFNLPLEEGINDLDWSNAIGPILDSLNIVIQPSYVVVQCGADCLATDPHRIFRLTNFYPNLNLDSDCDSECSLSGYL
YAIKKILSWKVPTLILGGGGYNFPDTARLWTRVTALTIEEVKGKKMTISPEIPEHSYFSRYGPDFELDIDYFPHESHNKT
LDSIQKHHRRILEQLRNYADLNKLIYDYDQVYQLYNLTGMGSLVPR
;
_entity_poly.pdbx_strand_id   A,B,C,D
#
# COMPACT_ATOMS: atom_id res chain seq x y z
N SER A 2 25.16 29.53 -1.71
CA SER A 2 23.90 30.20 -1.35
C SER A 2 23.32 29.62 -0.06
N VAL A 3 22.72 30.49 0.78
CA VAL A 3 22.14 30.08 2.06
C VAL A 3 20.63 30.26 2.01
N GLY A 4 19.91 29.18 2.27
CA GLY A 4 18.46 29.17 2.31
C GLY A 4 17.93 29.26 3.72
N ILE A 5 16.71 29.79 3.87
CA ILE A 5 16.04 29.83 5.17
C ILE A 5 14.58 29.46 4.96
N VAL A 6 14.03 28.58 5.80
CA VAL A 6 12.63 28.19 5.69
C VAL A 6 11.74 29.27 6.30
N TYR A 7 10.84 29.82 5.50
CA TYR A 7 9.90 30.82 5.95
C TYR A 7 8.66 30.81 5.07
N GLY A 8 7.57 31.31 5.62
CA GLY A 8 6.29 31.48 4.93
C GLY A 8 5.27 32.14 5.83
N ASP A 9 4.27 32.82 5.24
CA ASP A 9 3.21 33.45 6.04
C ASP A 9 2.49 32.41 6.89
N GLN A 10 1.98 31.34 6.27
CA GLN A 10 1.27 30.29 6.96
C GLN A 10 2.20 29.51 7.88
N TYR A 11 3.44 29.31 7.44
CA TYR A 11 4.45 28.61 8.21
C TYR A 11 4.68 29.28 9.55
N ARG A 12 4.83 30.62 9.54
CA ARG A 12 5.02 31.42 10.74
C ARG A 12 3.81 31.28 11.66
N GLN A 13 2.58 31.39 11.10
CA GLN A 13 1.34 31.23 11.91
C GLN A 13 1.33 29.88 12.64
N LEU A 14 1.63 28.79 11.91
CA LEU A 14 1.66 27.43 12.47
C LEU A 14 2.77 27.20 13.49
N CYS A 15 4.00 27.68 13.23
CA CYS A 15 5.13 27.56 14.17
C CYS A 15 4.88 28.37 15.45
N CYS A 16 3.96 29.37 15.37
CA CYS A 16 3.60 30.21 16.52
C CYS A 16 2.33 29.78 17.24
N SER A 17 1.79 28.61 16.88
CA SER A 17 0.51 28.15 17.41
C SER A 17 0.54 27.24 18.64
N SER A 18 1.74 26.88 19.14
CA SER A 18 1.84 25.97 20.28
C SER A 18 1.87 26.63 21.68
N PRO A 19 1.35 25.96 22.74
CA PRO A 19 1.40 26.56 24.09
C PRO A 19 2.81 26.66 24.66
N LYS A 20 3.69 25.70 24.35
CA LYS A 20 5.05 25.70 24.89
C LYS A 20 5.98 26.74 24.24
N PHE A 21 6.00 26.80 22.91
CA PHE A 21 6.88 27.73 22.21
C PHE A 21 6.30 29.09 21.83
N GLY A 22 4.99 29.29 22.07
CA GLY A 22 4.33 30.56 21.81
C GLY A 22 4.76 31.23 20.53
N ASP A 23 5.20 32.53 20.63
CA ASP A 23 5.64 33.34 19.48
C ASP A 23 7.18 33.33 19.23
N ARG A 24 7.92 32.38 19.81
CA ARG A 24 9.38 32.29 19.68
C ARG A 24 9.87 32.41 18.23
N TYR A 25 9.27 31.62 17.31
CA TYR A 25 9.62 31.60 15.88
C TYR A 25 9.49 32.99 15.24
N ALA A 26 8.40 33.75 15.57
CA ALA A 26 8.20 35.12 15.10
C ALA A 26 9.35 36.01 15.63
N LEU A 27 9.78 35.83 16.89
CA LEU A 27 10.88 36.65 17.44
C LEU A 27 12.17 36.41 16.68
N VAL A 28 12.49 35.11 16.42
CA VAL A 28 13.70 34.69 15.71
C VAL A 28 13.68 35.30 14.29
N MET A 29 12.59 35.08 13.53
CA MET A 29 12.45 35.58 12.16
C MET A 29 12.40 37.09 12.05
N ASP A 30 11.74 37.77 13.01
CA ASP A 30 11.68 39.24 13.00
C ASP A 30 13.00 39.88 13.44
N LEU A 31 13.80 39.19 14.29
CA LEU A 31 15.11 39.74 14.65
C LEU A 31 16.08 39.61 13.46
N ILE A 32 16.05 38.44 12.76
CA ILE A 32 16.85 38.21 11.55
C ILE A 32 16.51 39.28 10.50
N ASN A 33 15.20 39.56 10.35
CA ASN A 33 14.70 40.59 9.43
C ASN A 33 15.11 42.01 9.88
N ALA A 34 15.02 42.32 11.20
CA ALA A 34 15.42 43.63 11.74
C ALA A 34 16.90 43.87 11.47
N TYR A 35 17.73 42.82 11.50
CA TYR A 35 19.16 42.92 11.21
C TYR A 35 19.54 42.94 9.70
N LYS A 36 18.54 43.05 8.81
CA LYS A 36 18.70 43.14 7.34
C LYS A 36 19.41 41.93 6.70
N LEU A 37 19.16 40.72 7.27
CA LEU A 37 19.75 39.47 6.79
C LEU A 37 18.92 38.81 5.67
N ILE A 38 17.59 39.06 5.65
CA ILE A 38 16.66 38.47 4.66
C ILE A 38 17.10 38.64 3.18
N PRO A 39 17.52 39.84 2.71
CA PRO A 39 17.99 39.95 1.31
C PRO A 39 19.22 39.09 0.96
N GLU A 40 19.96 38.60 1.98
CA GLU A 40 21.14 37.74 1.81
C GLU A 40 20.76 36.25 1.76
N LEU A 41 19.49 35.93 2.05
CA LEU A 41 19.02 34.54 2.13
C LEU A 41 17.98 34.20 1.09
N SER A 42 17.97 32.96 0.61
CA SER A 42 16.95 32.46 -0.31
C SER A 42 15.82 31.85 0.52
N ARG A 43 14.57 32.33 0.34
CA ARG A 43 13.46 31.75 1.09
C ARG A 43 13.18 30.36 0.53
N VAL A 44 13.17 29.35 1.42
CA VAL A 44 12.85 27.97 1.08
C VAL A 44 11.40 27.72 1.52
N PRO A 45 10.45 27.55 0.58
CA PRO A 45 9.06 27.35 0.99
C PRO A 45 8.82 25.98 1.62
N PRO A 46 7.99 25.88 2.68
CA PRO A 46 7.69 24.54 3.23
C PRO A 46 7.00 23.66 2.18
N LEU A 47 7.30 22.36 2.23
CA LEU A 47 6.76 21.38 1.28
C LEU A 47 5.26 21.21 1.50
N GLN A 48 4.51 21.18 0.41
CA GLN A 48 3.08 20.92 0.46
C GLN A 48 2.84 19.70 -0.43
N TRP A 49 1.79 18.91 -0.13
CA TRP A 49 1.49 17.70 -0.85
C TRP A 49 0.27 17.75 -1.78
N ASP A 50 0.22 16.84 -2.76
CA ASP A 50 -0.82 16.75 -3.79
C ASP A 50 -2.12 16.19 -3.24
N SER A 51 -2.04 15.51 -2.06
CA SER A 51 -3.19 14.85 -1.48
C SER A 51 -2.92 14.40 -0.05
N PRO A 52 -4.00 14.08 0.72
CA PRO A 52 -3.81 13.47 2.05
C PRO A 52 -2.97 12.19 1.98
N SER A 53 -3.18 11.33 0.94
CA SER A 53 -2.40 10.09 0.79
C SER A 53 -0.92 10.34 0.62
N ARG A 54 -0.54 11.37 -0.15
CA ARG A 54 0.87 11.72 -0.32
C ARG A 54 1.47 12.21 1.00
N MET A 55 0.71 13.01 1.75
CA MET A 55 1.21 13.51 3.04
C MET A 55 1.46 12.33 3.98
N TYR A 56 0.48 11.41 4.09
CA TYR A 56 0.58 10.22 4.94
C TYR A 56 1.77 9.35 4.56
N GLU A 57 2.03 9.19 3.25
CA GLU A 57 3.17 8.42 2.73
C GLU A 57 4.50 9.05 3.18
N ALA A 58 4.57 10.38 3.19
CA ALA A 58 5.76 11.11 3.60
C ALA A 58 6.02 10.95 5.11
N VAL A 59 4.98 11.18 5.93
CA VAL A 59 5.13 11.13 7.41
C VAL A 59 5.37 9.70 7.90
N THR A 60 4.68 8.73 7.27
CA THR A 60 4.81 7.30 7.61
C THR A 60 6.10 6.65 7.12
N ALA A 61 7.00 7.40 6.47
CA ALA A 61 8.34 6.93 6.11
C ALA A 61 9.09 6.62 7.43
N PHE A 62 8.68 7.27 8.54
CA PHE A 62 9.20 7.03 9.89
C PHE A 62 8.09 6.66 10.87
N HIS A 63 7.04 7.51 10.96
CA HIS A 63 5.99 7.29 11.95
C HIS A 63 4.98 6.21 11.56
N SER A 64 4.36 5.54 12.54
CA SER A 64 3.35 4.50 12.22
C SER A 64 2.05 5.20 11.84
N THR A 65 1.23 4.55 11.00
CA THR A 65 -0.06 5.13 10.59
C THR A 65 -0.96 5.35 11.83
N GLU A 66 -0.97 4.37 12.78
CA GLU A 66 -1.80 4.49 13.99
C GLU A 66 -1.41 5.72 14.85
N TYR A 67 -0.10 6.04 14.92
CA TYR A 67 0.33 7.22 15.68
C TYR A 67 -0.08 8.54 14.96
N VAL A 68 0.15 8.62 13.64
CA VAL A 68 -0.24 9.79 12.83
C VAL A 68 -1.77 9.99 12.96
N ASP A 69 -2.54 8.90 12.83
CA ASP A 69 -4.00 8.91 12.99
C ASP A 69 -4.37 9.45 14.40
N ALA A 70 -3.70 8.96 15.48
CA ALA A 70 -3.98 9.44 16.86
C ALA A 70 -3.66 10.95 16.99
N LEU A 71 -2.55 11.40 16.37
CA LEU A 71 -2.15 12.83 16.41
C LEU A 71 -3.17 13.72 15.69
N LYS A 72 -3.67 13.29 14.54
CA LYS A 72 -4.69 14.03 13.80
C LYS A 72 -6.02 14.00 14.61
N LYS A 73 -6.34 12.88 15.26
CA LYS A 73 -7.58 12.80 16.08
C LYS A 73 -7.49 13.73 17.29
N LEU A 74 -6.30 13.84 17.89
CA LEU A 74 -6.02 14.74 19.01
C LEU A 74 -6.32 16.21 18.62
N GLN A 75 -5.90 16.62 17.41
CA GLN A 75 -6.18 17.98 16.93
C GLN A 75 -7.69 18.16 16.79
N MET A 76 -8.38 17.21 16.13
CA MET A 76 -9.83 17.27 15.94
C MET A 76 -10.60 17.38 17.28
N LEU A 77 -10.18 16.60 18.29
CA LEU A 77 -10.80 16.58 19.61
C LEU A 77 -10.58 17.88 20.33
N HIS A 78 -9.41 18.50 20.11
CA HIS A 78 -9.08 19.80 20.71
C HIS A 78 -9.70 21.00 19.99
N CYS A 79 -10.38 20.76 18.84
CA CYS A 79 -11.11 21.77 18.07
C CYS A 79 -12.60 21.69 18.37
N GLU A 80 -12.99 20.78 19.30
CA GLU A 80 -14.37 20.58 19.76
C GLU A 80 -14.44 21.07 21.21
N GLU A 81 -15.62 21.57 21.64
CA GLU A 81 -15.83 22.08 23.01
C GLU A 81 -15.75 20.94 24.03
N LYS A 82 -16.47 19.84 23.73
CA LYS A 82 -16.61 18.62 24.53
C LYS A 82 -15.27 18.03 24.96
N GLU A 83 -15.20 17.57 26.21
CA GLU A 83 -14.02 16.92 26.77
C GLU A 83 -13.82 15.54 26.11
N LEU A 84 -12.61 15.00 26.20
CA LEU A 84 -12.26 13.69 25.67
C LEU A 84 -12.98 12.61 26.47
N THR A 85 -13.42 11.54 25.79
CA THR A 85 -14.03 10.36 26.42
C THR A 85 -12.89 9.59 27.13
N ALA A 86 -13.25 8.68 28.05
CA ALA A 86 -12.30 7.83 28.78
C ALA A 86 -11.49 7.00 27.78
N ASP A 87 -12.17 6.47 26.72
CA ASP A 87 -11.54 5.69 25.66
C ASP A 87 -10.52 6.51 24.89
N ASP A 88 -10.86 7.77 24.54
CA ASP A 88 -9.90 8.62 23.83
C ASP A 88 -8.72 9.00 24.73
N GLU A 89 -8.93 9.18 26.06
CA GLU A 89 -7.82 9.47 26.99
C GLU A 89 -6.80 8.33 26.95
N LEU A 90 -7.27 7.07 26.97
CA LEU A 90 -6.46 5.83 26.93
C LEU A 90 -5.70 5.76 25.63
N LEU A 91 -6.38 6.05 24.51
CA LEU A 91 -5.73 6.00 23.18
C LEU A 91 -4.56 6.99 23.13
N MET A 92 -4.81 8.23 23.56
CA MET A 92 -3.74 9.25 23.58
C MET A 92 -2.58 8.87 24.51
N ASP A 93 -2.88 8.39 25.71
CA ASP A 93 -1.82 7.97 26.64
C ASP A 93 -0.95 6.86 26.06
N SER A 94 -1.54 5.98 25.24
CA SER A 94 -0.80 4.86 24.61
C SER A 94 0.25 5.34 23.59
N PHE A 95 0.15 6.63 23.15
CA PHE A 95 1.12 7.25 22.23
C PHE A 95 1.89 8.38 22.97
N SER A 96 1.71 8.49 24.30
CA SER A 96 2.33 9.53 25.16
C SER A 96 1.89 10.94 24.69
N LEU A 97 0.66 11.03 24.12
CA LEU A 97 0.06 12.31 23.73
C LEU A 97 -0.62 12.92 24.96
N ASN A 98 0.21 13.24 25.97
CA ASN A 98 -0.24 13.79 27.25
C ASN A 98 0.96 14.47 27.92
N TYR A 99 0.83 14.90 29.20
CA TYR A 99 1.95 15.49 29.95
C TYR A 99 2.67 16.63 29.24
N ASP A 100 3.94 16.45 28.83
CA ASP A 100 4.72 17.49 28.14
C ASP A 100 4.42 17.55 26.66
N CYS A 101 3.56 16.62 26.18
CA CYS A 101 3.07 16.56 24.82
C CYS A 101 1.54 16.62 24.81
N PRO A 102 0.91 17.68 25.35
CA PRO A 102 -0.57 17.72 25.37
C PRO A 102 -1.14 18.04 24.00
N GLY A 103 -2.45 17.90 23.89
CA GLY A 103 -3.16 18.32 22.69
C GLY A 103 -3.44 19.81 22.78
N PHE A 104 -3.70 20.43 21.64
CA PHE A 104 -4.07 21.84 21.54
C PHE A 104 -4.70 21.97 20.17
N PRO A 105 -5.50 23.02 19.87
CA PRO A 105 -6.23 23.07 18.59
C PRO A 105 -5.47 22.87 17.28
N SER A 106 -4.17 23.22 17.23
CA SER A 106 -3.40 23.06 15.99
C SER A 106 -2.24 22.06 16.14
N VAL A 107 -2.31 21.14 17.12
CA VAL A 107 -1.22 20.17 17.38
C VAL A 107 -0.71 19.46 16.12
N PHE A 108 -1.62 18.98 15.26
CA PHE A 108 -1.18 18.27 14.06
C PHE A 108 -0.59 19.23 13.01
N ASP A 109 -1.28 20.34 12.69
CA ASP A 109 -0.79 21.36 11.75
C ASP A 109 0.59 21.89 12.18
N TYR A 110 0.76 22.17 13.49
CA TYR A 110 1.99 22.68 14.12
C TYR A 110 3.14 21.69 13.91
N SER A 111 2.90 20.41 14.29
CA SER A 111 3.88 19.31 14.19
C SER A 111 4.28 19.07 12.71
N LEU A 112 3.26 19.00 11.84
CA LEU A 112 3.45 18.76 10.40
C LEU A 112 4.23 19.87 9.76
N ALA A 113 3.99 21.13 10.18
CA ALA A 113 4.69 22.28 9.61
C ALA A 113 6.22 22.12 9.72
N ALA A 114 6.75 21.66 10.85
CA ALA A 114 8.19 21.50 11.01
C ALA A 114 8.70 20.43 10.03
N VAL A 115 7.92 19.35 9.82
CA VAL A 115 8.26 18.28 8.85
C VAL A 115 8.29 18.91 7.43
N GLN A 116 7.24 19.67 7.06
CA GLN A 116 7.17 20.37 5.76
C GLN A 116 8.41 21.26 5.53
N GLY A 117 8.80 21.98 6.56
CA GLY A 117 9.94 22.86 6.45
C GLY A 117 11.25 22.09 6.32
N SER A 118 11.46 21.07 7.17
CA SER A 118 12.74 20.33 7.10
C SER A 118 12.89 19.44 5.85
N LEU A 119 11.78 18.91 5.31
CA LEU A 119 11.82 18.13 4.07
C LEU A 119 12.14 19.04 2.88
N ALA A 120 11.57 20.27 2.85
CA ALA A 120 11.86 21.24 1.77
C ALA A 120 13.32 21.67 1.87
N ALA A 121 13.82 21.80 3.10
CA ALA A 121 15.20 22.22 3.32
C ALA A 121 16.16 21.10 2.82
N ALA A 122 15.81 19.80 3.08
CA ALA A 122 16.61 18.68 2.56
C ALA A 122 16.59 18.71 1.01
N SER A 123 15.43 18.97 0.36
CA SER A 123 15.31 19.01 -1.12
C SER A 123 16.18 20.09 -1.75
N ALA A 124 16.21 21.28 -1.13
CA ALA A 124 17.00 22.43 -1.62
C ALA A 124 18.50 22.07 -1.60
N LEU A 125 18.95 21.27 -0.61
CA LEU A 125 20.35 20.81 -0.53
C LEU A 125 20.61 19.77 -1.62
N ILE A 126 19.68 18.81 -1.78
CA ILE A 126 19.75 17.73 -2.77
C ILE A 126 19.88 18.29 -4.22
N CYS A 127 19.00 19.23 -4.61
CA CYS A 127 19.04 19.80 -5.98
C CYS A 127 20.16 20.83 -6.18
N ARG A 128 20.99 21.04 -5.14
CA ARG A 128 22.12 21.98 -5.10
C ARG A 128 21.72 23.44 -5.28
N HIS A 129 20.46 23.78 -4.94
CA HIS A 129 19.97 25.16 -4.97
C HIS A 129 20.63 25.97 -3.83
N CYS A 130 20.82 25.33 -2.67
CA CYS A 130 21.44 25.94 -1.50
C CYS A 130 22.60 25.09 -1.00
N GLU A 131 23.67 25.73 -0.50
CA GLU A 131 24.82 25.04 0.07
C GLU A 131 24.48 24.68 1.51
N VAL A 132 23.70 25.56 2.17
CA VAL A 132 23.24 25.43 3.56
C VAL A 132 21.79 25.92 3.60
N VAL A 133 20.96 25.25 4.41
CA VAL A 133 19.58 25.64 4.64
C VAL A 133 19.33 25.61 6.14
N ILE A 134 18.70 26.69 6.62
CA ILE A 134 18.33 26.91 8.00
C ILE A 134 16.82 26.74 8.16
N ASN A 135 16.42 26.00 9.18
CA ASN A 135 15.00 25.88 9.55
C ASN A 135 14.86 26.08 11.06
N TRP A 136 14.61 27.34 11.49
CA TRP A 136 14.41 27.60 12.92
C TRP A 136 13.04 27.11 13.46
N GLY A 137 12.19 26.61 12.57
CA GLY A 137 10.90 26.05 12.96
C GLY A 137 10.97 24.54 13.20
N GLY A 138 12.13 23.94 12.94
CA GLY A 138 12.36 22.50 13.06
C GLY A 138 13.35 22.11 14.13
N GLY A 139 13.71 20.82 14.18
CA GLY A 139 14.70 20.30 15.14
C GLY A 139 14.10 19.51 16.28
N TRP A 140 12.98 18.82 16.02
CA TRP A 140 12.19 18.08 17.02
C TRP A 140 12.69 16.66 17.25
N HIS A 141 13.90 16.61 17.83
CA HIS A 141 14.72 15.42 18.00
C HIS A 141 14.20 14.28 18.85
N HIS A 142 13.20 14.51 19.72
CA HIS A 142 12.74 13.43 20.62
C HIS A 142 11.62 12.56 20.09
N ALA A 143 10.84 13.02 19.09
CA ALA A 143 9.70 12.24 18.60
C ALA A 143 10.14 10.82 18.11
N LYS A 144 9.39 9.77 18.51
CA LYS A 144 9.69 8.40 18.11
C LYS A 144 8.65 7.94 17.10
N ARG A 145 8.89 6.79 16.48
CA ARG A 145 8.00 6.16 15.50
C ARG A 145 6.51 6.23 15.91
N SER A 146 6.19 5.85 17.17
CA SER A 146 4.81 5.86 17.67
C SER A 146 4.72 6.55 19.03
N GLU A 147 5.54 7.57 19.27
CA GLU A 147 5.53 8.21 20.58
C GLU A 147 5.97 9.66 20.51
N ALA A 148 5.18 10.57 21.14
CA ALA A 148 5.53 11.98 21.29
C ALA A 148 6.40 12.02 22.55
N SER A 149 7.38 12.92 22.58
CA SER A 149 8.30 13.05 23.72
C SER A 149 8.91 14.45 23.76
N GLY A 150 8.94 15.05 24.96
CA GLY A 150 9.52 16.38 25.23
C GLY A 150 9.09 17.45 24.26
N PHE A 151 7.76 17.56 24.02
CA PHE A 151 7.12 18.49 23.07
C PHE A 151 7.46 18.28 21.60
N CYS A 152 7.97 17.10 21.27
CA CYS A 152 8.28 16.72 19.88
C CYS A 152 7.20 15.72 19.49
N TYR A 153 6.35 16.06 18.52
CA TYR A 153 5.25 15.19 18.09
C TYR A 153 5.63 14.42 16.79
N LEU A 154 6.28 15.11 15.86
CA LEU A 154 6.72 14.51 14.59
C LEU A 154 8.21 14.74 14.45
N ASN A 155 8.96 13.68 14.08
CA ASN A 155 10.42 13.86 13.98
C ASN A 155 10.81 14.37 12.59
N ASP A 156 10.84 15.69 12.45
CA ASP A 156 11.21 16.35 11.19
C ASP A 156 12.65 16.04 10.83
N ILE A 157 13.54 15.86 11.84
CA ILE A 157 14.96 15.57 11.57
C ILE A 157 15.12 14.19 10.88
N VAL A 158 14.51 13.16 11.46
CA VAL A 158 14.59 11.79 10.94
C VAL A 158 14.11 11.77 9.50
N LEU A 159 12.98 12.44 9.25
CA LEU A 159 12.36 12.52 7.94
C LEU A 159 13.23 13.27 6.94
N ALA A 160 13.88 14.38 7.37
CA ALA A 160 14.80 15.13 6.49
C ALA A 160 16.04 14.25 6.20
N ILE A 161 16.59 13.56 7.23
CA ILE A 161 17.78 12.69 7.04
C ILE A 161 17.39 11.55 6.13
N HIS A 162 16.22 10.95 6.34
CA HIS A 162 15.77 9.85 5.46
C HIS A 162 15.75 10.31 3.98
N ARG A 163 15.24 11.53 3.71
CA ARG A 163 15.20 12.09 2.36
C ARG A 163 16.62 12.26 1.84
N LEU A 164 17.55 12.73 2.71
CA LEU A 164 18.97 12.95 2.37
C LEU A 164 19.67 11.64 2.02
N VAL A 165 19.54 10.59 2.89
CA VAL A 165 20.20 9.29 2.65
C VAL A 165 19.73 8.59 1.39
N SER A 166 18.44 8.69 1.08
CA SER A 166 17.77 8.02 -0.06
C SER A 166 17.88 8.85 -1.35
N SER A 167 18.63 9.97 -1.30
CA SER A 167 18.86 10.97 -2.35
C SER A 167 19.52 10.38 -3.62
N GLN A 177 26.19 4.86 -0.51
CA GLN A 177 27.28 5.77 -0.88
C GLN A 177 27.08 7.13 -0.19
N THR A 178 25.82 7.51 0.02
CA THR A 178 25.47 8.74 0.70
C THR A 178 25.59 8.45 2.20
N ARG A 179 26.39 9.27 2.91
CA ARG A 179 26.55 9.19 4.37
C ARG A 179 26.16 10.52 4.98
N VAL A 180 25.36 10.49 6.05
CA VAL A 180 24.92 11.71 6.73
C VAL A 180 25.52 11.74 8.12
N LEU A 181 26.07 12.91 8.48
CA LEU A 181 26.57 13.13 9.84
C LEU A 181 25.54 14.03 10.55
N TYR A 182 25.00 13.55 11.68
CA TYR A 182 24.03 14.31 12.45
C TYR A 182 24.70 14.80 13.71
N VAL A 183 24.64 16.11 13.94
CA VAL A 183 25.27 16.74 15.09
C VAL A 183 24.17 17.40 15.88
N ASP A 184 24.05 17.06 17.17
CA ASP A 184 22.97 17.53 18.04
C ASP A 184 23.55 18.34 19.18
N LEU A 185 23.42 19.67 19.09
CA LEU A 185 24.01 20.61 20.04
C LEU A 185 23.10 21.00 21.19
N ASP A 186 21.86 20.49 21.17
CA ASP A 186 20.88 20.78 22.21
C ASP A 186 21.36 20.33 23.61
N LEU A 187 20.85 21.00 24.66
CA LEU A 187 21.15 20.64 26.07
C LEU A 187 20.73 19.17 26.36
N HIS A 188 19.67 18.71 25.69
CA HIS A 188 19.10 17.36 25.84
C HIS A 188 19.62 16.35 24.82
N HIS A 189 19.75 15.09 25.26
CA HIS A 189 20.19 13.99 24.38
C HIS A 189 19.25 13.83 23.17
N GLY A 190 19.80 13.73 21.97
CA GLY A 190 19.01 13.55 20.75
C GLY A 190 18.62 12.10 20.57
N ASP A 191 17.76 11.58 21.49
CA ASP A 191 17.36 10.16 21.52
C ASP A 191 16.56 9.65 20.34
N GLY A 192 15.56 10.42 19.88
CA GLY A 192 14.68 10.03 18.77
C GLY A 192 15.45 9.79 17.48
N VAL A 193 16.40 10.69 17.16
CA VAL A 193 17.21 10.61 15.93
C VAL A 193 18.19 9.45 16.07
N GLU A 194 18.84 9.35 17.24
CA GLU A 194 19.80 8.27 17.51
C GLU A 194 19.12 6.91 17.34
N GLU A 195 17.93 6.73 17.94
CA GLU A 195 17.18 5.48 17.85
C GLU A 195 16.79 5.15 16.42
N ALA A 196 16.27 6.13 15.67
CA ALA A 196 15.81 5.90 14.30
C ALA A 196 16.88 5.30 13.42
N PHE A 197 18.15 5.65 13.70
CA PHE A 197 19.30 5.23 12.88
C PHE A 197 20.29 4.35 13.62
N TRP A 198 19.86 3.73 14.73
CA TRP A 198 20.68 2.85 15.59
C TRP A 198 21.33 1.69 14.84
N TYR A 199 20.63 1.16 13.83
CA TYR A 199 21.06 0.02 13.03
C TYR A 199 21.61 0.42 11.65
N SER A 200 21.75 1.72 11.40
CA SER A 200 22.22 2.21 10.11
C SER A 200 23.65 2.80 10.20
N PRO A 201 24.64 2.21 9.50
CA PRO A 201 25.99 2.81 9.49
C PRO A 201 26.07 4.10 8.64
N ARG A 202 25.12 4.29 7.71
CA ARG A 202 25.07 5.45 6.77
C ARG A 202 24.70 6.78 7.42
N VAL A 203 24.02 6.75 8.58
CA VAL A 203 23.68 7.96 9.33
C VAL A 203 24.43 7.89 10.66
N VAL A 204 25.52 8.65 10.79
CA VAL A 204 26.29 8.72 12.02
C VAL A 204 25.71 9.84 12.90
N THR A 205 25.33 9.51 14.14
CA THR A 205 24.73 10.49 15.03
C THR A 205 25.68 10.87 16.13
N PHE A 206 25.72 12.16 16.48
CA PHE A 206 26.58 12.66 17.53
C PHE A 206 25.81 13.69 18.32
N SER A 207 25.59 13.40 19.62
CA SER A 207 24.89 14.31 20.52
C SER A 207 25.79 14.66 21.67
N VAL A 208 25.90 15.96 21.90
CA VAL A 208 26.59 16.50 23.06
C VAL A 208 25.46 17.08 23.91
N HIS A 209 25.44 16.75 25.21
CA HIS A 209 24.31 17.16 26.04
C HIS A 209 24.61 17.04 27.53
N HIS A 210 23.70 17.54 28.36
CA HIS A 210 23.84 17.26 29.80
C HIS A 210 23.17 15.91 30.04
N ALA A 211 23.71 15.13 30.99
CA ALA A 211 23.09 13.91 31.47
C ALA A 211 23.38 13.83 32.96
N SER A 212 22.36 13.55 33.76
CA SER A 212 22.49 13.37 35.21
C SER A 212 21.26 12.58 35.69
N PRO A 213 21.31 11.93 36.87
CA PRO A 213 20.15 11.14 37.31
C PRO A 213 18.85 11.95 37.39
N GLY A 214 17.80 11.43 36.75
CA GLY A 214 16.49 12.08 36.73
C GLY A 214 16.32 13.18 35.70
N PHE A 215 17.37 13.49 34.92
CA PHE A 215 17.35 14.54 33.87
C PHE A 215 16.90 13.93 32.58
N PHE A 216 15.97 14.61 31.90
CA PHE A 216 15.36 14.20 30.64
C PHE A 216 16.35 14.10 29.48
N PRO A 217 16.27 13.08 28.56
CA PRO A 217 15.38 11.88 28.57
C PRO A 217 15.98 10.68 29.34
N GLY A 218 17.23 10.79 29.75
CA GLY A 218 17.90 9.75 30.54
C GLY A 218 18.95 8.94 29.83
N THR A 219 19.00 9.06 28.49
CA THR A 219 19.91 8.31 27.61
C THR A 219 21.15 9.18 27.21
N GLY A 220 22.02 8.64 26.34
CA GLY A 220 23.24 9.32 25.87
C GLY A 220 24.34 9.31 26.91
N THR A 221 24.33 8.27 27.78
CA THR A 221 25.30 8.13 28.85
C THR A 221 25.49 6.66 29.22
N TRP A 222 26.34 6.38 30.22
CA TRP A 222 26.58 5.01 30.73
C TRP A 222 25.24 4.37 31.06
N ASN A 223 25.04 3.14 30.56
CA ASN A 223 23.81 2.38 30.61
C ASN A 223 23.90 1.26 31.64
N MET A 224 22.88 1.15 32.50
CA MET A 224 22.86 0.10 33.52
C MET A 224 21.47 -0.47 33.71
N ILE A 232 27.49 0.16 30.99
CA ILE A 232 28.10 0.10 29.64
C ILE A 232 27.68 1.29 28.74
N PHE A 233 28.53 1.69 27.79
CA PHE A 233 28.15 2.74 26.85
C PHE A 233 27.67 2.14 25.48
N LEU A 234 26.36 2.14 25.23
CA LEU A 234 25.79 1.65 23.97
C LEU A 234 26.07 2.64 22.84
N ASN A 235 26.30 2.14 21.62
CA ASN A 235 26.72 2.97 20.47
C ASN A 235 26.19 2.51 19.10
N GLY A 236 25.05 1.83 19.08
CA GLY A 236 24.46 1.31 17.85
C GLY A 236 24.45 -0.21 17.85
N ALA A 237 23.71 -0.81 16.93
CA ALA A 237 23.59 -2.26 16.87
C ALA A 237 23.57 -2.78 15.44
N GLY A 238 23.88 -4.06 15.27
CA GLY A 238 23.94 -4.70 13.98
C GLY A 238 24.98 -4.02 13.10
N ARG A 239 24.60 -3.72 11.86
CA ARG A 239 25.50 -3.02 10.94
C ARG A 239 25.75 -1.56 11.37
N GLY A 240 24.94 -1.09 12.32
CA GLY A 240 25.06 0.25 12.88
C GLY A 240 25.90 0.30 14.15
N ARG A 241 26.56 -0.82 14.53
CA ARG A 241 27.41 -0.80 15.73
C ARG A 241 28.50 0.28 15.56
N PHE A 242 28.78 1.02 16.64
CA PHE A 242 29.77 2.11 16.70
C PHE A 242 29.35 3.38 15.91
N SER A 243 28.09 3.43 15.41
CA SER A 243 27.60 4.57 14.61
C SER A 243 26.83 5.67 15.37
N ALA A 244 26.58 5.49 16.70
CA ALA A 244 25.86 6.48 17.53
C ALA A 244 26.85 6.97 18.60
N PHE A 245 27.23 8.24 18.50
CA PHE A 245 28.22 8.90 19.36
C PHE A 245 27.53 9.80 20.35
N ASN A 246 28.03 9.80 21.59
CA ASN A 246 27.49 10.61 22.67
C ASN A 246 28.58 11.20 23.53
N LEU A 247 28.42 12.47 23.93
CA LEU A 247 29.30 13.18 24.86
C LEU A 247 28.43 13.81 25.98
N PRO A 248 28.23 13.09 27.11
CA PRO A 248 27.45 13.69 28.22
C PRO A 248 28.36 14.62 29.03
N LEU A 249 27.85 15.79 29.39
CA LEU A 249 28.65 16.77 30.12
C LEU A 249 28.03 17.18 31.44
N GLU A 250 28.87 17.47 32.45
CA GLU A 250 28.39 17.93 33.76
C GLU A 250 27.89 19.39 33.63
N GLU A 251 26.97 19.77 34.55
CA GLU A 251 26.43 21.12 34.58
C GLU A 251 27.48 22.19 34.83
N GLY A 252 27.22 23.39 34.32
CA GLY A 252 28.06 24.56 34.48
C GLY A 252 29.11 24.80 33.42
N ILE A 253 29.20 23.92 32.40
CA ILE A 253 30.24 24.06 31.35
C ILE A 253 30.13 25.43 30.62
N ASN A 254 31.27 26.12 30.45
CA ASN A 254 31.31 27.40 29.77
C ASN A 254 31.58 27.24 28.26
N ASP A 255 31.59 28.37 27.49
CA ASP A 255 31.86 28.35 26.05
C ASP A 255 33.17 27.65 25.67
N LEU A 256 34.27 28.03 26.32
CA LEU A 256 35.60 27.48 26.02
C LEU A 256 35.73 25.97 26.25
N ASP A 257 35.31 25.49 27.44
CA ASP A 257 35.41 24.06 27.77
C ASP A 257 34.52 23.20 26.92
N TRP A 258 33.33 23.70 26.57
CA TRP A 258 32.39 22.96 25.71
C TRP A 258 32.98 22.92 24.28
N SER A 259 33.56 24.04 23.82
CA SER A 259 34.21 24.14 22.49
C SER A 259 35.39 23.13 22.39
N ASN A 260 36.26 23.08 23.43
CA ASN A 260 37.41 22.14 23.45
C ASN A 260 36.99 20.69 23.59
N ALA A 261 35.88 20.41 24.30
CA ALA A 261 35.35 19.04 24.46
C ALA A 261 34.78 18.53 23.13
N ILE A 262 34.10 19.40 22.36
CA ILE A 262 33.45 19.01 21.09
C ILE A 262 34.32 19.11 19.83
N GLY A 263 35.19 20.12 19.78
CA GLY A 263 36.04 20.45 18.63
C GLY A 263 36.77 19.28 17.99
N PRO A 264 37.66 18.58 18.75
CA PRO A 264 38.36 17.40 18.17
C PRO A 264 37.41 16.28 17.71
N ILE A 265 36.25 16.08 18.39
CA ILE A 265 35.26 15.06 18.01
C ILE A 265 34.69 15.39 16.64
N LEU A 266 34.20 16.65 16.45
CA LEU A 266 33.65 17.10 15.17
C LEU A 266 34.65 16.92 14.01
N ASP A 267 35.89 17.43 14.14
CA ASP A 267 36.89 17.28 13.08
C ASP A 267 37.19 15.80 12.77
N SER A 268 37.29 14.96 13.84
CA SER A 268 37.52 13.52 13.73
C SER A 268 36.38 12.83 12.96
N LEU A 269 35.10 13.19 13.26
CA LEU A 269 33.93 12.62 12.57
C LEU A 269 33.96 12.95 11.07
N ASN A 270 34.23 14.21 10.74
CA ASN A 270 34.33 14.67 9.38
C ASN A 270 35.42 13.95 8.55
N ILE A 271 36.63 13.84 9.10
CA ILE A 271 37.76 13.16 8.45
C ILE A 271 37.46 11.66 8.18
N VAL A 272 36.99 10.92 9.20
CA VAL A 272 36.69 9.50 9.06
C VAL A 272 35.40 9.24 8.23
N ILE A 273 34.30 9.92 8.56
CA ILE A 273 33.04 9.68 7.85
C ILE A 273 32.98 10.24 6.42
N GLN A 274 33.61 11.42 6.18
CA GLN A 274 33.55 12.12 4.89
C GLN A 274 32.06 12.24 4.50
N PRO A 275 31.23 12.92 5.34
CA PRO A 275 29.78 12.96 5.04
C PRO A 275 29.44 13.70 3.77
N SER A 276 28.34 13.28 3.15
CA SER A 276 27.75 13.85 1.94
C SER A 276 26.90 15.03 2.37
N TYR A 277 26.32 14.94 3.57
CA TYR A 277 25.48 15.97 4.19
C TYR A 277 25.73 16.02 5.67
N VAL A 278 25.60 17.20 6.27
CA VAL A 278 25.66 17.37 7.73
C VAL A 278 24.31 17.95 8.15
N VAL A 279 23.71 17.40 9.21
CA VAL A 279 22.46 17.94 9.75
C VAL A 279 22.77 18.36 11.18
N VAL A 280 22.58 19.63 11.48
CA VAL A 280 22.85 20.18 12.82
C VAL A 280 21.59 20.62 13.52
N GLN A 281 21.36 20.12 14.73
CA GLN A 281 20.26 20.53 15.59
C GLN A 281 20.94 21.56 16.53
N CYS A 282 20.39 22.76 16.58
CA CYS A 282 20.99 23.87 17.32
CA CYS A 282 20.98 23.86 17.35
C CYS A 282 20.10 24.36 18.49
N GLY A 283 19.58 23.44 19.30
CA GLY A 283 18.75 23.79 20.45
C GLY A 283 19.47 24.82 21.32
N ALA A 284 18.80 25.96 21.64
CA ALA A 284 19.39 27.08 22.37
C ALA A 284 19.34 26.99 23.88
N ASP A 285 18.95 25.83 24.42
CA ASP A 285 18.83 25.60 25.87
C ASP A 285 20.12 25.41 26.64
N CYS A 286 21.29 25.50 25.93
CA CYS A 286 22.61 25.45 26.58
C CYS A 286 22.98 26.84 27.03
N LEU A 287 22.27 27.86 26.53
CA LEU A 287 22.57 29.24 26.90
C LEU A 287 22.51 29.41 28.42
N ALA A 288 23.46 30.19 28.97
CA ALA A 288 23.57 30.51 30.40
C ALA A 288 22.26 31.12 30.92
N THR A 289 21.50 31.78 30.02
CA THR A 289 20.25 32.48 30.33
C THR A 289 18.98 31.61 30.15
N ASP A 290 19.11 30.39 29.64
CA ASP A 290 17.96 29.52 29.52
C ASP A 290 17.41 29.19 30.94
N PRO A 291 16.06 29.13 31.17
CA PRO A 291 15.57 28.79 32.52
C PRO A 291 15.97 27.38 33.02
N HIS A 292 16.50 26.49 32.12
CA HIS A 292 17.02 25.19 32.59
C HIS A 292 18.24 25.46 33.49
N ARG A 293 19.03 26.52 33.14
CA ARG A 293 20.22 26.99 33.87
C ARG A 293 21.15 25.81 34.16
N ILE A 294 21.59 25.10 33.11
CA ILE A 294 22.50 23.94 33.20
C ILE A 294 23.87 24.29 32.65
N PHE A 295 23.95 24.63 31.35
CA PHE A 295 25.23 25.01 30.77
C PHE A 295 25.36 26.53 30.79
N ARG A 296 26.59 27.05 30.59
CA ARG A 296 26.85 28.48 30.59
C ARG A 296 27.34 28.97 29.22
N LEU A 297 26.70 28.50 28.16
CA LEU A 297 27.06 28.94 26.81
C LEU A 297 26.45 30.35 26.53
N THR A 298 27.08 31.10 25.60
CA THR A 298 26.60 32.43 25.25
C THR A 298 26.38 32.47 23.72
N ASN A 299 26.03 33.66 23.21
CA ASN A 299 25.96 33.93 21.78
C ASN A 299 27.08 34.94 21.47
N PHE A 300 28.11 35.05 22.35
CA PHE A 300 29.17 36.05 22.15
C PHE A 300 30.04 35.78 20.92
N TYR A 301 30.28 36.82 20.11
CA TYR A 301 31.11 36.70 18.90
C TYR A 301 32.20 37.79 18.91
N PRO A 302 33.35 37.56 19.57
CA PRO A 302 34.41 38.61 19.63
C PRO A 302 35.02 38.98 18.27
N SER A 315 35.32 35.53 25.33
CA SER A 315 35.10 34.16 24.89
C SER A 315 34.13 34.08 23.71
N LEU A 316 34.36 33.11 22.80
CA LEU A 316 33.53 32.87 21.62
C LEU A 316 32.44 31.84 21.94
N SER A 317 31.19 32.16 21.57
CA SER A 317 30.06 31.25 21.74
C SER A 317 30.41 29.83 21.29
N GLY A 318 30.13 28.83 22.15
CA GLY A 318 30.34 27.43 21.79
C GLY A 318 29.54 27.07 20.55
N TYR A 319 28.32 27.61 20.44
CA TYR A 319 27.44 27.37 19.28
C TYR A 319 28.07 27.91 17.98
N LEU A 320 28.57 29.14 18.02
CA LEU A 320 29.19 29.80 16.87
C LEU A 320 30.50 29.11 16.50
N TYR A 321 31.27 28.65 17.49
CA TYR A 321 32.50 27.88 17.28
C TYR A 321 32.19 26.55 16.52
N ALA A 322 31.18 25.80 17.00
CA ALA A 322 30.79 24.52 16.40
C ALA A 322 30.26 24.71 14.99
N ILE A 323 29.37 25.69 14.79
CA ILE A 323 28.78 25.95 13.47
C ILE A 323 29.87 26.38 12.49
N LYS A 324 30.78 27.29 12.90
CA LYS A 324 31.88 27.78 12.06
C LYS A 324 32.76 26.61 11.60
N LYS A 325 33.11 25.70 12.53
CA LYS A 325 33.90 24.49 12.26
C LYS A 325 33.17 23.63 11.23
N ILE A 326 31.90 23.27 11.50
CA ILE A 326 31.10 22.44 10.59
C ILE A 326 31.05 23.06 9.17
N LEU A 327 30.80 24.36 9.09
CA LEU A 327 30.76 25.08 7.81
C LEU A 327 32.08 25.13 7.04
N SER A 328 33.24 25.06 7.75
CA SER A 328 34.58 25.08 7.13
C SER A 328 34.82 23.82 6.29
N TRP A 329 34.02 22.76 6.54
CA TRP A 329 34.15 21.48 5.83
C TRP A 329 33.62 21.55 4.41
N LYS A 330 32.77 22.54 4.12
CA LYS A 330 32.17 22.77 2.80
C LYS A 330 31.31 21.59 2.34
N VAL A 331 30.59 21.00 3.30
CA VAL A 331 29.68 19.90 3.03
C VAL A 331 28.22 20.47 3.04
N PRO A 332 27.31 20.11 2.08
CA PRO A 332 25.92 20.64 2.16
C PRO A 332 25.34 20.41 3.55
N THR A 333 24.90 21.49 4.22
CA THR A 333 24.47 21.41 5.62
C THR A 333 23.04 21.89 5.90
N LEU A 334 22.35 21.17 6.79
CA LEU A 334 21.03 21.51 7.27
C LEU A 334 21.16 22.02 8.71
N ILE A 335 20.75 23.27 8.97
CA ILE A 335 20.83 23.83 10.32
C ILE A 335 19.40 23.95 10.85
N LEU A 336 19.12 23.30 11.98
CA LEU A 336 17.78 23.29 12.58
C LEU A 336 17.76 23.86 14.00
N GLY A 337 16.56 24.24 14.46
CA GLY A 337 16.36 24.74 15.81
C GLY A 337 16.27 23.61 16.82
N GLY A 338 15.35 23.74 17.75
CA GLY A 338 15.13 22.77 18.81
C GLY A 338 14.73 23.46 20.09
N GLY A 339 15.29 23.00 21.21
CA GLY A 339 15.02 23.59 22.52
C GLY A 339 15.42 25.06 22.59
N GLY A 340 14.94 25.76 23.63
CA GLY A 340 15.26 27.16 23.84
C GLY A 340 14.05 27.87 24.40
N TYR A 341 14.03 28.03 25.74
CA TYR A 341 12.92 28.54 26.54
C TYR A 341 12.97 30.01 26.96
N ASN A 342 14.08 30.68 26.66
CA ASN A 342 14.21 32.12 26.86
C ASN A 342 14.09 32.62 25.41
N PHE A 343 12.86 32.98 24.98
CA PHE A 343 12.58 33.37 23.59
C PHE A 343 13.46 34.49 23.01
N PRO A 344 13.64 35.65 23.70
CA PRO A 344 14.49 36.71 23.12
C PRO A 344 15.96 36.28 23.06
N ASP A 345 16.44 35.48 24.05
CA ASP A 345 17.83 34.99 24.01
C ASP A 345 18.08 33.92 22.94
N THR A 346 17.06 33.09 22.64
CA THR A 346 17.11 32.12 21.55
C THR A 346 17.21 32.91 20.22
N ALA A 347 16.39 33.97 20.06
CA ALA A 347 16.42 34.85 18.87
C ALA A 347 17.79 35.49 18.70
N ARG A 348 18.40 35.95 19.80
CA ARG A 348 19.72 36.60 19.82
C ARG A 348 20.81 35.62 19.31
N LEU A 349 20.76 34.37 19.77
CA LEU A 349 21.69 33.33 19.33
C LEU A 349 21.47 32.93 17.86
N TRP A 350 20.22 32.65 17.49
CA TRP A 350 19.89 32.19 16.15
C TRP A 350 20.09 33.25 15.09
N THR A 351 20.03 34.53 15.47
CA THR A 351 20.33 35.64 14.58
C THR A 351 21.84 35.60 14.31
N ARG A 352 22.66 35.36 15.35
CA ARG A 352 24.11 35.28 15.22
C ARG A 352 24.56 34.07 14.43
N VAL A 353 23.88 32.90 14.60
CA VAL A 353 24.15 31.70 13.81
C VAL A 353 23.83 32.04 12.32
N THR A 354 22.68 32.68 12.06
CA THR A 354 22.24 33.01 10.69
C THR A 354 23.26 33.89 9.98
N ALA A 355 23.70 34.99 10.61
CA ALA A 355 24.68 35.94 10.08
C ALA A 355 26.04 35.26 9.83
N LEU A 356 26.51 34.45 10.80
CA LEU A 356 27.76 33.66 10.66
C LEU A 356 27.66 32.69 9.44
N THR A 357 26.49 32.04 9.25
CA THR A 357 26.29 31.13 8.11
C THR A 357 26.48 31.88 6.78
N ILE A 358 25.87 33.07 6.63
CA ILE A 358 26.02 33.90 5.44
C ILE A 358 27.54 34.23 5.21
N GLU A 359 28.23 34.69 6.27
CA GLU A 359 29.66 35.02 6.25
C GLU A 359 30.53 33.86 5.76
N GLU A 360 30.35 32.68 6.37
CA GLU A 360 31.12 31.48 6.06
C GLU A 360 30.88 30.93 4.66
N VAL A 361 29.61 30.87 4.23
CA VAL A 361 29.26 30.36 2.91
C VAL A 361 29.62 31.32 1.77
N LYS A 362 29.13 32.57 1.85
CA LYS A 362 29.30 33.61 0.81
C LYS A 362 30.62 34.42 0.83
N GLY A 363 31.32 34.42 1.97
CA GLY A 363 32.57 35.16 2.14
C GLY A 363 32.36 36.65 2.30
N LYS A 364 31.10 37.04 2.52
CA LYS A 364 30.63 38.41 2.69
C LYS A 364 30.49 38.70 4.18
N LYS A 365 31.17 39.75 4.68
CA LYS A 365 31.10 40.15 6.08
C LYS A 365 29.68 40.62 6.43
N MET A 366 29.14 40.11 7.54
CA MET A 366 27.80 40.44 8.04
C MET A 366 27.93 41.10 9.39
N THR A 367 28.18 42.41 9.34
CA THR A 367 28.34 43.28 10.51
C THR A 367 26.98 43.48 11.15
N ILE A 368 26.87 43.08 12.42
CA ILE A 368 25.65 43.19 13.21
C ILE A 368 25.89 44.18 14.37
N SER A 369 25.04 45.22 14.47
CA SER A 369 25.13 46.22 15.55
C SER A 369 24.90 45.55 16.92
N PRO A 370 25.74 45.85 17.94
CA PRO A 370 25.51 45.26 19.28
C PRO A 370 24.18 45.70 19.91
N GLU A 371 23.52 46.73 19.34
CA GLU A 371 22.22 47.21 19.81
C GLU A 371 21.12 46.57 18.95
N ILE A 372 20.04 46.12 19.58
CA ILE A 372 18.89 45.53 18.89
C ILE A 372 18.24 46.61 17.99
N PRO A 373 18.04 46.39 16.67
CA PRO A 373 17.40 47.45 15.87
C PRO A 373 15.90 47.49 16.16
N GLU A 374 15.29 48.65 15.94
CA GLU A 374 13.85 48.86 16.16
C GLU A 374 13.03 47.96 15.23
N HIS A 375 11.98 47.34 15.78
CA HIS A 375 11.04 46.44 15.10
C HIS A 375 9.87 46.07 16.03
N SER A 376 8.92 45.27 15.51
CA SER A 376 7.72 44.78 16.18
C SER A 376 7.95 44.31 17.63
N TYR A 377 8.96 43.42 17.80
CA TYR A 377 9.26 42.80 19.09
C TYR A 377 10.40 43.44 19.88
N PHE A 378 10.84 44.68 19.49
CA PHE A 378 11.89 45.44 20.17
C PHE A 378 11.75 45.44 21.70
N SER A 379 10.51 45.65 22.21
CA SER A 379 10.15 45.72 23.62
C SER A 379 10.52 44.48 24.43
N ARG A 380 10.60 43.29 23.78
CA ARG A 380 10.91 42.00 24.40
C ARG A 380 12.40 41.83 24.76
N TYR A 381 13.26 42.73 24.25
CA TYR A 381 14.71 42.74 24.44
C TYR A 381 15.19 43.69 25.56
N GLY A 382 14.24 44.28 26.27
CA GLY A 382 14.49 45.19 27.39
C GLY A 382 15.02 44.51 28.62
N PRO A 383 15.58 45.27 29.60
CA PRO A 383 15.68 46.73 29.66
C PRO A 383 16.88 47.35 28.94
N ASP A 384 17.85 46.53 28.47
CA ASP A 384 19.08 47.02 27.82
C ASP A 384 19.08 47.02 26.30
N PHE A 385 18.22 46.18 25.66
CA PHE A 385 18.07 46.09 24.20
C PHE A 385 19.40 45.85 23.45
N GLU A 386 20.23 44.94 23.98
CA GLU A 386 21.51 44.60 23.35
C GLU A 386 21.49 43.19 22.74
N LEU A 387 22.36 42.91 21.75
CA LEU A 387 22.41 41.63 21.06
C LEU A 387 23.07 40.52 21.88
N ASP A 388 24.14 40.85 22.61
CA ASP A 388 24.81 39.88 23.48
C ASP A 388 23.84 39.52 24.59
N ILE A 389 23.80 38.24 24.98
CA ILE A 389 22.94 37.82 26.09
C ILE A 389 23.46 38.45 27.39
N ASP A 390 22.56 38.72 28.34
CA ASP A 390 22.92 39.38 29.60
C ASP A 390 23.52 38.37 30.58
N TYR A 391 24.83 38.09 30.43
CA TYR A 391 25.53 37.12 31.28
C TYR A 391 26.99 37.45 31.50
N PHE A 392 27.43 37.33 32.77
CA PHE A 392 28.81 37.54 33.23
C PHE A 392 29.21 36.43 34.18
N ASP A 402 39.61 15.78 31.71
CA ASP A 402 39.89 14.63 32.58
C ASP A 402 38.73 13.62 32.50
N SER A 403 37.52 14.08 32.82
CA SER A 403 36.29 13.34 32.63
C SER A 403 36.15 13.36 31.08
N ILE A 404 36.40 14.55 30.47
CA ILE A 404 36.38 14.80 29.03
C ILE A 404 37.47 14.01 28.30
N GLN A 405 38.69 13.95 28.86
CA GLN A 405 39.81 13.20 28.31
C GLN A 405 39.46 11.71 28.23
N LYS A 406 38.80 11.16 29.27
CA LYS A 406 38.33 9.76 29.25
C LYS A 406 37.24 9.56 28.17
N HIS A 407 36.34 10.54 27.98
CA HIS A 407 35.33 10.46 26.91
C HIS A 407 35.99 10.53 25.53
N HIS A 408 37.00 11.42 25.36
CA HIS A 408 37.78 11.59 24.12
C HIS A 408 38.46 10.27 23.70
N ARG A 409 39.12 9.58 24.66
CA ARG A 409 39.77 8.27 24.39
C ARG A 409 38.73 7.20 23.97
N ARG A 410 37.59 7.16 24.68
CA ARG A 410 36.49 6.22 24.39
C ARG A 410 35.93 6.46 22.98
N ILE A 411 35.71 7.74 22.60
CA ILE A 411 35.13 8.13 21.31
C ILE A 411 36.09 7.85 20.16
N LEU A 412 37.39 8.13 20.37
CA LEU A 412 38.42 7.87 19.38
C LEU A 412 38.48 6.37 19.05
N GLU A 413 38.40 5.53 20.08
CA GLU A 413 38.36 4.08 20.00
C GLU A 413 37.08 3.63 19.26
N GLN A 414 35.93 4.28 19.55
CA GLN A 414 34.66 3.99 18.87
C GLN A 414 34.75 4.37 17.39
N LEU A 415 35.42 5.49 17.10
CA LEU A 415 35.62 5.96 15.74
C LEU A 415 36.49 4.99 14.93
N ARG A 416 37.56 4.46 15.57
CA ARG A 416 38.45 3.47 14.96
C ARG A 416 37.63 2.19 14.68
N ASN A 417 36.78 1.78 15.65
CA ASN A 417 35.92 0.60 15.54
C ASN A 417 34.88 0.75 14.43
N TYR A 418 34.27 1.93 14.34
CA TYR A 418 33.29 2.24 13.29
C TYR A 418 33.97 2.16 11.89
N ALA A 419 35.13 2.82 11.74
CA ALA A 419 35.89 2.83 10.50
C ALA A 419 36.33 1.41 10.05
N ASP A 420 36.77 0.54 11.00
CA ASP A 420 37.19 -0.82 10.68
C ASP A 420 36.01 -1.69 10.22
N LEU A 421 34.87 -1.58 10.92
CA LEU A 421 33.65 -2.34 10.60
C LEU A 421 33.10 -1.91 9.25
N ASN A 422 33.22 -0.63 8.93
CA ASN A 422 32.70 -0.07 7.69
C ASN A 422 33.72 0.00 6.53
N LYS A 423 34.90 -0.63 6.70
CA LYS A 423 36.01 -0.71 5.72
C LYS A 423 36.40 0.69 5.18
N LEU A 424 36.45 1.70 6.04
CA LEU A 424 36.80 3.06 5.67
C LEU A 424 38.30 3.33 5.88
N ILE A 425 38.92 4.06 4.94
CA ILE A 425 40.35 4.41 4.97
C ILE A 425 40.50 5.78 5.66
N TYR A 426 41.39 5.84 6.66
CA TYR A 426 41.67 7.03 7.48
C TYR A 426 43.08 6.97 8.06
N ASP A 427 43.69 8.13 8.27
CA ASP A 427 45.01 8.21 8.88
C ASP A 427 44.82 8.31 10.40
N TYR A 428 45.07 7.20 11.12
CA TYR A 428 44.90 7.11 12.57
C TYR A 428 45.68 8.18 13.34
N ASP A 429 46.92 8.46 12.90
CA ASP A 429 47.80 9.47 13.52
C ASP A 429 47.25 10.89 13.35
N GLN A 430 46.66 11.21 12.17
CA GLN A 430 46.01 12.50 11.86
C GLN A 430 44.80 12.73 12.80
N VAL A 431 44.04 11.66 13.10
CA VAL A 431 42.85 11.69 13.97
C VAL A 431 43.25 11.73 15.47
N TYR A 432 44.21 10.87 15.87
CA TYR A 432 44.71 10.80 17.26
C TYR A 432 45.33 12.15 17.65
N GLN A 433 46.07 12.80 16.72
CA GLN A 433 46.70 14.11 16.93
C GLN A 433 45.68 15.24 17.18
N LEU A 434 44.46 15.12 16.62
CA LEU A 434 43.39 16.11 16.83
C LEU A 434 43.02 16.24 18.31
N TYR A 435 42.98 15.12 19.05
CA TYR A 435 42.67 15.12 20.49
C TYR A 435 43.92 15.40 21.30
N SER B 2 -25.34 35.82 -26.95
CA SER B 2 -23.98 35.84 -27.48
C SER B 2 -23.01 35.23 -26.46
N VAL B 3 -22.30 34.16 -26.86
CA VAL B 3 -21.28 33.46 -26.06
C VAL B 3 -19.94 33.69 -26.74
N GLY B 4 -19.03 34.31 -26.02
CA GLY B 4 -17.70 34.57 -26.53
C GLY B 4 -16.72 33.53 -26.03
N ILE B 5 -15.64 33.34 -26.78
CA ILE B 5 -14.57 32.43 -26.39
C ILE B 5 -13.25 33.08 -26.78
N VAL B 6 -12.32 33.12 -25.84
CA VAL B 6 -11.00 33.69 -26.11
C VAL B 6 -10.13 32.68 -26.90
N TYR B 7 -9.65 33.11 -28.07
CA TYR B 7 -8.77 32.31 -28.91
C TYR B 7 -8.04 33.21 -29.91
N GLY B 8 -6.90 32.71 -30.40
CA GLY B 8 -6.05 33.35 -31.41
C GLY B 8 -4.89 32.43 -31.71
N ASP B 9 -4.22 32.63 -32.84
CA ASP B 9 -3.08 31.77 -33.23
C ASP B 9 -1.90 31.96 -32.26
N GLN B 10 -1.46 33.22 -32.02
CA GLN B 10 -0.35 33.44 -31.09
C GLN B 10 -0.78 33.15 -29.66
N TYR B 11 -2.06 33.42 -29.30
CA TYR B 11 -2.57 33.08 -27.97
C TYR B 11 -2.44 31.59 -27.75
N ARG B 12 -2.86 30.76 -28.73
CA ARG B 12 -2.76 29.31 -28.59
C ARG B 12 -1.29 28.88 -28.38
N GLN B 13 -0.37 29.44 -29.15
CA GLN B 13 1.05 29.12 -29.05
C GLN B 13 1.59 29.44 -27.64
N LEU B 14 1.27 30.65 -27.13
CA LEU B 14 1.71 31.09 -25.80
C LEU B 14 1.08 30.27 -24.69
N CYS B 15 -0.23 29.90 -24.82
CA CYS B 15 -0.89 29.08 -23.78
C CYS B 15 -0.34 27.66 -23.72
N CYS B 16 0.27 27.20 -24.84
CA CYS B 16 0.87 25.87 -24.96
C CYS B 16 2.40 25.89 -24.77
N SER B 17 2.99 27.01 -24.32
CA SER B 17 4.45 27.10 -24.20
C SER B 17 5.01 26.78 -22.81
N SER B 18 4.15 26.44 -21.85
CA SER B 18 4.63 26.17 -20.49
C SER B 18 5.01 24.70 -20.21
N PRO B 19 5.98 24.44 -19.31
CA PRO B 19 6.31 23.04 -18.96
C PRO B 19 5.22 22.30 -18.19
N LYS B 20 4.50 22.97 -17.26
CA LYS B 20 3.45 22.29 -16.48
C LYS B 20 2.21 21.93 -17.34
N PHE B 21 1.70 22.89 -18.11
CA PHE B 21 0.47 22.65 -18.86
C PHE B 21 0.60 22.17 -20.28
N GLY B 22 1.83 22.07 -20.80
CA GLY B 22 2.13 21.58 -22.15
C GLY B 22 1.11 22.05 -23.19
N ASP B 23 0.48 21.11 -23.90
CA ASP B 23 -0.47 21.42 -24.98
C ASP B 23 -1.94 21.29 -24.56
N ARG B 24 -2.25 21.38 -23.24
CA ARG B 24 -3.61 21.22 -22.73
C ARG B 24 -4.58 22.17 -23.42
N TYR B 25 -4.19 23.44 -23.55
CA TYR B 25 -5.05 24.45 -24.19
C TYR B 25 -5.40 24.05 -25.64
N ALA B 26 -4.44 23.47 -26.39
CA ALA B 26 -4.66 23.03 -27.78
C ALA B 26 -5.67 21.88 -27.80
N LEU B 27 -5.54 20.90 -26.89
CA LEU B 27 -6.51 19.79 -26.81
C LEU B 27 -7.90 20.31 -26.52
N VAL B 28 -7.98 21.25 -25.57
CA VAL B 28 -9.28 21.81 -25.17
C VAL B 28 -9.94 22.49 -26.39
N MET B 29 -9.24 23.43 -27.00
CA MET B 29 -9.77 24.19 -28.12
C MET B 29 -10.00 23.32 -29.33
N ASP B 30 -9.16 22.29 -29.54
CA ASP B 30 -9.34 21.42 -30.69
C ASP B 30 -10.52 20.48 -30.53
N LEU B 31 -10.82 20.08 -29.29
CA LEU B 31 -11.98 19.21 -29.05
C LEU B 31 -13.26 20.02 -29.23
N ILE B 32 -13.26 21.26 -28.73
CA ILE B 32 -14.42 22.16 -28.92
C ILE B 32 -14.63 22.34 -30.45
N ASN B 33 -13.51 22.50 -31.18
CA ASN B 33 -13.56 22.67 -32.65
C ASN B 33 -14.04 21.38 -33.33
N ALA B 34 -13.58 20.20 -32.86
CA ALA B 34 -13.95 18.91 -33.45
C ALA B 34 -15.43 18.63 -33.30
N TYR B 35 -16.01 19.09 -32.16
CA TYR B 35 -17.43 18.96 -31.89
C TYR B 35 -18.28 20.02 -32.60
N LYS B 36 -17.67 20.81 -33.51
CA LYS B 36 -18.33 21.84 -34.33
C LYS B 36 -18.99 22.96 -33.49
N LEU B 37 -18.38 23.27 -32.36
CA LEU B 37 -18.92 24.30 -31.47
C LEU B 37 -18.45 25.69 -31.83
N ILE B 38 -17.25 25.80 -32.45
CA ILE B 38 -16.62 27.09 -32.83
C ILE B 38 -17.55 28.04 -33.63
N PRO B 39 -18.32 27.58 -34.66
CA PRO B 39 -19.24 28.51 -35.36
C PRO B 39 -20.35 29.09 -34.48
N GLU B 40 -20.61 28.48 -33.29
CA GLU B 40 -21.66 28.98 -32.40
C GLU B 40 -21.15 30.07 -31.48
N LEU B 41 -19.83 30.27 -31.48
CA LEU B 41 -19.16 31.16 -30.54
C LEU B 41 -18.53 32.34 -31.20
N SER B 42 -18.51 33.48 -30.49
CA SER B 42 -17.88 34.69 -31.00
CA SER B 42 -17.90 34.70 -30.98
C SER B 42 -16.45 34.70 -30.50
N ARG B 43 -15.47 34.72 -31.42
CA ARG B 43 -14.07 34.74 -30.98
C ARG B 43 -13.74 36.07 -30.32
N VAL B 44 -13.21 36.01 -29.10
CA VAL B 44 -12.86 37.23 -28.37
C VAL B 44 -11.33 37.35 -28.47
N PRO B 45 -10.78 38.31 -29.21
CA PRO B 45 -9.31 38.37 -29.33
C PRO B 45 -8.64 38.84 -28.04
N PRO B 46 -7.50 38.24 -27.67
CA PRO B 46 -6.78 38.70 -26.46
C PRO B 46 -6.39 40.18 -26.62
N LEU B 47 -6.43 40.92 -25.53
CA LEU B 47 -6.12 42.35 -25.52
C LEU B 47 -4.64 42.61 -25.80
N GLN B 48 -4.34 43.58 -26.67
CA GLN B 48 -2.97 44.04 -26.95
C GLN B 48 -2.89 45.52 -26.62
N TRP B 49 -1.70 45.99 -26.29
CA TRP B 49 -1.49 47.37 -25.87
C TRP B 49 -0.74 48.22 -26.89
N ASP B 50 -0.91 49.55 -26.80
CA ASP B 50 -0.30 50.57 -27.65
C ASP B 50 1.19 50.73 -27.36
N SER B 51 1.66 50.26 -26.19
CA SER B 51 3.05 50.41 -25.79
C SER B 51 3.40 49.54 -24.60
N PRO B 52 4.73 49.32 -24.33
CA PRO B 52 5.13 48.66 -23.08
C PRO B 52 4.58 49.39 -21.84
N SER B 53 4.56 50.74 -21.80
CA SER B 53 4.03 51.46 -20.62
C SER B 53 2.54 51.19 -20.43
N ARG B 54 1.77 51.08 -21.53
CA ARG B 54 0.34 50.74 -21.36
C ARG B 54 0.18 49.32 -20.81
N MET B 55 1.03 48.39 -21.26
CA MET B 55 0.96 47.02 -20.79
C MET B 55 1.26 47.00 -19.27
N TYR B 56 2.35 47.69 -18.90
CA TYR B 56 2.82 47.81 -17.53
C TYR B 56 1.75 48.46 -16.62
N GLU B 57 1.05 49.54 -17.07
CA GLU B 57 -0.04 50.20 -16.33
C GLU B 57 -1.11 49.16 -15.99
N ALA B 58 -1.49 48.32 -16.99
CA ALA B 58 -2.54 47.33 -16.83
C ALA B 58 -2.17 46.24 -15.83
N VAL B 59 -0.94 45.67 -15.93
CA VAL B 59 -0.53 44.56 -15.05
C VAL B 59 -0.30 45.06 -13.62
N THR B 60 0.20 46.33 -13.49
CA THR B 60 0.48 46.96 -12.19
C THR B 60 -0.74 47.54 -11.46
N ALA B 61 -1.95 47.38 -12.03
CA ALA B 61 -3.22 47.71 -11.34
C ALA B 61 -3.29 46.76 -10.13
N PHE B 62 -2.63 45.58 -10.24
CA PHE B 62 -2.57 44.62 -9.11
C PHE B 62 -1.15 44.29 -8.67
N HIS B 63 -0.31 43.86 -9.63
CA HIS B 63 1.04 43.39 -9.34
C HIS B 63 2.01 44.51 -9.06
N SER B 64 3.03 44.26 -8.22
CA SER B 64 4.00 45.32 -7.97
C SER B 64 4.89 45.49 -9.18
N THR B 65 5.42 46.68 -9.33
CA THR B 65 6.35 46.99 -10.41
C THR B 65 7.60 46.09 -10.33
N GLU B 66 8.10 45.86 -9.13
CA GLU B 66 9.31 45.05 -8.93
C GLU B 66 9.11 43.56 -9.27
N TYR B 67 7.90 43.03 -9.00
CA TYR B 67 7.56 41.65 -9.35
C TYR B 67 7.45 41.50 -10.86
N VAL B 68 6.73 42.44 -11.54
CA VAL B 68 6.60 42.43 -13.01
C VAL B 68 8.02 42.52 -13.65
N ASP B 69 8.88 43.41 -13.13
CA ASP B 69 10.26 43.56 -13.60
C ASP B 69 11.01 42.22 -13.47
N ALA B 70 10.93 41.57 -12.29
CA ALA B 70 11.58 40.28 -12.05
C ALA B 70 11.10 39.21 -13.01
N LEU B 71 9.77 39.15 -13.26
CA LEU B 71 9.20 38.16 -14.15
C LEU B 71 9.70 38.35 -15.57
N LYS B 72 9.82 39.62 -16.02
CA LYS B 72 10.35 39.95 -17.34
C LYS B 72 11.83 39.55 -17.41
N LYS B 73 12.60 39.83 -16.33
CA LYS B 73 14.02 39.48 -16.27
C LYS B 73 14.18 37.94 -16.29
N LEU B 74 13.28 37.22 -15.59
CA LEU B 74 13.33 35.76 -15.56
C LEU B 74 13.22 35.16 -16.97
N GLN B 75 12.28 35.67 -17.78
CA GLN B 75 12.12 35.22 -19.18
C GLN B 75 13.40 35.49 -19.96
N MET B 76 13.93 36.72 -19.83
CA MET B 76 15.15 37.17 -20.51
C MET B 76 16.31 36.28 -20.17
N LEU B 77 16.47 35.89 -18.88
CA LEU B 77 17.56 35.00 -18.46
C LEU B 77 17.40 33.61 -19.05
N HIS B 78 16.16 33.10 -19.08
CA HIS B 78 15.89 31.78 -19.65
C HIS B 78 16.07 31.74 -21.17
N CYS B 79 16.02 32.90 -21.84
CA CYS B 79 16.24 33.07 -23.28
C CYS B 79 17.71 33.28 -23.66
N GLU B 80 18.61 33.20 -22.68
CA GLU B 80 20.06 33.34 -22.88
C GLU B 80 20.73 31.97 -22.74
N LEU B 84 22.57 31.80 -14.40
CA LEU B 84 22.00 32.73 -13.43
C LEU B 84 23.00 33.12 -12.35
N THR B 85 23.15 34.44 -12.05
CA THR B 85 24.08 34.91 -11.00
C THR B 85 23.51 34.65 -9.59
N ALA B 86 24.37 34.61 -8.57
CA ALA B 86 23.92 34.43 -7.17
C ALA B 86 22.94 35.56 -6.76
N ASP B 87 23.17 36.81 -7.25
CA ASP B 87 22.28 37.95 -7.02
C ASP B 87 20.92 37.74 -7.74
N ASP B 88 20.94 37.17 -8.94
CA ASP B 88 19.72 36.89 -9.71
C ASP B 88 18.92 35.75 -9.03
N GLU B 89 19.64 34.74 -8.49
CA GLU B 89 18.99 33.64 -7.75
C GLU B 89 18.24 34.21 -6.51
N LEU B 90 18.89 35.16 -5.76
CA LEU B 90 18.25 35.78 -4.57
C LEU B 90 17.00 36.59 -4.94
N LEU B 91 17.09 37.37 -6.04
CA LEU B 91 16.00 38.19 -6.54
C LEU B 91 14.80 37.30 -6.91
N MET B 92 15.03 36.22 -7.69
CA MET B 92 13.98 35.28 -8.12
C MET B 92 13.32 34.58 -6.94
N ASP B 93 14.11 34.11 -5.98
CA ASP B 93 13.61 33.46 -4.76
C ASP B 93 12.74 34.40 -3.90
N SER B 94 13.07 35.71 -3.86
CA SER B 94 12.31 36.70 -3.09
C SER B 94 10.87 36.89 -3.63
N PHE B 95 10.60 36.46 -4.89
CA PHE B 95 9.27 36.53 -5.50
C PHE B 95 8.67 35.15 -5.71
N SER B 96 9.33 34.11 -5.13
CA SER B 96 8.95 32.69 -5.25
C SER B 96 8.97 32.21 -6.73
N LEU B 97 9.86 32.81 -7.55
CA LEU B 97 10.04 32.44 -8.94
C LEU B 97 11.04 31.26 -9.00
N ASN B 98 10.63 30.15 -8.37
CA ASN B 98 11.41 28.91 -8.21
C ASN B 98 10.45 27.77 -7.90
N TYR B 99 10.98 26.58 -7.57
CA TYR B 99 10.19 25.40 -7.20
C TYR B 99 9.01 25.10 -8.15
N ASP B 100 7.75 25.26 -7.72
CA ASP B 100 6.59 25.00 -8.60
C ASP B 100 6.27 26.16 -9.54
N CYS B 101 7.05 27.26 -9.44
CA CYS B 101 6.91 28.43 -10.32
C CYS B 101 8.26 28.75 -10.97
N PRO B 102 8.85 27.78 -11.70
CA PRO B 102 10.18 28.04 -12.27
C PRO B 102 10.12 28.97 -13.47
N GLY B 103 11.29 29.40 -13.90
CA GLY B 103 11.43 30.15 -15.12
C GLY B 103 11.45 29.18 -16.27
N PHE B 104 11.20 29.68 -17.46
CA PHE B 104 11.22 28.96 -18.71
C PHE B 104 11.26 30.02 -19.79
N PRO B 105 11.67 29.72 -21.04
CA PRO B 105 11.86 30.80 -22.01
C PRO B 105 10.66 31.69 -22.32
N SER B 106 9.43 31.21 -22.08
CA SER B 106 8.25 32.01 -22.39
C SER B 106 7.48 32.42 -21.15
N VAL B 107 8.09 32.30 -19.95
CA VAL B 107 7.39 32.56 -18.68
C VAL B 107 6.60 33.89 -18.64
N PHE B 108 7.20 35.00 -19.11
CA PHE B 108 6.48 36.27 -19.07
C PHE B 108 5.37 36.32 -20.13
N ASP B 109 5.69 35.98 -21.40
CA ASP B 109 4.71 35.97 -22.50
C ASP B 109 3.53 35.02 -22.18
N TYR B 110 3.83 33.83 -21.60
CA TYR B 110 2.83 32.83 -21.19
C TYR B 110 1.87 33.44 -20.16
N SER B 111 2.43 33.98 -19.08
CA SER B 111 1.74 34.60 -17.93
C SER B 111 0.89 35.79 -18.40
N LEU B 112 1.51 36.68 -19.20
CA LEU B 112 0.80 37.86 -19.71
C LEU B 112 -0.35 37.47 -20.64
N ALA B 113 -0.18 36.38 -21.43
CA ALA B 113 -1.23 35.91 -22.35
C ALA B 113 -2.56 35.68 -21.63
N ALA B 114 -2.54 34.99 -20.46
CA ALA B 114 -3.79 34.76 -19.69
C ALA B 114 -4.42 36.10 -19.29
N VAL B 115 -3.59 37.08 -18.91
CA VAL B 115 -4.07 38.41 -18.57
C VAL B 115 -4.75 39.06 -19.79
N GLN B 116 -4.09 39.01 -20.97
CA GLN B 116 -4.66 39.57 -22.21
C GLN B 116 -6.01 38.96 -22.53
N GLY B 117 -6.13 37.65 -22.33
CA GLY B 117 -7.37 36.95 -22.63
C GLY B 117 -8.49 37.30 -21.68
N SER B 118 -8.19 37.29 -20.36
CA SER B 118 -9.21 37.60 -19.34
C SER B 118 -9.68 39.06 -19.34
N LEU B 119 -8.76 40.01 -19.62
CA LEU B 119 -9.09 41.45 -19.72
C LEU B 119 -9.99 41.69 -20.93
N ALA B 120 -9.67 41.07 -22.09
CA ALA B 120 -10.49 41.18 -23.31
C ALA B 120 -11.87 40.56 -23.04
N ALA B 121 -11.90 39.40 -22.30
CA ALA B 121 -13.17 38.76 -21.92
C ALA B 121 -14.01 39.72 -21.06
N ALA B 122 -13.38 40.40 -20.05
CA ALA B 122 -14.09 41.36 -19.18
C ALA B 122 -14.68 42.52 -20.02
N SER B 123 -13.90 43.04 -21.00
CA SER B 123 -14.32 44.15 -21.87
C SER B 123 -15.52 43.79 -22.76
N ALA B 124 -15.57 42.51 -23.26
CA ALA B 124 -16.66 42.01 -24.09
C ALA B 124 -17.99 41.98 -23.29
N LEU B 125 -17.91 41.68 -21.98
CA LEU B 125 -19.08 41.68 -21.10
C LEU B 125 -19.53 43.12 -20.84
N ILE B 126 -18.57 44.02 -20.54
CA ILE B 126 -18.82 45.44 -20.22
C ILE B 126 -19.63 46.13 -21.31
N CYS B 127 -19.19 46.00 -22.58
CA CYS B 127 -19.85 46.65 -23.71
C CYS B 127 -21.10 45.88 -24.21
N ARG B 128 -21.44 44.77 -23.53
CA ARG B 128 -22.58 43.91 -23.85
C ARG B 128 -22.46 43.21 -25.22
N HIS B 129 -21.21 43.00 -25.68
CA HIS B 129 -21.02 42.27 -26.95
C HIS B 129 -21.38 40.80 -26.70
N CYS B 130 -21.06 40.29 -25.49
CA CYS B 130 -21.30 38.91 -25.05
C CYS B 130 -22.01 38.92 -23.71
N GLU B 131 -22.90 37.95 -23.50
CA GLU B 131 -23.60 37.75 -22.23
C GLU B 131 -22.67 36.89 -21.38
N VAL B 132 -21.87 36.02 -22.03
CA VAL B 132 -20.92 35.10 -21.37
C VAL B 132 -19.64 35.03 -22.18
N VAL B 133 -18.50 35.05 -21.52
CA VAL B 133 -17.21 34.88 -22.17
C VAL B 133 -16.42 33.77 -21.47
N ILE B 134 -15.91 32.83 -22.28
CA ILE B 134 -15.11 31.70 -21.81
C ILE B 134 -13.62 31.94 -22.11
N ASN B 135 -12.74 31.73 -21.12
CA ASN B 135 -11.31 31.81 -21.38
C ASN B 135 -10.63 30.56 -20.81
N TRP B 136 -10.44 29.52 -21.65
CA TRP B 136 -9.77 28.32 -21.17
C TRP B 136 -8.26 28.44 -20.97
N GLY B 137 -7.70 29.60 -21.32
CA GLY B 137 -6.30 29.92 -21.12
C GLY B 137 -6.04 30.69 -19.83
N GLY B 138 -7.11 31.02 -19.09
CA GLY B 138 -7.06 31.80 -17.86
C GLY B 138 -7.55 31.04 -16.63
N GLY B 139 -7.58 31.73 -15.48
CA GLY B 139 -8.01 31.15 -14.20
C GLY B 139 -6.91 30.94 -13.19
N TRP B 140 -5.83 31.74 -13.29
CA TRP B 140 -4.64 31.62 -12.43
C TRP B 140 -4.79 32.27 -11.04
N HIS B 141 -5.65 31.66 -10.23
CA HIS B 141 -6.10 32.12 -8.92
C HIS B 141 -5.08 32.28 -7.81
N HIS B 142 -3.91 31.62 -7.84
CA HIS B 142 -2.95 31.74 -6.73
C HIS B 142 -2.01 32.92 -6.78
N ALA B 143 -1.80 33.54 -7.96
CA ALA B 143 -0.82 34.61 -8.11
C ALA B 143 -1.11 35.79 -7.18
N LYS B 144 -0.06 36.28 -6.49
CA LYS B 144 -0.23 37.40 -5.57
C LYS B 144 0.43 38.64 -6.10
N ARG B 145 0.20 39.79 -5.44
CA ARG B 145 0.77 41.10 -5.80
C ARG B 145 2.26 41.00 -6.16
N SER B 146 3.08 40.35 -5.30
CA SER B 146 4.52 40.22 -5.50
C SER B 146 4.99 38.82 -5.33
N GLU B 147 4.21 37.83 -5.80
CA GLU B 147 4.61 36.45 -5.57
C GLU B 147 3.93 35.51 -6.54
N ALA B 148 4.71 34.60 -7.13
CA ALA B 148 4.18 33.55 -7.99
C ALA B 148 3.81 32.39 -7.06
N SER B 149 2.69 31.71 -7.32
CA SER B 149 2.31 30.59 -6.47
C SER B 149 1.56 29.53 -7.28
N GLY B 150 1.90 28.26 -7.07
CA GLY B 150 1.23 27.10 -7.67
C GLY B 150 1.04 27.19 -9.17
N PHE B 151 2.15 27.49 -9.88
CA PHE B 151 2.20 27.71 -11.35
C PHE B 151 1.35 28.89 -11.84
N CYS B 152 0.95 29.81 -10.93
CA CYS B 152 0.22 31.05 -11.28
C CYS B 152 1.24 32.19 -11.12
N TYR B 153 1.57 32.91 -12.22
CA TYR B 153 2.59 33.97 -12.18
C TYR B 153 1.92 35.35 -12.16
N LEU B 154 0.89 35.52 -12.96
CA LEU B 154 0.12 36.76 -13.03
C LEU B 154 -1.34 36.42 -12.79
N ASN B 155 -2.03 37.22 -11.94
CA ASN B 155 -3.41 36.92 -11.61
C ASN B 155 -4.40 37.57 -12.60
N ASP B 156 -4.73 36.84 -13.68
CA ASP B 156 -5.63 37.31 -14.74
C ASP B 156 -7.02 37.52 -14.16
N ILE B 157 -7.38 36.71 -13.14
CA ILE B 157 -8.70 36.81 -12.48
C ILE B 157 -8.84 38.15 -11.77
N VAL B 158 -7.87 38.51 -10.91
CA VAL B 158 -7.92 39.78 -10.18
C VAL B 158 -8.01 40.96 -11.14
N LEU B 159 -7.20 40.92 -12.20
CA LEU B 159 -7.16 41.99 -13.20
C LEU B 159 -8.49 42.14 -13.95
N ALA B 160 -9.11 41.02 -14.32
CA ALA B 160 -10.42 40.98 -14.98
C ALA B 160 -11.51 41.54 -14.05
N ILE B 161 -11.52 41.09 -12.77
CA ILE B 161 -12.50 41.53 -11.75
C ILE B 161 -12.36 43.02 -11.53
N HIS B 162 -11.10 43.51 -11.42
CA HIS B 162 -10.85 44.94 -11.24
C HIS B 162 -11.45 45.77 -12.41
N ARG B 163 -11.32 45.28 -13.66
CA ARG B 163 -11.88 45.95 -14.84
C ARG B 163 -13.43 45.96 -14.73
N LEU B 164 -14.03 44.82 -14.36
CA LEU B 164 -15.49 44.71 -14.24
C LEU B 164 -16.06 45.61 -13.14
N VAL B 165 -15.45 45.55 -11.94
CA VAL B 165 -15.91 46.31 -10.77
C VAL B 165 -15.82 47.83 -10.96
N SER B 166 -14.84 48.31 -11.76
CA SER B 166 -14.62 49.74 -12.06
C SER B 166 -15.47 50.26 -13.25
N SER B 167 -16.31 49.39 -13.85
CA SER B 167 -17.15 49.76 -15.00
C SER B 167 -18.53 50.33 -14.59
N THR B 168 -19.20 51.03 -15.55
CA THR B 168 -20.54 51.64 -15.41
C THR B 168 -20.64 52.57 -14.20
N GLN B 177 -22.55 50.16 -5.96
CA GLN B 177 -23.60 49.61 -6.81
C GLN B 177 -23.11 48.43 -7.65
N THR B 178 -21.97 48.59 -8.38
CA THR B 178 -21.43 47.47 -9.18
C THR B 178 -20.75 46.49 -8.23
N ARG B 179 -21.29 45.26 -8.20
CA ARG B 179 -20.72 44.21 -7.39
C ARG B 179 -20.38 43.02 -8.29
N VAL B 180 -19.30 42.33 -7.94
CA VAL B 180 -18.88 41.12 -8.67
C VAL B 180 -18.91 39.93 -7.70
N LEU B 181 -19.50 38.82 -8.15
CA LEU B 181 -19.47 37.58 -7.40
C LEU B 181 -18.43 36.70 -8.08
N TYR B 182 -17.42 36.28 -7.32
CA TYR B 182 -16.38 35.36 -7.79
C TYR B 182 -16.65 33.99 -7.22
N VAL B 183 -16.73 33.00 -8.11
CA VAL B 183 -17.02 31.62 -7.70
C VAL B 183 -15.85 30.77 -8.14
N ASP B 184 -15.21 30.10 -7.20
CA ASP B 184 -14.01 29.31 -7.47
C ASP B 184 -14.27 27.82 -7.25
N LEU B 185 -14.42 27.09 -8.35
CA LEU B 185 -14.78 25.66 -8.33
C LEU B 185 -13.60 24.72 -8.36
N ASP B 186 -12.39 25.26 -8.48
CA ASP B 186 -11.16 24.47 -8.54
C ASP B 186 -11.03 23.64 -7.26
N LEU B 187 -10.29 22.51 -7.30
CA LEU B 187 -9.97 21.67 -6.14
C LEU B 187 -9.26 22.47 -5.02
N HIS B 188 -8.46 23.49 -5.41
CA HIS B 188 -7.66 24.30 -4.50
C HIS B 188 -8.34 25.59 -4.15
N HIS B 189 -8.12 26.08 -2.91
CA HIS B 189 -8.64 27.34 -2.40
C HIS B 189 -8.13 28.49 -3.26
N GLY B 190 -9.05 29.34 -3.71
CA GLY B 190 -8.68 30.52 -4.52
C GLY B 190 -8.12 31.62 -3.65
N ASP B 191 -6.96 31.37 -3.00
CA ASP B 191 -6.31 32.34 -2.08
C ASP B 191 -5.89 33.69 -2.69
N GLY B 192 -5.29 33.68 -3.88
CA GLY B 192 -4.80 34.90 -4.53
C GLY B 192 -5.92 35.89 -4.79
N VAL B 193 -7.07 35.38 -5.29
CA VAL B 193 -8.25 36.21 -5.57
C VAL B 193 -8.86 36.68 -4.26
N GLU B 194 -9.02 35.76 -3.32
CA GLU B 194 -9.58 36.08 -2.01
C GLU B 194 -8.81 37.23 -1.33
N GLU B 195 -7.46 37.12 -1.32
CA GLU B 195 -6.58 38.10 -0.69
C GLU B 195 -6.62 39.47 -1.37
N ALA B 196 -6.70 39.49 -2.71
CA ALA B 196 -6.74 40.73 -3.48
C ALA B 196 -7.95 41.60 -3.08
N PHE B 197 -9.08 40.96 -2.75
CA PHE B 197 -10.35 41.65 -2.43
C PHE B 197 -10.77 41.52 -0.97
N TRP B 198 -9.83 41.08 -0.11
CA TRP B 198 -10.08 40.90 1.33
C TRP B 198 -10.72 42.12 2.01
N TYR B 199 -10.29 43.34 1.62
CA TYR B 199 -10.79 44.60 2.21
C TYR B 199 -11.89 45.28 1.40
N SER B 200 -12.38 44.62 0.35
CA SER B 200 -13.36 45.20 -0.57
C SER B 200 -14.75 44.53 -0.52
N PRO B 201 -15.82 45.27 -0.18
CA PRO B 201 -17.14 44.64 -0.14
C PRO B 201 -17.75 44.41 -1.52
N ARG B 202 -17.23 45.11 -2.53
CA ARG B 202 -17.77 45.05 -3.90
C ARG B 202 -17.46 43.80 -4.67
N VAL B 203 -16.45 43.04 -4.24
CA VAL B 203 -16.09 41.77 -4.84
C VAL B 203 -16.27 40.72 -3.77
N VAL B 204 -17.31 39.91 -3.94
CA VAL B 204 -17.60 38.83 -3.00
C VAL B 204 -16.93 37.58 -3.56
N THR B 205 -16.05 36.95 -2.79
CA THR B 205 -15.40 35.74 -3.28
C THR B 205 -15.98 34.53 -2.56
N PHE B 206 -16.20 33.45 -3.31
CA PHE B 206 -16.67 32.18 -2.77
C PHE B 206 -15.84 31.05 -3.37
N SER B 207 -15.11 30.34 -2.53
CA SER B 207 -14.30 29.21 -2.99
C SER B 207 -14.78 27.92 -2.32
N VAL B 208 -14.96 26.85 -3.13
CA VAL B 208 -15.29 25.49 -2.67
C VAL B 208 -14.06 24.68 -3.02
N HIS B 209 -13.49 23.89 -2.09
CA HIS B 209 -12.22 23.22 -2.35
C HIS B 209 -11.97 22.15 -1.34
N HIS B 210 -10.91 21.37 -1.56
CA HIS B 210 -10.45 20.46 -0.53
C HIS B 210 -9.48 21.23 0.37
N ALA B 211 -9.52 20.97 1.66
CA ALA B 211 -8.54 21.50 2.62
C ALA B 211 -8.24 20.35 3.58
N SER B 212 -6.96 20.15 3.91
CA SER B 212 -6.49 19.11 4.83
C SER B 212 -5.05 19.48 5.21
N PRO B 213 -4.53 18.98 6.35
CA PRO B 213 -3.16 19.36 6.75
C PRO B 213 -2.08 19.02 5.72
N GLY B 214 -1.32 20.04 5.34
CA GLY B 214 -0.25 19.92 4.36
C GLY B 214 -0.71 20.01 2.92
N PHE B 215 -2.01 20.16 2.66
CA PHE B 215 -2.52 20.25 1.28
C PHE B 215 -2.47 21.72 0.81
N PHE B 216 -1.95 21.95 -0.40
CA PHE B 216 -1.78 23.28 -1.00
C PHE B 216 -3.14 24.01 -1.21
N PRO B 217 -3.24 25.35 -0.94
CA PRO B 217 -2.22 26.25 -0.39
C PRO B 217 -2.27 26.33 1.16
N GLY B 218 -3.27 25.71 1.79
CA GLY B 218 -3.38 25.67 3.25
C GLY B 218 -4.44 26.56 3.86
N THR B 219 -5.00 27.49 3.07
CA THR B 219 -6.02 28.44 3.53
C THR B 219 -7.42 28.00 3.09
N GLY B 220 -8.44 28.85 3.33
CA GLY B 220 -9.83 28.57 2.99
C GLY B 220 -10.50 27.61 3.96
N THR B 221 -9.97 27.56 5.19
CA THR B 221 -10.48 26.67 6.24
C THR B 221 -10.38 27.28 7.65
N TRP B 222 -10.69 26.49 8.71
CA TRP B 222 -10.60 26.92 10.11
C TRP B 222 -9.19 27.46 10.40
N ASN B 223 -9.11 28.62 11.06
CA ASN B 223 -7.87 29.28 11.42
C ASN B 223 -7.48 29.02 12.89
N LEU B 230 -10.56 27.73 20.29
CA LEU B 230 -11.70 27.35 19.44
C LEU B 230 -11.52 27.92 18.02
N PRO B 231 -11.44 27.06 16.98
CA PRO B 231 -11.17 27.56 15.61
C PRO B 231 -12.29 28.39 15.00
N ILE B 232 -11.89 29.45 14.29
CA ILE B 232 -12.82 30.36 13.61
C ILE B 232 -12.45 30.51 12.13
N PHE B 233 -13.42 30.92 11.33
CA PHE B 233 -13.25 31.20 9.94
C PHE B 233 -13.04 32.69 9.74
N LEU B 234 -11.90 33.07 9.17
CA LEU B 234 -11.66 34.47 8.77
C LEU B 234 -12.50 34.64 7.49
N ASN B 235 -12.98 35.86 7.24
CA ASN B 235 -13.90 36.11 6.11
C ASN B 235 -13.81 37.53 5.53
N GLY B 236 -12.66 38.17 5.66
CA GLY B 236 -12.47 39.54 5.17
C GLY B 236 -12.29 40.50 6.31
N ALA B 237 -11.83 41.72 6.03
CA ALA B 237 -11.59 42.70 7.09
C ALA B 237 -11.98 44.12 6.65
N GLY B 238 -12.13 45.03 7.62
CA GLY B 238 -12.52 46.40 7.36
C GLY B 238 -13.87 46.46 6.65
N ARG B 239 -13.95 47.19 5.55
CA ARG B 239 -15.17 47.28 4.74
C ARG B 239 -15.48 45.94 4.05
N GLY B 240 -14.46 45.08 3.94
CA GLY B 240 -14.55 43.76 3.33
C GLY B 240 -14.94 42.66 4.29
N ARG B 241 -15.25 42.98 5.56
CA ARG B 241 -15.66 41.97 6.53
C ARG B 241 -16.87 41.19 5.99
N PHE B 242 -16.87 39.85 6.18
CA PHE B 242 -17.94 38.91 5.77
C PHE B 242 -18.04 38.75 4.24
N SER B 243 -17.13 39.35 3.45
CA SER B 243 -17.18 39.32 1.98
C SER B 243 -16.38 38.16 1.32
N ALA B 244 -15.58 37.41 2.12
CA ALA B 244 -14.82 36.25 1.65
C ALA B 244 -15.41 34.96 2.22
N PHE B 245 -16.01 34.13 1.33
CA PHE B 245 -16.70 32.89 1.69
C PHE B 245 -15.87 31.69 1.30
N ASN B 246 -15.89 30.66 2.15
CA ASN B 246 -15.16 29.43 1.91
C ASN B 246 -15.94 28.21 2.33
N LEU B 247 -15.84 27.17 1.54
CA LEU B 247 -16.44 25.87 1.84
C LEU B 247 -15.40 24.76 1.67
N PRO B 248 -14.62 24.44 2.71
CA PRO B 248 -13.66 23.34 2.56
C PRO B 248 -14.40 21.99 2.71
N LEU B 249 -14.07 21.02 1.86
CA LEU B 249 -14.72 19.70 1.87
C LEU B 249 -13.71 18.60 2.01
N GLU B 250 -14.14 17.50 2.64
CA GLU B 250 -13.32 16.31 2.80
C GLU B 250 -13.15 15.62 1.45
N GLU B 251 -12.10 14.80 1.32
CA GLU B 251 -11.87 14.08 0.08
C GLU B 251 -12.94 13.03 -0.21
N GLY B 252 -13.12 12.71 -1.49
CA GLY B 252 -14.02 11.65 -1.94
C GLY B 252 -15.40 12.09 -2.37
N ILE B 253 -15.71 13.39 -2.30
CA ILE B 253 -17.03 13.91 -2.67
C ILE B 253 -17.39 13.61 -4.13
N ASN B 254 -18.62 13.14 -4.37
CA ASN B 254 -19.13 12.82 -5.71
C ASN B 254 -19.94 14.01 -6.29
N ASP B 255 -20.41 13.89 -7.54
CA ASP B 255 -21.13 14.97 -8.25
C ASP B 255 -22.37 15.44 -7.49
N LEU B 256 -23.23 14.50 -7.04
CA LEU B 256 -24.49 14.84 -6.34
C LEU B 256 -24.24 15.56 -5.01
N ASP B 257 -23.33 15.05 -4.19
CA ASP B 257 -23.06 15.65 -2.89
C ASP B 257 -22.41 17.04 -3.02
N TRP B 258 -21.49 17.21 -3.99
CA TRP B 258 -20.85 18.51 -4.26
C TRP B 258 -21.88 19.50 -4.84
N SER B 259 -22.79 19.00 -5.69
CA SER B 259 -23.86 19.82 -6.29
C SER B 259 -24.80 20.29 -5.19
N ASN B 260 -25.20 19.38 -4.29
CA ASN B 260 -26.07 19.72 -3.17
C ASN B 260 -25.40 20.62 -2.13
N ALA B 261 -24.08 20.54 -2.03
CA ALA B 261 -23.26 21.37 -1.14
C ALA B 261 -23.24 22.84 -1.63
N ILE B 262 -23.01 23.05 -2.91
CA ILE B 262 -22.87 24.42 -3.42
C ILE B 262 -24.09 25.08 -4.03
N GLY B 263 -25.02 24.29 -4.55
CA GLY B 263 -26.24 24.80 -5.17
C GLY B 263 -27.00 25.83 -4.35
N PRO B 264 -27.41 25.51 -3.11
CA PRO B 264 -28.15 26.51 -2.32
C PRO B 264 -27.30 27.71 -1.89
N ILE B 265 -25.97 27.53 -1.72
CA ILE B 265 -25.09 28.64 -1.34
C ILE B 265 -24.98 29.61 -2.52
N LEU B 266 -24.76 29.07 -3.75
CA LEU B 266 -24.66 29.91 -4.94
C LEU B 266 -25.94 30.72 -5.14
N ASP B 267 -27.10 30.05 -5.02
CA ASP B 267 -28.40 30.70 -5.22
C ASP B 267 -28.63 31.80 -4.18
N SER B 268 -28.24 31.55 -2.90
CA SER B 268 -28.38 32.55 -1.82
C SER B 268 -27.45 33.73 -2.07
N LEU B 269 -26.20 33.47 -2.54
CA LEU B 269 -25.25 34.56 -2.81
C LEU B 269 -25.80 35.44 -3.92
N ASN B 270 -26.40 34.83 -4.94
CA ASN B 270 -27.02 35.61 -6.02
C ASN B 270 -28.20 36.47 -5.53
N ILE B 271 -29.09 35.89 -4.70
CA ILE B 271 -30.25 36.64 -4.18
C ILE B 271 -29.83 37.87 -3.35
N VAL B 272 -28.90 37.68 -2.41
CA VAL B 272 -28.47 38.75 -1.50
C VAL B 272 -27.51 39.77 -2.15
N ILE B 273 -26.45 39.27 -2.78
CA ILE B 273 -25.48 40.17 -3.40
C ILE B 273 -26.01 40.89 -4.63
N GLN B 274 -26.91 40.26 -5.41
CA GLN B 274 -27.42 40.80 -6.68
C GLN B 274 -26.23 41.30 -7.52
N PRO B 275 -25.25 40.39 -7.83
CA PRO B 275 -24.05 40.85 -8.55
C PRO B 275 -24.34 41.36 -9.96
N SER B 276 -23.54 42.33 -10.43
CA SER B 276 -23.63 42.87 -11.79
C SER B 276 -22.91 41.94 -12.77
N TYR B 277 -21.91 41.19 -12.28
CA TYR B 277 -21.15 40.24 -13.05
C TYR B 277 -20.82 39.05 -12.17
N VAL B 278 -20.66 37.89 -12.79
CA VAL B 278 -20.23 36.68 -12.10
C VAL B 278 -18.92 36.24 -12.77
N VAL B 279 -17.92 35.89 -11.98
CA VAL B 279 -16.66 35.38 -12.51
C VAL B 279 -16.50 33.97 -11.94
N VAL B 280 -16.40 32.97 -12.82
CA VAL B 280 -16.30 31.56 -12.41
C VAL B 280 -14.94 31.00 -12.84
N GLN B 281 -14.17 30.48 -11.87
CA GLN B 281 -12.92 29.76 -12.14
C GLN B 281 -13.40 28.28 -12.13
N CYS B 282 -13.18 27.57 -13.24
CA CYS B 282 -13.66 26.20 -13.45
C CYS B 282 -12.53 25.17 -13.56
N GLY B 283 -11.57 25.25 -12.64
CA GLY B 283 -10.45 24.32 -12.54
C GLY B 283 -10.99 22.91 -12.53
N ALA B 284 -10.42 22.03 -13.39
CA ALA B 284 -10.88 20.66 -13.65
C ALA B 284 -10.24 19.60 -12.78
N ASP B 285 -9.52 20.02 -11.76
CA ASP B 285 -8.83 19.10 -10.88
C ASP B 285 -9.71 18.42 -9.84
N CYS B 286 -11.04 18.71 -9.84
CA CYS B 286 -11.98 17.96 -8.99
C CYS B 286 -12.43 16.68 -9.68
N LEU B 287 -12.05 16.49 -10.94
CA LEU B 287 -12.45 15.26 -11.66
C LEU B 287 -11.91 14.04 -10.98
N ALA B 288 -12.70 12.96 -10.97
CA ALA B 288 -12.32 11.68 -10.32
C ALA B 288 -11.02 11.13 -10.89
N THR B 289 -10.73 11.45 -12.15
CA THR B 289 -9.57 11.01 -12.93
C THR B 289 -8.41 11.99 -12.94
N ASP B 290 -8.51 13.10 -12.21
CA ASP B 290 -7.38 14.01 -12.11
C ASP B 290 -6.29 13.28 -11.29
N PRO B 291 -4.96 13.39 -11.62
CA PRO B 291 -3.95 12.70 -10.80
C PRO B 291 -3.93 13.13 -9.34
N HIS B 292 -4.55 14.31 -8.95
CA HIS B 292 -4.62 14.65 -7.53
C HIS B 292 -5.45 13.58 -6.79
N ARG B 293 -6.48 13.00 -7.49
CA ARG B 293 -7.36 11.92 -7.00
C ARG B 293 -7.96 12.26 -5.63
N ILE B 294 -8.62 13.42 -5.55
CA ILE B 294 -9.21 13.86 -4.27
C ILE B 294 -10.74 13.87 -4.32
N PHE B 295 -11.32 14.58 -5.28
CA PHE B 295 -12.78 14.57 -5.39
C PHE B 295 -13.18 13.56 -6.45
N ARG B 296 -14.48 13.24 -6.57
CA ARG B 296 -14.95 12.25 -7.54
C ARG B 296 -15.97 12.83 -8.52
N LEU B 297 -15.70 14.04 -9.01
CA LEU B 297 -16.61 14.69 -9.95
C LEU B 297 -16.41 14.08 -11.35
N THR B 298 -17.42 14.21 -12.24
CA THR B 298 -17.30 13.69 -13.59
C THR B 298 -17.65 14.81 -14.56
N ASN B 299 -17.75 14.49 -15.86
CA ASN B 299 -18.25 15.41 -16.89
C ASN B 299 -19.57 14.80 -17.44
N PHE B 300 -20.23 13.91 -16.64
CA PHE B 300 -21.46 13.24 -17.11
C PHE B 300 -22.62 14.20 -17.34
N TYR B 301 -23.34 13.99 -18.43
CA TYR B 301 -24.50 14.81 -18.78
C TYR B 301 -25.64 13.84 -19.17
N PRO B 302 -26.36 13.27 -18.19
CA PRO B 302 -27.43 12.30 -18.51
C PRO B 302 -28.59 12.86 -19.33
N CYS B 314 -27.15 7.91 -13.14
CA CYS B 314 -26.02 8.83 -13.00
C CYS B 314 -26.48 10.25 -12.74
N SER B 315 -25.85 10.92 -11.77
CA SER B 315 -26.14 12.31 -11.47
C SER B 315 -25.46 13.19 -12.51
N LEU B 316 -25.97 14.41 -12.67
CA LEU B 316 -25.37 15.38 -13.55
C LEU B 316 -23.98 15.74 -12.95
N SER B 317 -22.96 15.87 -13.79
CA SER B 317 -21.65 16.36 -13.39
C SER B 317 -21.83 17.58 -12.47
N GLY B 318 -21.12 17.59 -11.34
CA GLY B 318 -21.16 18.71 -10.41
C GLY B 318 -20.83 20.02 -11.10
N TYR B 319 -19.79 20.02 -11.94
CA TYR B 319 -19.40 21.20 -12.72
C TYR B 319 -20.54 21.72 -13.61
N LEU B 320 -21.22 20.83 -14.36
CA LEU B 320 -22.32 21.21 -15.26
C LEU B 320 -23.52 21.72 -14.47
N TYR B 321 -23.80 21.07 -13.35
CA TYR B 321 -24.86 21.49 -12.43
C TYR B 321 -24.63 22.94 -12.00
N ALA B 322 -23.42 23.26 -11.51
CA ALA B 322 -23.08 24.60 -11.03
C ALA B 322 -23.07 25.64 -12.13
N ILE B 323 -22.55 25.29 -13.31
CA ILE B 323 -22.51 26.24 -14.45
C ILE B 323 -23.94 26.54 -14.90
N LYS B 324 -24.76 25.50 -15.02
CA LYS B 324 -26.17 25.64 -15.42
C LYS B 324 -26.92 26.55 -14.45
N LYS B 325 -26.68 26.35 -13.14
CA LYS B 325 -27.26 27.16 -12.07
C LYS B 325 -26.87 28.64 -12.20
N ILE B 326 -25.57 28.92 -12.33
CA ILE B 326 -25.06 30.29 -12.47
C ILE B 326 -25.64 31.00 -13.69
N LEU B 327 -25.68 30.30 -14.81
CA LEU B 327 -26.17 30.84 -16.08
C LEU B 327 -27.67 31.13 -16.05
N SER B 328 -28.43 30.42 -15.19
CA SER B 328 -29.88 30.62 -15.03
C SER B 328 -30.20 32.01 -14.41
N TRP B 329 -29.22 32.63 -13.71
CA TRP B 329 -29.40 33.95 -13.08
C TRP B 329 -29.43 35.05 -14.14
N LYS B 330 -28.92 34.75 -15.35
CA LYS B 330 -28.90 35.70 -16.48
C LYS B 330 -28.13 36.97 -16.09
N VAL B 331 -26.96 36.78 -15.48
CA VAL B 331 -26.05 37.85 -15.09
C VAL B 331 -24.83 37.71 -16.02
N PRO B 332 -24.29 38.81 -16.63
CA PRO B 332 -23.10 38.65 -17.50
C PRO B 332 -22.00 37.89 -16.74
N THR B 333 -21.47 36.82 -17.36
CA THR B 333 -20.54 35.87 -16.71
C THR B 333 -19.24 35.62 -17.46
N LEU B 334 -18.19 35.50 -16.70
CA LEU B 334 -16.86 35.16 -17.18
C LEU B 334 -16.61 33.73 -16.70
N ILE B 335 -16.29 32.81 -17.62
CA ILE B 335 -15.95 31.40 -17.30
C ILE B 335 -14.50 31.17 -17.63
N LEU B 336 -13.69 30.88 -16.61
CA LEU B 336 -12.26 30.68 -16.75
C LEU B 336 -11.86 29.24 -16.43
N GLY B 337 -10.65 28.86 -16.88
CA GLY B 337 -10.11 27.53 -16.60
C GLY B 337 -9.42 27.49 -15.26
N GLY B 338 -8.22 26.94 -15.25
CA GLY B 338 -7.42 26.82 -14.03
C GLY B 338 -6.72 25.49 -13.99
N GLY B 339 -6.71 24.86 -12.83
CA GLY B 339 -6.07 23.54 -12.66
C GLY B 339 -6.73 22.46 -13.49
N GLY B 340 -6.07 21.32 -13.57
CA GLY B 340 -6.56 20.18 -14.36
C GLY B 340 -5.39 19.53 -15.05
N TYR B 341 -4.93 18.45 -14.45
CA TYR B 341 -3.70 17.77 -14.81
C TYR B 341 -3.81 16.47 -15.63
N ASN B 342 -5.06 16.05 -15.96
CA ASN B 342 -5.33 14.94 -16.88
C ASN B 342 -5.83 15.71 -18.10
N PHE B 343 -4.94 16.02 -19.06
CA PHE B 343 -5.29 16.90 -20.21
C PHE B 343 -6.48 16.43 -21.02
N PRO B 344 -6.57 15.13 -21.42
CA PRO B 344 -7.74 14.67 -22.18
C PRO B 344 -9.05 14.77 -21.38
N ASP B 345 -9.03 14.46 -20.09
CA ASP B 345 -10.26 14.59 -19.29
C ASP B 345 -10.63 16.04 -19.03
N THR B 346 -9.63 16.92 -18.89
CA THR B 346 -9.91 18.36 -18.74
C THR B 346 -10.62 18.87 -20.04
N ALA B 347 -10.11 18.51 -21.24
CA ALA B 347 -10.72 18.86 -22.54
C ALA B 347 -12.16 18.30 -22.62
N ARG B 348 -12.35 17.04 -22.18
CA ARG B 348 -13.69 16.40 -22.16
C ARG B 348 -14.67 17.21 -21.26
N LEU B 349 -14.21 17.64 -20.09
CA LEU B 349 -15.06 18.44 -19.20
C LEU B 349 -15.36 19.82 -19.81
N TRP B 350 -14.31 20.56 -20.21
CA TRP B 350 -14.47 21.93 -20.72
C TRP B 350 -15.22 22.03 -22.02
N THR B 351 -15.19 20.95 -22.81
CA THR B 351 -15.96 20.86 -24.04
C THR B 351 -17.44 20.78 -23.65
N ARG B 352 -17.78 19.96 -22.62
CA ARG B 352 -19.16 19.86 -22.16
C ARG B 352 -19.64 21.17 -21.54
N VAL B 353 -18.78 21.85 -20.74
CA VAL B 353 -19.12 23.17 -20.16
C VAL B 353 -19.43 24.16 -21.32
N THR B 354 -18.60 24.13 -22.39
CA THR B 354 -18.75 25.04 -23.55
C THR B 354 -20.10 24.81 -24.25
N ALA B 355 -20.42 23.54 -24.53
CA ALA B 355 -21.67 23.15 -25.19
C ALA B 355 -22.87 23.56 -24.34
N LEU B 356 -22.79 23.32 -23.01
CA LEU B 356 -23.88 23.64 -22.08
C LEU B 356 -24.12 25.16 -22.07
N THR B 357 -23.03 25.94 -22.05
CA THR B 357 -23.11 27.41 -22.03
C THR B 357 -23.87 27.91 -23.27
N ILE B 358 -23.54 27.39 -24.45
CA ILE B 358 -24.22 27.76 -25.71
C ILE B 358 -25.69 27.43 -25.58
N GLU B 359 -25.99 26.21 -25.08
CA GLU B 359 -27.33 25.67 -24.87
C GLU B 359 -28.17 26.57 -23.94
N GLU B 360 -27.59 26.91 -22.78
CA GLU B 360 -28.28 27.72 -21.76
C GLU B 360 -28.43 29.16 -22.19
N VAL B 361 -27.41 29.75 -22.83
CA VAL B 361 -27.46 31.15 -23.24
C VAL B 361 -28.30 31.41 -24.48
N LYS B 362 -28.07 30.63 -25.54
CA LYS B 362 -28.72 30.78 -26.84
C LYS B 362 -30.07 30.06 -26.96
N GLY B 363 -30.33 29.10 -26.07
CA GLY B 363 -31.54 28.30 -26.11
C GLY B 363 -31.50 27.34 -27.29
N LYS B 364 -30.30 27.03 -27.78
CA LYS B 364 -30.01 26.18 -28.92
C LYS B 364 -29.47 24.81 -28.48
N LYS B 365 -30.16 23.71 -28.82
CA LYS B 365 -29.74 22.36 -28.47
C LYS B 365 -28.34 22.06 -29.03
N MET B 366 -27.42 21.62 -28.16
CA MET B 366 -26.06 21.23 -28.55
C MET B 366 -25.92 19.73 -28.26
N THR B 367 -26.13 18.90 -29.28
CA THR B 367 -26.00 17.45 -29.10
C THR B 367 -24.60 17.05 -29.43
N ILE B 368 -23.88 16.58 -28.43
CA ILE B 368 -22.53 16.15 -28.67
C ILE B 368 -22.45 14.62 -28.65
N SER B 369 -21.92 14.05 -29.72
CA SER B 369 -21.80 12.61 -29.86
C SER B 369 -21.01 11.96 -28.69
N PRO B 370 -21.36 10.74 -28.24
CA PRO B 370 -20.52 10.12 -27.18
C PRO B 370 -19.14 9.70 -27.71
N GLU B 371 -18.99 9.56 -29.05
CA GLU B 371 -17.72 9.17 -29.66
C GLU B 371 -16.91 10.44 -29.96
N ILE B 372 -15.61 10.45 -29.57
CA ILE B 372 -14.72 11.57 -29.83
C ILE B 372 -14.60 11.70 -31.37
N PRO B 373 -14.82 12.91 -31.97
CA PRO B 373 -14.72 13.02 -33.43
C PRO B 373 -13.28 13.01 -33.91
N GLU B 374 -13.12 12.71 -35.19
CA GLU B 374 -11.83 12.73 -35.87
C GLU B 374 -11.25 14.13 -35.73
N HIS B 375 -9.99 14.24 -35.32
CA HIS B 375 -9.20 15.48 -35.22
C HIS B 375 -7.74 15.09 -34.91
N SER B 376 -6.78 16.01 -35.04
CA SER B 376 -5.36 15.65 -34.84
C SER B 376 -4.93 15.18 -33.45
N TYR B 377 -5.76 15.41 -32.42
CA TYR B 377 -5.51 14.90 -31.06
C TYR B 377 -6.40 13.69 -30.68
N PHE B 378 -7.09 13.08 -31.65
CA PHE B 378 -7.96 11.91 -31.45
C PHE B 378 -7.26 10.81 -30.63
N SER B 379 -6.01 10.47 -30.99
CA SER B 379 -5.22 9.42 -30.31
C SER B 379 -5.00 9.71 -28.80
N ARG B 380 -5.19 10.95 -28.37
CA ARG B 380 -5.02 11.29 -26.94
C ARG B 380 -6.22 10.87 -26.07
N TYR B 381 -7.33 10.44 -26.70
CA TYR B 381 -8.57 10.06 -26.01
C TYR B 381 -8.77 8.58 -25.82
N GLY B 382 -7.68 7.82 -25.93
CA GLY B 382 -7.74 6.38 -25.77
C GLY B 382 -7.80 5.90 -24.34
N PRO B 383 -8.05 4.59 -24.09
CA PRO B 383 -8.34 3.53 -25.07
C PRO B 383 -9.80 3.50 -25.56
N ASP B 384 -10.71 4.24 -24.89
CA ASP B 384 -12.14 4.22 -25.19
C ASP B 384 -12.55 5.17 -26.31
N PHE B 385 -11.88 6.34 -26.44
CA PHE B 385 -12.20 7.39 -27.44
C PHE B 385 -13.64 7.86 -27.28
N GLU B 386 -14.09 7.95 -26.03
CA GLU B 386 -15.45 8.41 -25.69
C GLU B 386 -15.41 9.74 -24.95
N LEU B 387 -16.50 10.52 -25.01
CA LEU B 387 -16.53 11.84 -24.38
C LEU B 387 -16.66 11.75 -22.83
N ASP B 388 -17.43 10.79 -22.32
CA ASP B 388 -17.53 10.63 -20.85
C ASP B 388 -16.17 10.19 -20.32
N ILE B 389 -15.76 10.73 -19.16
CA ILE B 389 -14.49 10.31 -18.55
C ILE B 389 -14.61 8.83 -18.16
N ASP B 390 -13.48 8.11 -18.20
CA ASP B 390 -13.41 6.67 -17.91
C ASP B 390 -13.43 6.43 -16.39
N TYR B 391 -14.59 6.65 -15.76
CA TYR B 391 -14.77 6.50 -14.33
C TYR B 391 -16.12 5.88 -14.02
N PHE B 392 -16.16 4.99 -13.04
CA PHE B 392 -17.38 4.29 -12.67
C PHE B 392 -17.80 4.74 -11.27
N PRO B 393 -18.77 5.67 -11.15
CA PRO B 393 -19.18 6.16 -9.82
C PRO B 393 -19.79 5.08 -8.95
N HIS B 394 -19.46 5.08 -7.65
CA HIS B 394 -19.94 4.09 -6.67
C HIS B 394 -19.99 4.70 -5.27
N ASP B 402 -20.37 13.52 8.16
CA ASP B 402 -20.43 13.29 6.71
C ASP B 402 -21.06 14.51 5.96
N SER B 403 -22.21 15.00 6.46
CA SER B 403 -22.93 16.14 5.90
C SER B 403 -22.21 17.43 6.30
N ILE B 404 -22.61 18.55 5.70
CA ILE B 404 -22.01 19.89 5.90
C ILE B 404 -23.10 20.93 6.30
N GLN B 405 -24.15 20.46 6.99
CA GLN B 405 -25.23 21.35 7.43
C GLN B 405 -24.79 22.51 8.33
N LYS B 406 -23.82 22.29 9.22
CA LYS B 406 -23.28 23.40 10.06
C LYS B 406 -22.50 24.42 9.17
N HIS B 407 -21.89 23.97 8.02
CA HIS B 407 -21.23 24.89 7.09
C HIS B 407 -22.27 25.77 6.39
N HIS B 408 -23.41 25.18 5.98
CA HIS B 408 -24.53 25.94 5.41
C HIS B 408 -25.00 27.01 6.40
N ARG B 409 -25.17 26.65 7.70
CA ARG B 409 -25.63 27.58 8.71
C ARG B 409 -24.65 28.74 8.91
N ARG B 410 -23.35 28.42 8.95
CA ARG B 410 -22.27 29.36 9.14
C ARG B 410 -22.18 30.31 7.95
N ILE B 411 -22.28 29.78 6.73
CA ILE B 411 -22.20 30.62 5.53
C ILE B 411 -23.37 31.59 5.44
N LEU B 412 -24.58 31.11 5.77
CA LEU B 412 -25.79 31.94 5.71
C LEU B 412 -25.76 33.06 6.75
N GLU B 413 -25.23 32.78 7.96
CA GLU B 413 -25.07 33.79 9.01
C GLU B 413 -24.10 34.84 8.49
N GLN B 414 -22.98 34.40 7.86
CA GLN B 414 -21.99 35.30 7.25
C GLN B 414 -22.65 36.14 6.17
N LEU B 415 -23.52 35.53 5.34
CA LEU B 415 -24.23 36.27 4.26
C LEU B 415 -25.16 37.31 4.88
N ARG B 416 -25.86 36.93 5.96
CA ARG B 416 -26.76 37.82 6.69
C ARG B 416 -25.93 39.00 7.22
N ASN B 417 -24.74 38.72 7.79
CA ASN B 417 -23.81 39.73 8.31
C ASN B 417 -23.28 40.65 7.23
N TYR B 418 -23.01 40.10 6.03
CA TYR B 418 -22.53 40.88 4.89
C TYR B 418 -23.63 41.89 4.48
N ALA B 419 -24.90 41.41 4.36
CA ALA B 419 -26.05 42.24 3.96
C ALA B 419 -26.24 43.39 4.94
N ASP B 420 -26.15 43.09 6.27
CA ASP B 420 -26.28 44.06 7.36
C ASP B 420 -25.19 45.15 7.26
N LEU B 421 -23.91 44.75 7.21
CA LEU B 421 -22.79 45.70 7.07
C LEU B 421 -22.96 46.61 5.85
N ASN B 422 -23.29 46.02 4.69
CA ASN B 422 -23.42 46.73 3.43
C ASN B 422 -24.75 47.39 3.13
N LYS B 423 -25.70 47.33 4.09
CA LYS B 423 -27.05 47.90 3.98
C LYS B 423 -27.81 47.38 2.76
N LEU B 424 -27.74 46.07 2.51
CA LEU B 424 -28.47 45.46 1.40
C LEU B 424 -29.70 44.76 1.95
N ILE B 425 -30.76 44.64 1.12
CA ILE B 425 -31.97 43.90 1.49
C ILE B 425 -31.59 42.42 1.68
N TYR B 426 -32.00 41.83 2.80
CA TYR B 426 -31.79 40.43 3.07
C TYR B 426 -33.18 39.80 2.96
N ASP B 427 -33.45 39.17 1.83
CA ASP B 427 -34.75 38.57 1.54
C ASP B 427 -34.85 37.20 2.22
N TYR B 428 -35.16 37.21 3.53
CA TYR B 428 -35.32 36.01 4.35
C TYR B 428 -36.26 34.99 3.71
N ASP B 429 -37.47 35.42 3.27
CA ASP B 429 -38.49 34.55 2.65
C ASP B 429 -37.94 33.77 1.46
N GLN B 430 -37.21 34.46 0.55
CA GLN B 430 -36.62 33.83 -0.64
C GLN B 430 -35.50 32.84 -0.29
N VAL B 431 -34.59 33.23 0.63
CA VAL B 431 -33.48 32.32 1.05
C VAL B 431 -34.07 31.09 1.79
N TYR B 432 -35.04 31.34 2.66
CA TYR B 432 -35.72 30.27 3.39
C TYR B 432 -36.35 29.28 2.42
N GLN B 433 -37.09 29.78 1.41
CA GLN B 433 -37.74 28.93 0.41
C GLN B 433 -36.75 28.09 -0.38
N LEU B 434 -35.57 28.64 -0.74
CA LEU B 434 -34.53 27.89 -1.46
C LEU B 434 -34.13 26.66 -0.65
N TYR B 435 -33.83 26.88 0.64
CA TYR B 435 -33.40 25.83 1.57
C TYR B 435 -34.52 24.88 1.95
N ASN B 436 -35.75 25.40 2.00
CA ASN B 436 -36.96 24.64 2.33
C ASN B 436 -37.21 23.52 1.32
N LEU B 437 -36.77 23.72 0.06
CA LEU B 437 -36.88 22.72 -1.01
C LEU B 437 -36.18 21.42 -0.63
N THR B 438 -35.05 21.51 0.11
CA THR B 438 -34.26 20.37 0.60
C THR B 438 -34.73 19.93 2.01
N GLY B 439 -35.54 20.75 2.68
CA GLY B 439 -36.01 20.51 4.04
C GLY B 439 -35.05 21.08 5.08
N MET B 440 -34.19 22.01 4.63
CA MET B 440 -33.15 22.68 5.40
C MET B 440 -33.45 24.16 5.66
N GLY B 441 -34.73 24.53 5.61
CA GLY B 441 -35.19 25.90 5.86
C GLY B 441 -34.77 26.45 7.22
N SER B 442 -34.66 25.57 8.23
CA SER B 442 -34.26 25.89 9.61
C SER B 442 -32.81 26.41 9.71
N LEU B 443 -31.98 26.17 8.68
CA LEU B 443 -30.58 26.62 8.69
C LEU B 443 -30.47 28.13 8.38
N VAL B 444 -31.54 28.71 7.82
CA VAL B 444 -31.60 30.12 7.38
C VAL B 444 -31.83 31.10 8.55
N PRO B 445 -30.89 32.05 8.79
CA PRO B 445 -31.13 33.05 9.85
C PRO B 445 -32.06 34.15 9.35
N ARG B 446 -32.75 34.84 10.27
CA ARG B 446 -33.69 35.91 9.94
C ARG B 446 -33.04 37.17 9.40
N SER C 2 37.05 -35.29 5.64
CA SER C 2 36.74 -35.29 4.20
C SER C 2 35.36 -34.65 3.97
N VAL C 3 35.27 -33.60 3.12
CA VAL C 3 33.99 -32.95 2.78
C VAL C 3 33.80 -33.17 1.29
N GLY C 4 32.66 -33.74 0.92
CA GLY C 4 32.36 -33.94 -0.50
C GLY C 4 31.40 -32.92 -1.04
N ILE C 5 31.41 -32.73 -2.37
CA ILE C 5 30.44 -31.85 -3.03
C ILE C 5 30.03 -32.47 -4.36
N VAL C 6 28.73 -32.54 -4.62
CA VAL C 6 28.22 -33.13 -5.85
C VAL C 6 28.37 -32.12 -6.99
N TYR C 7 29.10 -32.50 -8.04
CA TYR C 7 29.33 -31.64 -9.22
C TYR C 7 29.73 -32.51 -10.42
N GLY C 8 29.49 -31.97 -11.61
CA GLY C 8 29.83 -32.58 -12.89
C GLY C 8 29.41 -31.65 -14.02
N ASP C 9 30.06 -31.79 -15.20
CA ASP C 9 29.75 -30.95 -16.38
C ASP C 9 28.28 -31.16 -16.80
N GLN C 10 27.87 -32.42 -17.03
CA GLN C 10 26.47 -32.73 -17.42
C GLN C 10 25.51 -32.49 -16.26
N TYR C 11 25.96 -32.74 -15.01
CA TYR C 11 25.13 -32.46 -13.84
C TYR C 11 24.80 -30.96 -13.80
N ARG C 12 25.82 -30.10 -13.98
CA ARG C 12 25.61 -28.64 -13.98
C ARG C 12 24.63 -28.22 -15.08
N GLN C 13 24.80 -28.76 -16.30
CA GLN C 13 23.92 -28.41 -17.42
C GLN C 13 22.45 -28.77 -17.10
N LEU C 14 22.20 -29.96 -16.53
CA LEU C 14 20.85 -30.46 -16.18
C LEU C 14 20.25 -29.65 -15.04
N CYS C 15 21.06 -29.28 -14.03
CA CYS C 15 20.61 -28.46 -12.90
C CYS C 15 20.28 -27.02 -13.31
N CYS C 16 20.83 -26.55 -14.46
CA CYS C 16 20.58 -25.21 -14.98
C CYS C 16 19.57 -25.22 -16.13
N SER C 17 18.84 -26.32 -16.33
CA SER C 17 17.91 -26.45 -17.46
C SER C 17 16.43 -26.17 -17.14
N SER C 18 16.08 -25.89 -15.87
CA SER C 18 14.69 -25.66 -15.51
C SER C 18 14.27 -24.19 -15.67
N PRO C 19 12.99 -23.92 -16.01
CA PRO C 19 12.54 -22.51 -16.12
C PRO C 19 12.47 -21.76 -14.78
N LYS C 20 12.17 -22.43 -13.66
CA LYS C 20 12.10 -21.77 -12.36
C LYS C 20 13.51 -21.46 -11.79
N PHE C 21 14.40 -22.46 -11.78
CA PHE C 21 15.70 -22.21 -11.16
C PHE C 21 16.81 -21.68 -12.07
N GLY C 22 16.54 -21.56 -13.37
CA GLY C 22 17.48 -20.99 -14.34
C GLY C 22 18.90 -21.46 -14.09
N ASP C 23 19.84 -20.52 -13.98
CA ASP C 23 21.26 -20.83 -13.78
C ASP C 23 21.73 -20.72 -12.31
N ARG C 24 20.80 -20.77 -11.32
CA ARG C 24 21.16 -20.64 -9.90
C ARG C 24 22.32 -21.57 -9.48
N TYR C 25 22.23 -22.85 -9.86
CA TYR C 25 23.26 -23.84 -9.53
C TYR C 25 24.65 -23.42 -10.05
N ALA C 26 24.72 -22.86 -11.29
CA ALA C 26 25.99 -22.38 -11.86
C ALA C 26 26.55 -21.22 -11.04
N LEU C 27 25.68 -20.24 -10.64
CA LEU C 27 26.14 -19.14 -9.81
C LEU C 27 26.72 -19.66 -8.48
N VAL C 28 26.02 -20.64 -7.88
CA VAL C 28 26.40 -21.23 -6.59
C VAL C 28 27.80 -21.88 -6.69
N MET C 29 27.94 -22.87 -7.59
CA MET C 29 29.18 -23.63 -7.82
C MET C 29 30.32 -22.76 -8.29
N ASP C 30 30.04 -21.75 -9.13
CA ASP C 30 31.10 -20.84 -9.60
C ASP C 30 31.56 -19.87 -8.53
N LEU C 31 30.68 -19.48 -7.59
CA LEU C 31 31.10 -18.57 -6.51
C LEU C 31 31.97 -19.36 -5.54
N ILE C 32 31.61 -20.65 -5.32
CA ILE C 32 32.41 -21.55 -4.45
C ILE C 32 33.77 -21.74 -5.13
N ASN C 33 33.76 -21.90 -6.46
CA ASN C 33 34.98 -22.03 -7.23
C ASN C 33 35.81 -20.71 -7.19
N ALA C 34 35.15 -19.53 -7.30
CA ALA C 34 35.85 -18.24 -7.29
C ALA C 34 36.55 -17.95 -5.98
N TYR C 35 35.96 -18.44 -4.86
CA TYR C 35 36.53 -18.28 -3.53
C TYR C 35 37.60 -19.34 -3.24
N LYS C 36 38.00 -20.13 -4.27
CA LYS C 36 39.06 -21.16 -4.18
C LYS C 36 38.75 -22.28 -3.19
N LEU C 37 37.48 -22.61 -3.06
CA LEU C 37 37.04 -23.68 -2.16
C LEU C 37 37.08 -25.06 -2.80
N ILE C 38 36.93 -25.14 -4.12
CA ILE C 38 36.93 -26.41 -4.87
C ILE C 38 38.12 -27.37 -4.55
N PRO C 39 39.40 -26.90 -4.47
CA PRO C 39 40.50 -27.83 -4.11
C PRO C 39 40.40 -28.43 -2.70
N GLU C 40 39.52 -27.87 -1.83
CA GLU C 40 39.36 -28.35 -0.46
C GLU C 40 38.34 -29.47 -0.39
N LEU C 41 37.58 -29.67 -1.47
CA LEU C 41 36.46 -30.59 -1.51
C LEU C 41 36.68 -31.77 -2.43
N SER C 42 36.12 -32.92 -2.06
CA SER C 42 36.18 -34.10 -2.90
C SER C 42 34.96 -34.07 -3.80
N ARG C 43 35.16 -34.10 -5.11
CA ARG C 43 34.01 -34.13 -6.03
C ARG C 43 33.31 -35.49 -5.94
N VAL C 44 32.00 -35.46 -5.75
CA VAL C 44 31.21 -36.69 -5.64
C VAL C 44 30.45 -36.77 -6.97
N PRO C 45 30.76 -37.73 -7.83
CA PRO C 45 30.08 -37.78 -9.12
C PRO C 45 28.62 -38.24 -8.95
N PRO C 46 27.67 -37.62 -9.70
CA PRO C 46 26.27 -38.09 -9.62
C PRO C 46 26.19 -39.56 -10.05
N LEU C 47 25.35 -40.33 -9.38
CA LEU C 47 25.14 -41.73 -9.67
C LEU C 47 24.55 -41.97 -11.08
N GLN C 48 25.09 -42.96 -11.79
CA GLN C 48 24.54 -43.40 -13.08
C GLN C 48 24.23 -44.88 -12.99
N TRP C 49 23.25 -45.35 -13.75
CA TRP C 49 22.83 -46.77 -13.72
C TRP C 49 23.25 -47.58 -14.95
N ASP C 50 23.31 -48.92 -14.77
CA ASP C 50 23.71 -49.91 -15.78
C ASP C 50 22.64 -50.07 -16.84
N SER C 51 21.41 -49.61 -16.58
CA SER C 51 20.30 -49.79 -17.51
C SER C 51 19.08 -48.93 -17.14
N PRO C 52 18.11 -48.76 -18.08
CA PRO C 52 16.83 -48.10 -17.71
C PRO C 52 16.09 -48.85 -16.59
N SER C 53 16.18 -50.20 -16.52
CA SER C 53 15.53 -50.97 -15.46
C SER C 53 16.16 -50.69 -14.08
N ARG C 54 17.50 -50.55 -13.99
CA ARG C 54 18.13 -50.23 -12.69
C ARG C 54 17.75 -48.82 -12.24
N MET C 55 17.67 -47.89 -13.21
CA MET C 55 17.26 -46.50 -12.92
C MET C 55 15.82 -46.52 -12.36
N TYR C 56 14.91 -47.26 -13.03
CA TYR C 56 13.53 -47.36 -12.60
C TYR C 56 13.39 -47.95 -11.20
N GLU C 57 14.15 -49.03 -10.89
CA GLU C 57 14.19 -49.69 -9.58
C GLU C 57 14.53 -48.67 -8.49
N ALA C 58 15.55 -47.82 -8.76
CA ALA C 58 16.01 -46.80 -7.82
C ALA C 58 14.94 -45.74 -7.57
N VAL C 59 14.37 -45.15 -8.64
CA VAL C 59 13.37 -44.10 -8.53
C VAL C 59 12.07 -44.62 -7.90
N THR C 60 11.67 -45.86 -8.28
CA THR C 60 10.45 -46.48 -7.76
C THR C 60 10.54 -47.06 -6.35
N ALA C 61 11.72 -46.94 -5.67
CA ALA C 61 11.85 -47.31 -4.26
C ALA C 61 10.89 -46.41 -3.47
N PHE C 62 10.65 -45.16 -3.98
CA PHE C 62 9.66 -44.25 -3.41
C PHE C 62 8.48 -43.97 -4.37
N HIS C 63 8.78 -43.47 -5.58
CA HIS C 63 7.74 -43.03 -6.52
C HIS C 63 7.01 -44.16 -7.20
N SER C 64 5.73 -43.98 -7.55
CA SER C 64 5.00 -45.06 -8.24
C SER C 64 5.49 -45.15 -9.68
N THR C 65 5.44 -46.36 -10.25
CA THR C 65 5.85 -46.61 -11.63
C THR C 65 5.03 -45.73 -12.59
N GLU C 66 3.71 -45.61 -12.36
CA GLU C 66 2.82 -44.78 -13.17
C GLU C 66 3.19 -43.27 -13.13
N TYR C 67 3.65 -42.77 -11.97
CA TYR C 67 4.09 -41.37 -11.89
C TYR C 67 5.40 -41.16 -12.67
N VAL C 68 6.39 -42.08 -12.51
CA VAL C 68 7.66 -42.01 -13.22
C VAL C 68 7.43 -42.08 -14.73
N ASP C 69 6.50 -42.95 -15.17
CA ASP C 69 6.10 -43.11 -16.57
C ASP C 69 5.53 -41.79 -17.12
N ALA C 70 4.65 -41.14 -16.34
CA ALA C 70 3.99 -39.88 -16.72
C ALA C 70 5.04 -38.78 -16.87
N LEU C 71 5.98 -38.70 -15.90
CA LEU C 71 7.02 -37.67 -15.92
C LEU C 71 7.94 -37.81 -17.14
N LYS C 72 8.34 -39.06 -17.47
CA LYS C 72 9.15 -39.37 -18.66
C LYS C 72 8.40 -39.00 -19.95
N LYS C 73 7.08 -39.32 -20.00
CA LYS C 73 6.20 -39.00 -21.13
C LYS C 73 6.09 -37.47 -21.29
N LEU C 74 5.99 -36.73 -20.16
CA LEU C 74 5.90 -35.28 -20.15
C LEU C 74 7.13 -34.63 -20.82
N GLN C 75 8.34 -35.14 -20.50
CA GLN C 75 9.58 -34.68 -21.12
C GLN C 75 9.54 -34.91 -22.65
N MET C 76 9.22 -36.16 -23.05
CA MET C 76 9.12 -36.55 -24.47
C MET C 76 8.12 -35.65 -25.21
N LEU C 77 6.96 -35.37 -24.60
CA LEU C 77 5.95 -34.50 -25.23
C LEU C 77 6.46 -33.08 -25.42
N HIS C 78 7.19 -32.55 -24.43
CA HIS C 78 7.73 -31.20 -24.49
C HIS C 78 8.90 -31.07 -25.46
N CYS C 79 9.60 -32.19 -25.77
CA CYS C 79 10.70 -32.21 -26.75
C CYS C 79 10.20 -32.23 -28.20
N GLU C 80 8.92 -32.58 -28.43
CA GLU C 80 8.34 -32.69 -29.78
C GLU C 80 7.26 -31.65 -30.11
N GLU C 83 1.62 -30.25 -29.54
CA GLU C 83 0.61 -30.03 -28.50
C GLU C 83 0.10 -31.35 -27.89
N LEU C 84 -0.26 -31.30 -26.60
CA LEU C 84 -0.79 -32.44 -25.85
C LEU C 84 -2.22 -32.76 -26.27
N THR C 85 -2.59 -34.06 -26.29
CA THR C 85 -3.97 -34.51 -26.58
C THR C 85 -4.79 -34.29 -25.28
N ALA C 86 -6.13 -34.38 -25.37
CA ALA C 86 -7.04 -34.25 -24.24
C ALA C 86 -6.78 -35.34 -23.18
N ASP C 87 -6.48 -36.58 -23.62
CA ASP C 87 -6.13 -37.70 -22.72
C ASP C 87 -4.80 -37.46 -22.00
N ASP C 88 -3.83 -36.82 -22.70
CA ASP C 88 -2.51 -36.51 -22.14
C ASP C 88 -2.68 -35.45 -21.06
N GLU C 89 -3.57 -34.46 -21.29
CA GLU C 89 -3.87 -33.40 -20.30
C GLU C 89 -4.40 -34.01 -19.02
N LEU C 90 -5.39 -34.93 -19.10
CA LEU C 90 -5.98 -35.61 -17.94
C LEU C 90 -4.94 -36.40 -17.15
N LEU C 91 -4.07 -37.15 -17.86
CA LEU C 91 -3.01 -37.94 -17.26
C LEU C 91 -2.04 -37.04 -16.49
N MET C 92 -1.59 -35.93 -17.09
CA MET C 92 -0.67 -35.00 -16.42
C MET C 92 -1.28 -34.34 -15.20
N ASP C 93 -2.54 -33.87 -15.32
CA ASP C 93 -3.27 -33.26 -14.20
C ASP C 93 -3.46 -34.25 -13.04
N SER C 94 -3.63 -35.58 -13.34
CA SER C 94 -3.82 -36.61 -12.31
C SER C 94 -2.59 -36.79 -11.36
N PHE C 95 -1.39 -36.33 -11.80
CA PHE C 95 -0.13 -36.39 -11.03
C PHE C 95 0.33 -34.98 -10.65
N SER C 96 -0.53 -33.97 -10.87
CA SER C 96 -0.27 -32.54 -10.63
C SER C 96 0.94 -32.03 -11.44
N LEU C 97 1.09 -32.52 -12.69
CA LEU C 97 2.18 -32.08 -13.57
C LEU C 97 1.65 -30.94 -14.43
N ASN C 98 1.37 -29.81 -13.77
CA ASN C 98 0.76 -28.59 -14.32
C ASN C 98 1.03 -27.43 -13.35
N TYR C 99 0.49 -26.23 -13.64
CA TYR C 99 0.61 -25.03 -12.76
C TYR C 99 2.06 -24.71 -12.31
N ASP C 100 2.41 -24.88 -11.01
CA ASP C 100 3.77 -24.60 -10.51
C ASP C 100 4.74 -25.74 -10.80
N CYS C 101 4.21 -26.85 -11.36
CA CYS C 101 5.01 -28.01 -11.75
C CYS C 101 4.83 -28.32 -13.24
N PRO C 102 5.09 -27.33 -14.14
CA PRO C 102 4.86 -27.59 -15.56
C PRO C 102 5.90 -28.51 -16.17
N GLY C 103 5.60 -28.97 -17.36
CA GLY C 103 6.57 -29.71 -18.16
C GLY C 103 7.47 -28.70 -18.85
N PHE C 104 8.62 -29.18 -19.34
CA PHE C 104 9.63 -28.43 -20.07
C PHE C 104 10.51 -29.48 -20.74
N PRO C 105 11.31 -29.16 -21.78
CA PRO C 105 12.05 -30.21 -22.50
C PRO C 105 12.99 -31.09 -21.67
N SER C 106 13.51 -30.59 -20.54
CA SER C 106 14.43 -31.41 -19.72
C SER C 106 13.83 -31.83 -18.38
N VAL C 107 12.49 -31.75 -18.22
CA VAL C 107 11.80 -32.04 -16.95
C VAL C 107 12.21 -33.33 -16.25
N PHE C 108 12.23 -34.48 -16.96
CA PHE C 108 12.62 -35.75 -16.37
C PHE C 108 14.11 -35.79 -16.05
N ASP C 109 14.98 -35.38 -17.00
CA ASP C 109 16.44 -35.39 -16.79
C ASP C 109 16.86 -34.44 -15.65
N TYR C 110 16.23 -33.26 -15.56
CA TYR C 110 16.45 -32.25 -14.50
C TYR C 110 16.14 -32.85 -13.11
N SER C 111 14.93 -33.43 -12.97
CA SER C 111 14.40 -34.06 -11.75
C SER C 111 15.27 -35.24 -11.35
N LEU C 112 15.60 -36.10 -12.32
CA LEU C 112 16.43 -37.30 -12.08
C LEU C 112 17.83 -36.89 -11.63
N ALA C 113 18.40 -35.81 -12.20
CA ALA C 113 19.75 -35.35 -11.85
C ALA C 113 19.87 -35.15 -10.34
N ALA C 114 18.87 -34.50 -9.69
CA ALA C 114 18.93 -34.27 -8.23
C ALA C 114 18.98 -35.61 -7.45
N VAL C 115 18.20 -36.61 -7.93
CA VAL C 115 18.18 -37.96 -7.36
C VAL C 115 19.56 -38.58 -7.53
N GLN C 116 20.15 -38.50 -8.74
CA GLN C 116 21.50 -39.03 -8.99
C GLN C 116 22.54 -38.42 -8.02
N GLY C 117 22.43 -37.11 -7.80
CA GLY C 117 23.38 -36.39 -6.96
C GLY C 117 23.22 -36.78 -5.50
N SER C 118 21.97 -36.76 -5.00
CA SER C 118 21.71 -37.10 -3.59
C SER C 118 21.96 -38.56 -3.26
N LEU C 119 21.68 -39.48 -4.21
CA LEU C 119 21.96 -40.91 -4.03
C LEU C 119 23.47 -41.14 -3.95
N ALA C 120 24.25 -40.49 -4.84
CA ALA C 120 25.72 -40.59 -4.79
C ALA C 120 26.25 -40.00 -3.46
N ALA C 121 25.66 -38.86 -2.99
CA ALA C 121 26.07 -38.22 -1.74
C ALA C 121 25.83 -39.18 -0.55
N ALA C 122 24.64 -39.85 -0.51
CA ALA C 122 24.35 -40.85 0.53
C ALA C 122 25.37 -42.02 0.48
N SER C 123 25.72 -42.52 -0.72
CA SER C 123 26.69 -43.63 -0.85
C SER C 123 28.08 -43.27 -0.34
N ALA C 124 28.53 -42.01 -0.57
CA ALA C 124 29.82 -41.47 -0.11
C ALA C 124 29.89 -41.44 1.45
N LEU C 125 28.76 -41.16 2.12
CA LEU C 125 28.67 -41.17 3.59
C LEU C 125 28.72 -42.61 4.10
N ILE C 126 27.96 -43.53 3.42
CA ILE C 126 27.85 -44.94 3.80
C ILE C 126 29.23 -45.61 3.83
N CYS C 127 29.99 -45.54 2.71
CA CYS C 127 31.31 -46.15 2.61
C CYS C 127 32.38 -45.36 3.39
N ARG C 128 32.01 -44.25 4.05
CA ARG C 128 32.92 -43.42 4.86
C ARG C 128 34.01 -42.72 4.02
N HIS C 129 33.75 -42.48 2.73
CA HIS C 129 34.66 -41.72 1.89
C HIS C 129 34.63 -40.24 2.34
N CYS C 130 33.44 -39.75 2.69
CA CYS C 130 33.25 -38.37 3.16
C CYS C 130 32.56 -38.37 4.50
N GLU C 131 32.89 -37.39 5.35
CA GLU C 131 32.19 -37.25 6.62
C GLU C 131 30.97 -36.40 6.38
N VAL C 132 31.03 -35.52 5.37
CA VAL C 132 29.92 -34.63 5.02
C VAL C 132 29.86 -34.56 3.53
N VAL C 133 28.65 -34.51 2.95
CA VAL C 133 28.49 -34.32 1.50
C VAL C 133 27.46 -33.22 1.26
N ILE C 134 27.81 -32.30 0.37
CA ILE C 134 26.94 -31.18 0.02
C ILE C 134 26.39 -31.43 -1.38
N ASN C 135 25.11 -31.24 -1.59
CA ASN C 135 24.52 -31.31 -2.95
C ASN C 135 23.63 -30.08 -3.17
N TRP C 136 24.21 -28.99 -3.74
CA TRP C 136 23.42 -27.77 -3.99
C TRP C 136 22.41 -27.89 -5.14
N GLY C 137 22.40 -29.04 -5.80
CA GLY C 137 21.44 -29.37 -6.86
C GLY C 137 20.24 -30.15 -6.35
N GLY C 138 20.27 -30.57 -5.07
CA GLY C 138 19.19 -31.35 -4.48
C GLY C 138 18.39 -30.60 -3.42
N GLY C 139 17.54 -31.31 -2.69
CA GLY C 139 16.72 -30.74 -1.62
C GLY C 139 15.27 -30.52 -1.98
N TRP C 140 14.73 -31.34 -2.92
CA TRP C 140 13.36 -31.21 -3.44
C TRP C 140 12.29 -31.87 -2.58
N HIS C 141 12.06 -31.24 -1.43
CA HIS C 141 11.23 -31.72 -0.33
C HIS C 141 9.73 -31.90 -0.49
N HIS C 142 9.09 -31.29 -1.49
CA HIS C 142 7.63 -31.40 -1.64
C HIS C 142 7.14 -32.57 -2.50
N ALA C 143 8.04 -33.17 -3.33
CA ALA C 143 7.57 -34.22 -4.26
C ALA C 143 7.03 -35.45 -3.53
N LYS C 144 5.86 -35.97 -3.95
CA LYS C 144 5.20 -37.11 -3.29
C LYS C 144 5.31 -38.36 -4.14
N ARG C 145 4.96 -39.55 -3.58
CA ARG C 145 4.99 -40.82 -4.32
C ARG C 145 4.42 -40.68 -5.74
N SER C 146 3.23 -40.06 -5.90
CA SER C 146 2.62 -39.94 -7.21
C SER C 146 2.18 -38.52 -7.51
N GLU C 147 2.96 -37.52 -7.08
CA GLU C 147 2.55 -36.15 -7.31
C GLU C 147 3.71 -35.19 -7.26
N ALA C 148 3.74 -34.27 -8.23
CA ALA C 148 4.74 -33.19 -8.27
C ALA C 148 4.15 -32.06 -7.42
N SER C 149 4.98 -31.34 -6.66
CA SER C 149 4.50 -30.22 -5.85
C SER C 149 5.59 -29.17 -5.66
N GLY C 150 5.21 -27.89 -5.79
CA GLY C 150 6.09 -26.73 -5.55
C GLY C 150 7.43 -26.79 -6.24
N PHE C 151 7.40 -27.09 -7.55
CA PHE C 151 8.57 -27.28 -8.42
C PHE C 151 9.47 -28.47 -8.05
N CYS C 152 8.96 -29.41 -7.21
CA CYS C 152 9.65 -30.65 -6.83
C CYS C 152 8.98 -31.80 -7.61
N TYR C 153 9.72 -32.47 -8.51
CA TYR C 153 9.16 -33.54 -9.34
C TYR C 153 9.52 -34.91 -8.78
N LEU C 154 10.76 -35.08 -8.36
CA LEU C 154 11.25 -36.34 -7.77
C LEU C 154 11.84 -36.00 -6.43
N ASN C 155 11.51 -36.77 -5.41
CA ASN C 155 12.04 -36.51 -4.08
C ASN C 155 13.41 -37.17 -3.85
N ASP C 156 14.48 -36.43 -4.18
CA ASP C 156 15.87 -36.87 -3.99
C ASP C 156 16.18 -37.12 -2.51
N ILE C 157 15.56 -36.31 -1.62
CA ILE C 157 15.74 -36.41 -0.16
C ILE C 157 15.25 -37.76 0.32
N VAL C 158 13.98 -38.10 0.01
CA VAL C 158 13.40 -39.40 0.43
C VAL C 158 14.26 -40.58 -0.04
N LEU C 159 14.69 -40.51 -1.31
CA LEU C 159 15.51 -41.57 -1.89
C LEU C 159 16.87 -41.66 -1.23
N ALA C 160 17.49 -40.49 -0.94
CA ALA C 160 18.77 -40.45 -0.23
C ALA C 160 18.64 -41.06 1.20
N ILE C 161 17.61 -40.66 1.96
CA ILE C 161 17.34 -41.14 3.32
C ILE C 161 17.08 -42.64 3.31
N HIS C 162 16.29 -43.12 2.35
CA HIS C 162 15.98 -44.55 2.25
C HIS C 162 17.27 -45.38 2.07
N ARG C 163 18.22 -44.89 1.23
CA ARG C 163 19.52 -45.57 1.06
C ARG C 163 20.29 -45.56 2.39
N LEU C 164 20.29 -44.40 3.12
CA LEU C 164 21.00 -44.25 4.40
C LEU C 164 20.44 -45.19 5.46
N VAL C 165 19.11 -45.16 5.64
CA VAL C 165 18.44 -45.96 6.67
C VAL C 165 18.50 -47.48 6.41
N SER C 166 18.63 -47.91 5.14
CA SER C 166 18.70 -49.32 4.74
C SER C 166 20.15 -49.85 4.77
N SER C 167 21.14 -48.98 5.02
CA SER C 167 22.55 -49.39 5.08
C SER C 167 22.86 -50.03 6.45
N THR C 168 24.01 -50.71 6.56
CA THR C 168 24.46 -51.35 7.80
C THR C 168 25.64 -50.60 8.44
N GLN C 177 20.49 -49.73 16.25
CA GLN C 177 19.61 -49.49 15.10
C GLN C 177 19.99 -48.22 14.33
N THR C 178 19.95 -48.30 12.98
CA THR C 178 20.25 -47.15 12.12
C THR C 178 19.05 -46.20 12.13
N ARG C 179 19.30 -44.96 12.58
CA ARG C 179 18.31 -43.89 12.60
C ARG C 179 18.86 -42.70 11.83
N VAL C 180 17.97 -42.03 11.09
CA VAL C 180 18.33 -40.82 10.34
C VAL C 180 17.56 -39.65 10.94
N LEU C 181 18.23 -38.52 11.18
CA LEU C 181 17.56 -37.30 11.61
C LEU C 181 17.52 -36.37 10.40
N TYR C 182 16.31 -35.98 9.98
CA TYR C 182 16.12 -35.06 8.86
C TYR C 182 15.77 -33.70 9.42
N VAL C 183 16.56 -32.68 9.02
CA VAL C 183 16.39 -31.32 9.50
C VAL C 183 16.04 -30.44 8.30
N ASP C 184 14.85 -29.83 8.27
CA ASP C 184 14.44 -29.03 7.11
C ASP C 184 14.40 -27.56 7.50
N LEU C 185 15.39 -26.79 7.01
CA LEU C 185 15.55 -25.35 7.32
C LEU C 185 14.90 -24.39 6.36
N ASP C 186 14.31 -24.92 5.30
CA ASP C 186 13.67 -24.13 4.26
C ASP C 186 12.53 -23.32 4.88
N LEU C 187 12.14 -22.19 4.26
CA LEU C 187 11.00 -21.36 4.65
C LEU C 187 9.70 -22.16 4.63
N HIS C 188 9.61 -23.17 3.73
CA HIS C 188 8.40 -23.97 3.58
C HIS C 188 8.46 -25.28 4.32
N HIS C 189 7.29 -25.78 4.73
CA HIS C 189 7.17 -27.04 5.46
C HIS C 189 7.66 -28.18 4.58
N GLY C 190 8.53 -29.03 5.10
CA GLY C 190 9.01 -30.18 4.35
C GLY C 190 8.01 -31.32 4.29
N ASP C 191 6.82 -31.07 3.70
CA ASP C 191 5.71 -32.03 3.63
C ASP C 191 5.96 -33.39 2.96
N GLY C 192 6.64 -33.41 1.80
CA GLY C 192 6.89 -34.65 1.07
C GLY C 192 7.78 -35.62 1.85
N VAL C 193 8.82 -35.09 2.52
CA VAL C 193 9.74 -35.91 3.31
C VAL C 193 8.99 -36.41 4.54
N GLU C 194 8.33 -35.50 5.26
CA GLU C 194 7.60 -35.87 6.47
C GLU C 194 6.58 -37.02 6.20
N GLU C 195 5.82 -36.88 5.08
CA GLU C 195 4.79 -37.84 4.68
C GLU C 195 5.38 -39.21 4.33
N ALA C 196 6.53 -39.24 3.64
CA ALA C 196 7.18 -40.49 3.27
C ALA C 196 7.58 -41.30 4.50
N PHE C 197 7.96 -40.62 5.61
CA PHE C 197 8.39 -41.29 6.83
C PHE C 197 7.43 -41.20 8.03
N TRP C 198 6.18 -40.74 7.76
CA TRP C 198 5.12 -40.57 8.76
C TRP C 198 4.94 -41.81 9.67
N TYR C 199 5.11 -43.01 9.11
CA TYR C 199 4.98 -44.28 9.85
C TYR C 199 6.31 -44.91 10.27
N SER C 200 7.45 -44.22 10.02
CA SER C 200 8.77 -44.76 10.32
C SER C 200 9.42 -44.14 11.55
N PRO C 201 9.64 -44.93 12.61
CA PRO C 201 10.35 -44.39 13.79
C PRO C 201 11.83 -44.18 13.51
N ARG C 202 12.39 -44.85 12.49
CA ARG C 202 13.82 -44.77 12.19
C ARG C 202 14.25 -43.50 11.48
N VAL C 203 13.29 -42.76 10.90
CA VAL C 203 13.57 -41.51 10.24
C VAL C 203 12.77 -40.47 10.97
N VAL C 204 13.49 -39.69 11.80
CA VAL C 204 12.85 -38.62 12.54
C VAL C 204 12.94 -37.37 11.66
N THR C 205 11.79 -36.71 11.38
CA THR C 205 11.82 -35.51 10.57
C THR C 205 11.59 -34.27 11.48
N PHE C 206 12.28 -33.18 11.17
CA PHE C 206 12.09 -31.93 11.91
C PHE C 206 12.10 -30.79 10.91
N SER C 207 10.98 -30.07 10.81
CA SER C 207 10.89 -28.94 9.92
C SER C 207 10.63 -27.67 10.71
N VAL C 208 11.41 -26.61 10.41
CA VAL C 208 11.21 -25.24 10.93
C VAL C 208 10.78 -24.44 9.72
N HIS C 209 9.67 -23.67 9.83
CA HIS C 209 9.16 -23.00 8.62
C HIS C 209 8.16 -21.95 8.97
N HIS C 210 7.75 -21.19 7.98
CA HIS C 210 6.63 -20.27 8.16
C HIS C 210 5.34 -21.05 7.87
N ALA C 211 4.28 -20.77 8.63
CA ALA C 211 2.96 -21.32 8.34
C ALA C 211 1.93 -20.21 8.65
N SER C 212 0.97 -20.02 7.73
CA SER C 212 -0.09 -19.02 7.87
C SER C 212 -1.22 -19.39 6.90
N PRO C 213 -2.46 -18.90 7.11
CA PRO C 213 -3.55 -19.30 6.19
C PRO C 213 -3.26 -18.96 4.73
N GLY C 214 -3.41 -19.95 3.86
CA GLY C 214 -3.21 -19.81 2.43
C GLY C 214 -1.75 -19.90 1.99
N PHE C 215 -0.81 -20.02 2.93
CA PHE C 215 0.62 -20.07 2.61
C PHE C 215 1.01 -21.51 2.28
N PHE C 216 1.72 -21.71 1.17
CA PHE C 216 2.15 -23.03 0.69
C PHE C 216 3.09 -23.79 1.68
N PRO C 217 2.97 -25.13 1.85
CA PRO C 217 1.94 -26.04 1.31
C PRO C 217 0.72 -26.15 2.23
N GLY C 218 0.75 -25.50 3.40
CA GLY C 218 -0.38 -25.44 4.33
C GLY C 218 -0.30 -26.37 5.53
N THR C 219 0.72 -27.24 5.58
CA THR C 219 0.89 -28.21 6.66
C THR C 219 2.02 -27.79 7.61
N GLY C 220 2.36 -28.68 8.55
CA GLY C 220 3.40 -28.43 9.55
C GLY C 220 2.96 -27.49 10.65
N THR C 221 1.64 -27.41 10.89
CA THR C 221 1.06 -26.53 11.90
C THR C 221 -0.15 -27.16 12.59
N TRP C 222 -0.85 -26.42 13.46
CA TRP C 222 -2.06 -26.87 14.15
C TRP C 222 -3.12 -27.42 13.21
N ASN C 223 -3.76 -28.50 13.64
CA ASN C 223 -4.83 -29.18 12.94
C ASN C 223 -6.09 -28.99 13.80
N MET C 224 -7.00 -28.14 13.33
CA MET C 224 -8.26 -27.83 14.03
C MET C 224 -9.45 -27.96 13.08
N VAL C 225 -9.35 -28.95 12.18
CA VAL C 225 -10.32 -29.27 11.12
C VAL C 225 -11.23 -30.45 11.47
N LEU C 230 -10.46 -27.39 19.91
CA LEU C 230 -9.23 -27.79 20.59
C LEU C 230 -8.17 -28.19 19.51
N PRO C 231 -7.35 -27.24 18.98
CA PRO C 231 -6.38 -27.60 17.93
C PRO C 231 -5.27 -28.53 18.39
N ILE C 232 -4.97 -29.54 17.57
CA ILE C 232 -3.91 -30.53 17.86
C ILE C 232 -2.78 -30.50 16.82
N PHE C 233 -1.61 -30.98 17.23
CA PHE C 233 -0.49 -31.14 16.34
C PHE C 233 -0.34 -32.61 16.00
N LEU C 234 -0.49 -32.97 14.72
CA LEU C 234 -0.27 -34.35 14.27
C LEU C 234 1.27 -34.52 14.20
N ASN C 235 1.77 -35.68 14.61
CA ASN C 235 3.22 -35.90 14.72
C ASN C 235 3.69 -37.31 14.28
N GLY C 236 2.95 -37.93 13.35
CA GLY C 236 3.24 -39.27 12.89
C GLY C 236 2.16 -40.25 13.34
N ALA C 237 2.12 -41.44 12.73
CA ALA C 237 1.14 -42.45 13.10
C ALA C 237 1.72 -43.87 13.09
N GLY C 238 1.02 -44.80 13.74
CA GLY C 238 1.44 -46.20 13.84
C GLY C 238 2.72 -46.32 14.63
N ARG C 239 3.71 -47.01 14.05
CA ARG C 239 5.02 -47.15 14.66
C ARG C 239 5.82 -45.83 14.59
N GLY C 240 5.36 -44.90 13.75
CA GLY C 240 5.99 -43.59 13.55
C GLY C 240 5.40 -42.47 14.40
N ARG C 241 4.52 -42.81 15.35
CA ARG C 241 3.90 -41.81 16.21
C ARG C 241 4.98 -41.05 16.98
N PHE C 242 4.87 -39.69 17.01
CA PHE C 242 5.78 -38.77 17.72
C PHE C 242 7.15 -38.59 16.99
N SER C 243 7.30 -39.13 15.77
CA SER C 243 8.54 -39.06 14.98
C SER C 243 8.55 -37.90 13.96
N ALA C 244 7.43 -37.18 13.77
CA ALA C 244 7.38 -36.04 12.84
C ALA C 244 7.26 -34.74 13.66
N PHE C 245 8.34 -33.95 13.67
CA PHE C 245 8.41 -32.72 14.46
C PHE C 245 8.25 -31.51 13.56
N ASN C 246 7.62 -30.47 14.11
CA ASN C 246 7.37 -29.24 13.35
C ASN C 246 7.41 -28.04 14.25
N LEU C 247 8.01 -26.98 13.75
CA LEU C 247 8.05 -25.70 14.45
C LEU C 247 7.57 -24.60 13.51
N PRO C 248 6.27 -24.28 13.50
CA PRO C 248 5.80 -23.20 12.61
C PRO C 248 6.11 -21.86 13.28
N LEU C 249 6.62 -20.91 12.52
CA LEU C 249 6.99 -19.60 13.03
C LEU C 249 6.30 -18.47 12.27
N GLU C 250 6.00 -17.38 12.97
CA GLU C 250 5.39 -16.18 12.40
C GLU C 250 6.41 -15.46 11.51
N GLU C 251 5.93 -14.66 10.57
CA GLU C 251 6.82 -13.89 9.72
C GLU C 251 7.64 -12.84 10.49
N GLY C 252 8.80 -12.50 9.92
CA GLY C 252 9.69 -11.45 10.44
C GLY C 252 10.82 -11.90 11.34
N ILE C 253 10.93 -13.21 11.62
CA ILE C 253 11.99 -13.71 12.52
C ILE C 253 13.41 -13.38 12.00
N ASN C 254 14.29 -12.96 12.91
CA ASN C 254 15.67 -12.60 12.59
C ASN C 254 16.63 -13.76 12.90
N ASP C 255 17.94 -13.60 12.61
CA ASP C 255 18.92 -14.67 12.83
C ASP C 255 18.96 -15.15 14.29
N LEU C 256 19.09 -14.21 15.25
CA LEU C 256 19.20 -14.57 16.68
C LEU C 256 17.98 -15.34 17.17
N ASP C 257 16.77 -14.86 16.89
CA ASP C 257 15.57 -15.52 17.36
C ASP C 257 15.36 -16.89 16.71
N TRP C 258 15.62 -17.01 15.40
CA TRP C 258 15.50 -18.29 14.68
C TRP C 258 16.56 -19.27 15.21
N SER C 259 17.77 -18.77 15.57
CA SER C 259 18.87 -19.59 16.12
C SER C 259 18.47 -20.12 17.49
N ASN C 260 17.99 -19.22 18.37
CA ASN C 260 17.53 -19.60 19.69
C ASN C 260 16.28 -20.49 19.67
N ALA C 261 15.47 -20.41 18.62
CA ALA C 261 14.29 -21.24 18.46
C ALA C 261 14.73 -22.68 18.18
N ILE C 262 15.60 -22.89 17.18
CA ILE C 262 15.97 -24.24 16.78
C ILE C 262 17.16 -24.90 17.46
N GLY C 263 18.09 -24.11 17.95
CA GLY C 263 19.31 -24.59 18.61
C GLY C 263 19.08 -25.65 19.69
N PRO C 264 18.28 -25.38 20.73
CA PRO C 264 18.07 -26.39 21.77
C PRO C 264 17.24 -27.59 21.31
N ILE C 265 16.33 -27.40 20.32
CA ILE C 265 15.52 -28.51 19.81
C ILE C 265 16.47 -29.47 19.08
N LEU C 266 17.32 -28.90 18.21
CA LEU C 266 18.29 -29.67 17.44
C LEU C 266 19.19 -30.48 18.34
N ASP C 267 19.71 -29.86 19.38
CA ASP C 267 20.64 -30.51 20.32
C ASP C 267 19.92 -31.62 21.10
N SER C 268 18.65 -31.37 21.49
CA SER C 268 17.82 -32.36 22.21
C SER C 268 17.49 -33.55 21.30
N LEU C 269 17.16 -33.29 20.01
CA LEU C 269 16.88 -34.37 19.04
C LEU C 269 18.15 -35.21 18.89
N ASN C 270 19.32 -34.57 18.83
CA ASN C 270 20.58 -35.33 18.72
C ASN C 270 20.85 -36.22 19.94
N ILE C 271 20.72 -35.66 21.15
CA ILE C 271 20.92 -36.40 22.42
C ILE C 271 19.99 -37.62 22.46
N VAL C 272 18.70 -37.43 22.23
CA VAL C 272 17.71 -38.51 22.34
C VAL C 272 17.75 -39.54 21.20
N ILE C 273 17.66 -39.08 19.96
CA ILE C 273 17.63 -39.97 18.79
C ILE C 273 18.97 -40.65 18.55
N GLN C 274 20.11 -39.99 18.86
CA GLN C 274 21.48 -40.52 18.60
C GLN C 274 21.53 -40.98 17.13
N PRO C 275 21.22 -40.09 16.13
CA PRO C 275 21.16 -40.54 14.73
C PRO C 275 22.50 -41.03 14.17
N SER C 276 22.45 -42.00 13.25
CA SER C 276 23.62 -42.55 12.57
C SER C 276 24.02 -41.62 11.41
N TYR C 277 23.03 -40.86 10.90
CA TYR C 277 23.20 -39.87 9.82
C TYR C 277 22.26 -38.72 10.04
N VAL C 278 22.68 -37.54 9.61
CA VAL C 278 21.84 -36.34 9.63
C VAL C 278 21.67 -35.90 8.16
N VAL C 279 20.42 -35.59 7.75
CA VAL C 279 20.18 -35.03 6.42
C VAL C 279 19.60 -33.61 6.64
N VAL C 280 20.28 -32.59 6.11
CA VAL C 280 19.87 -31.19 6.27
C VAL C 280 19.42 -30.60 4.94
N GLN C 281 18.19 -30.06 4.87
CA GLN C 281 17.72 -29.36 3.66
C GLN C 281 17.97 -27.90 4.05
N CYS C 282 18.78 -27.15 3.25
CA CYS C 282 19.19 -25.78 3.56
CA CYS C 282 19.18 -25.75 3.51
C CYS C 282 18.60 -24.74 2.55
N GLY C 283 17.31 -24.84 2.26
CA GLY C 283 16.62 -23.92 1.37
C GLY C 283 16.88 -22.50 1.83
N ALA C 284 17.34 -21.62 0.90
CA ALA C 284 17.79 -20.24 1.17
C ALA C 284 16.67 -19.20 1.14
N ASP C 285 15.43 -19.63 1.04
CA ASP C 285 14.27 -18.72 1.01
C ASP C 285 13.90 -18.02 2.34
N CYS C 286 14.65 -18.32 3.45
CA CYS C 286 14.47 -17.65 4.74
C CYS C 286 15.25 -16.34 4.76
N LEU C 287 16.12 -16.11 3.74
CA LEU C 287 16.92 -14.87 3.68
C LEU C 287 16.02 -13.68 3.61
N ALA C 288 16.41 -12.59 4.28
CA ALA C 288 15.68 -11.33 4.33
C ALA C 288 15.50 -10.75 2.94
N THR C 289 16.40 -11.10 2.01
CA THR C 289 16.39 -10.62 0.63
C THR C 289 15.68 -11.58 -0.34
N ASP C 290 15.15 -12.70 0.16
CA ASP C 290 14.41 -13.60 -0.73
C ASP C 290 13.11 -12.89 -1.22
N PRO C 291 12.66 -13.00 -2.50
CA PRO C 291 11.40 -12.31 -2.88
C PRO C 291 10.17 -12.77 -2.08
N HIS C 292 10.22 -13.93 -1.37
CA HIS C 292 9.08 -14.32 -0.51
C HIS C 292 8.91 -13.27 0.59
N ARG C 293 10.05 -12.67 1.03
CA ARG C 293 10.08 -11.61 2.05
C ARG C 293 9.32 -12.01 3.34
N ILE C 294 9.66 -13.18 3.88
CA ILE C 294 8.95 -13.65 5.09
C ILE C 294 9.84 -13.58 6.33
N PHE C 295 10.94 -14.33 6.31
CA PHE C 295 11.89 -14.34 7.43
C PHE C 295 12.97 -13.32 7.15
N ARG C 296 13.77 -13.00 8.16
CA ARG C 296 14.80 -11.98 8.00
C ARG C 296 16.18 -12.53 8.32
N LEU C 297 16.46 -13.73 7.83
CA LEU C 297 17.77 -14.37 8.01
C LEU C 297 18.82 -13.76 7.07
N THR C 298 20.12 -13.86 7.45
CA THR C 298 21.21 -13.31 6.66
C THR C 298 22.23 -14.42 6.41
N ASN C 299 23.33 -14.08 5.74
CA ASN C 299 24.49 -15.00 5.57
C ASN C 299 25.66 -14.37 6.35
N PHE C 300 25.38 -13.47 7.35
CA PHE C 300 26.50 -12.82 8.07
C PHE C 300 27.32 -13.76 8.93
N TYR C 301 28.63 -13.57 8.94
CA TYR C 301 29.55 -14.37 9.73
C TYR C 301 30.50 -13.41 10.47
N PRO C 302 30.10 -12.96 11.68
CA PRO C 302 30.93 -12.00 12.44
C PRO C 302 32.24 -12.60 12.91
N CYS C 314 26.33 -7.72 15.35
CA CYS C 314 25.64 -8.59 14.40
C CYS C 314 25.64 -10.03 14.88
N SER C 315 24.48 -10.68 14.84
CA SER C 315 24.38 -12.08 15.22
C SER C 315 24.92 -12.92 14.05
N LEU C 316 25.30 -14.15 14.36
CA LEU C 316 25.73 -15.07 13.34
C LEU C 316 24.45 -15.42 12.53
N SER C 317 24.60 -15.60 11.21
CA SER C 317 23.54 -16.06 10.33
C SER C 317 22.86 -17.28 10.98
N GLY C 318 21.53 -17.30 11.00
CA GLY C 318 20.77 -18.41 11.55
C GLY C 318 21.15 -19.71 10.85
N TYR C 319 21.33 -19.65 9.53
CA TYR C 319 21.77 -20.82 8.76
C TYR C 319 23.14 -21.33 9.21
N LEU C 320 24.11 -20.43 9.36
CA LEU C 320 25.47 -20.80 9.78
C LEU C 320 25.47 -21.32 11.21
N TYR C 321 24.66 -20.73 12.09
CA TYR C 321 24.49 -21.18 13.48
C TYR C 321 24.02 -22.65 13.50
N ALA C 322 22.94 -22.96 12.78
CA ALA C 322 22.39 -24.33 12.75
C ALA C 322 23.36 -25.34 12.11
N ILE C 323 23.98 -24.97 10.97
CA ILE C 323 24.92 -25.86 10.29
C ILE C 323 26.10 -26.13 11.22
N LYS C 324 26.67 -25.08 11.84
CA LYS C 324 27.81 -25.26 12.77
C LYS C 324 27.42 -26.21 13.93
N LYS C 325 26.22 -26.01 14.52
CA LYS C 325 25.68 -26.85 15.60
C LYS C 325 25.54 -28.33 15.15
N ILE C 326 24.92 -28.57 14.00
CA ILE C 326 24.74 -29.93 13.45
C ILE C 326 26.09 -30.62 13.25
N LEU C 327 27.04 -29.88 12.68
CA LEU C 327 28.37 -30.43 12.40
C LEU C 327 29.19 -30.73 13.65
N SER C 328 28.88 -30.04 14.78
CA SER C 328 29.57 -30.25 16.06
C SER C 328 29.28 -31.67 16.63
N TRP C 329 28.19 -32.31 16.19
CA TRP C 329 27.81 -33.65 16.65
C TRP C 329 28.70 -34.75 16.10
N LYS C 330 29.45 -34.46 15.01
CA LYS C 330 30.37 -35.41 14.35
C LYS C 330 29.62 -36.66 13.89
N VAL C 331 28.45 -36.44 13.30
CA VAL C 331 27.62 -37.51 12.75
C VAL C 331 27.74 -37.34 11.21
N PRO C 332 27.91 -38.43 10.41
CA PRO C 332 27.95 -38.28 8.93
C PRO C 332 26.71 -37.50 8.47
N THR C 333 26.91 -36.42 7.69
CA THR C 333 25.84 -35.47 7.33
C THR C 333 25.73 -35.19 5.83
N LEU C 334 24.50 -35.10 5.34
CA LEU C 334 24.19 -34.72 3.97
C LEU C 334 23.57 -33.32 4.06
N ILE C 335 24.15 -32.34 3.33
CA ILE C 335 23.66 -30.97 3.27
C ILE C 335 23.13 -30.72 1.85
N LEU C 336 21.84 -30.43 1.74
CA LEU C 336 21.16 -30.22 0.48
C LEU C 336 20.66 -28.79 0.31
N GLY C 337 20.39 -28.40 -0.91
CA GLY C 337 19.84 -27.08 -1.20
C GLY C 337 18.34 -27.07 -0.99
N GLY C 338 17.64 -26.47 -1.93
CA GLY C 338 16.18 -26.34 -1.87
C GLY C 338 15.71 -25.04 -2.46
N GLY C 339 14.73 -24.40 -1.82
CA GLY C 339 14.20 -23.10 -2.28
C GLY C 339 15.26 -22.00 -2.20
N GLY C 340 14.99 -20.87 -2.84
CA GLY C 340 15.92 -19.75 -2.86
C GLY C 340 15.82 -19.10 -4.20
N TYR C 341 15.05 -18.02 -4.25
CA TYR C 341 14.67 -17.32 -5.45
C TYR C 341 15.42 -16.02 -5.74
N ASN C 342 16.36 -15.61 -4.88
CA ASN C 342 17.26 -14.47 -5.15
C ASN C 342 18.56 -15.22 -5.42
N PHE C 343 18.90 -15.46 -6.71
CA PHE C 343 20.04 -16.33 -7.05
C PHE C 343 21.39 -15.89 -6.51
N PRO C 344 21.79 -14.61 -6.65
CA PRO C 344 23.10 -14.17 -6.10
C PRO C 344 23.16 -14.30 -4.58
N ASP C 345 22.06 -13.98 -3.88
CA ASP C 345 22.03 -14.10 -2.42
C ASP C 345 22.02 -15.54 -1.95
N THR C 346 21.39 -16.44 -2.72
CA THR C 346 21.41 -17.88 -2.40
C THR C 346 22.87 -18.37 -2.55
N ALA C 347 23.54 -17.99 -3.65
CA ALA C 347 24.95 -18.32 -3.85
C ALA C 347 25.84 -17.74 -2.73
N ARG C 348 25.59 -16.49 -2.28
CA ARG C 348 26.33 -15.86 -1.14
C ARG C 348 26.16 -16.74 0.15
N LEU C 349 24.91 -17.16 0.44
CA LEU C 349 24.66 -18.01 1.62
C LEU C 349 25.34 -19.39 1.46
N TRP C 350 25.06 -20.05 0.33
CA TRP C 350 25.59 -21.40 0.10
C TRP C 350 27.11 -21.50 0.03
N THR C 351 27.78 -20.42 -0.39
CA THR C 351 29.25 -20.38 -0.40
C THR C 351 29.73 -20.32 1.04
N ARG C 352 29.06 -19.52 1.89
CA ARG C 352 29.42 -19.39 3.31
C ARG C 352 29.20 -20.68 4.08
N VAL C 353 28.09 -21.40 3.77
CA VAL C 353 27.81 -22.73 4.35
C VAL C 353 28.92 -23.71 3.96
N THR C 354 29.34 -23.66 2.68
CA THR C 354 30.40 -24.53 2.16
C THR C 354 31.72 -24.27 2.89
N ALA C 355 32.13 -22.99 3.02
CA ALA C 355 33.38 -22.64 3.68
C ALA C 355 33.33 -23.05 5.16
N LEU C 356 32.18 -22.84 5.81
CA LEU C 356 32.02 -23.22 7.23
C LEU C 356 32.17 -24.74 7.39
N THR C 357 31.53 -25.50 6.48
CA THR C 357 31.58 -26.97 6.52
C THR C 357 33.05 -27.44 6.48
N ILE C 358 33.86 -26.86 5.57
CA ILE C 358 35.30 -27.16 5.46
C ILE C 358 35.99 -26.87 6.78
N GLU C 359 35.74 -25.64 7.35
CA GLU C 359 36.37 -25.23 8.60
C GLU C 359 36.03 -26.17 9.73
N GLU C 360 34.73 -26.52 9.85
CA GLU C 360 34.24 -27.36 10.93
C GLU C 360 34.74 -28.79 10.85
N VAL C 361 34.67 -29.38 9.67
CA VAL C 361 35.10 -30.77 9.46
C VAL C 361 36.61 -30.93 9.44
N LYS C 362 37.30 -30.15 8.60
CA LYS C 362 38.74 -30.26 8.43
C LYS C 362 39.57 -29.57 9.52
N GLY C 363 38.99 -28.61 10.24
CA GLY C 363 39.72 -27.84 11.25
C GLY C 363 40.66 -26.82 10.61
N LYS C 364 40.40 -26.50 9.34
CA LYS C 364 41.17 -25.62 8.46
C LYS C 364 40.45 -24.28 8.28
N LYS C 365 41.08 -23.17 8.68
CA LYS C 365 40.53 -21.81 8.53
C LYS C 365 40.26 -21.50 7.05
N MET C 366 39.05 -21.01 6.75
CA MET C 366 38.63 -20.63 5.40
C MET C 366 38.21 -19.17 5.45
N THR C 367 39.16 -18.27 5.24
CA THR C 367 38.88 -16.84 5.25
C THR C 367 38.36 -16.45 3.89
N ILE C 368 37.14 -15.94 3.85
CA ILE C 368 36.60 -15.55 2.56
C ILE C 368 36.56 -14.04 2.44
N SER C 369 37.10 -13.48 1.36
CA SER C 369 37.16 -12.04 1.18
C SER C 369 35.75 -11.40 1.22
N PRO C 370 35.58 -10.19 1.81
CA PRO C 370 34.25 -9.56 1.76
C PRO C 370 33.86 -9.09 0.34
N GLU C 371 34.86 -8.89 -0.57
CA GLU C 371 34.67 -8.49 -1.96
C GLU C 371 34.49 -9.77 -2.82
N ILE C 372 33.43 -9.83 -3.67
CA ILE C 372 33.20 -10.98 -4.57
C ILE C 372 34.43 -11.08 -5.50
N PRO C 373 35.03 -12.29 -5.67
CA PRO C 373 36.20 -12.40 -6.55
C PRO C 373 35.82 -12.34 -8.03
N GLU C 374 36.81 -12.03 -8.87
CA GLU C 374 36.67 -12.02 -10.32
C GLU C 374 36.23 -13.43 -10.77
N HIS C 375 35.16 -13.50 -11.59
CA HIS C 375 34.63 -14.71 -12.21
C HIS C 375 33.53 -14.30 -13.20
N SER C 376 33.15 -15.21 -14.13
CA SER C 376 32.18 -14.90 -15.19
C SER C 376 30.79 -14.43 -14.73
N TYR C 377 30.43 -14.68 -13.45
CA TYR C 377 29.16 -14.20 -12.91
C TYR C 377 29.33 -13.03 -11.95
N PHE C 378 30.51 -12.39 -11.92
CA PHE C 378 30.80 -11.24 -11.02
C PHE C 378 29.74 -10.15 -11.10
N SER C 379 29.30 -9.80 -12.34
CA SER C 379 28.32 -8.74 -12.58
C SER C 379 26.92 -9.04 -11.97
N ARG C 380 26.65 -10.28 -11.59
CA ARG C 380 25.36 -10.63 -10.98
C ARG C 380 25.29 -10.20 -9.50
N TYR C 381 26.45 -9.86 -8.89
CA TYR C 381 26.58 -9.49 -7.47
C TYR C 381 26.52 -8.00 -7.18
N GLY C 382 25.99 -7.26 -8.14
CA GLY C 382 25.86 -5.81 -8.00
C GLY C 382 24.66 -5.39 -7.18
N PRO C 383 24.58 -4.11 -6.76
CA PRO C 383 25.51 -3.02 -7.03
C PRO C 383 26.76 -2.94 -6.13
N ASP C 384 26.78 -3.69 -5.01
CA ASP C 384 27.87 -3.70 -4.01
C ASP C 384 29.05 -4.60 -4.35
N PHE C 385 28.80 -5.78 -4.98
CA PHE C 385 29.83 -6.79 -5.28
C PHE C 385 30.51 -7.28 -3.96
N GLU C 386 29.70 -7.41 -2.92
CA GLU C 386 30.14 -7.87 -1.60
C GLU C 386 29.53 -9.21 -1.24
N LEU C 387 30.21 -9.98 -0.38
CA LEU C 387 29.74 -11.30 0.01
C LEU C 387 28.52 -11.24 0.97
N ASP C 388 28.47 -10.27 1.90
CA ASP C 388 27.31 -10.16 2.80
C ASP C 388 26.11 -9.71 1.95
N ILE C 389 24.92 -10.28 2.22
CA ILE C 389 23.69 -9.85 1.53
C ILE C 389 23.42 -8.36 1.86
N ASP C 390 22.81 -7.64 0.94
CA ASP C 390 22.54 -6.20 1.07
C ASP C 390 21.27 -5.98 1.92
N TYR C 391 21.40 -6.24 3.22
CA TYR C 391 20.31 -6.13 4.19
C TYR C 391 20.81 -5.53 5.49
N PHE C 392 19.98 -4.66 6.09
CA PHE C 392 20.31 -3.98 7.35
C PHE C 392 19.36 -4.45 8.48
N PRO C 393 19.78 -5.44 9.28
CA PRO C 393 18.91 -5.96 10.36
C PRO C 393 18.60 -4.90 11.41
N HIS C 394 17.31 -4.78 11.76
CA HIS C 394 16.84 -3.77 12.73
C HIS C 394 15.77 -4.39 13.60
N GLU C 395 15.69 -3.98 14.87
CA GLU C 395 14.72 -4.53 15.83
C GLU C 395 14.06 -3.42 16.64
N ASP C 402 5.79 -12.71 21.42
CA ASP C 402 6.23 -13.38 20.20
C ASP C 402 7.15 -14.58 20.49
N SER C 403 7.34 -14.93 21.79
CA SER C 403 8.19 -16.06 22.20
C SER C 403 7.47 -17.36 21.85
N ILE C 404 8.20 -18.47 21.86
CA ILE C 404 7.67 -19.80 21.47
C ILE C 404 7.97 -20.86 22.52
N GLN C 405 8.02 -20.46 23.81
CA GLN C 405 8.31 -21.41 24.90
C GLN C 405 7.27 -22.55 24.99
N LYS C 406 5.99 -22.29 24.67
CA LYS C 406 5.01 -23.40 24.67
C LYS C 406 5.30 -24.40 23.53
N HIS C 407 5.90 -23.93 22.38
CA HIS C 407 6.32 -24.82 21.28
C HIS C 407 7.49 -25.69 21.76
N HIS C 408 8.46 -25.08 22.52
CA HIS C 408 9.59 -25.81 23.12
C HIS C 408 9.06 -26.91 24.06
N ARG C 409 8.06 -26.57 24.91
CA ARG C 409 7.47 -27.52 25.84
C ARG C 409 6.76 -28.70 25.13
N ARG C 410 6.01 -28.38 24.08
CA ARG C 410 5.26 -29.33 23.27
C ARG C 410 6.23 -30.28 22.56
N ILE C 411 7.29 -29.73 21.96
CA ILE C 411 8.29 -30.50 21.21
C ILE C 411 9.06 -31.46 22.14
N LEU C 412 9.45 -30.99 23.33
CA LEU C 412 10.17 -31.83 24.30
C LEU C 412 9.30 -32.96 24.85
N GLU C 413 7.99 -32.70 25.03
CA GLU C 413 7.03 -33.71 25.47
C GLU C 413 6.90 -34.74 24.34
N GLN C 414 6.83 -34.28 23.08
CA GLN C 414 6.76 -35.18 21.93
C GLN C 414 8.05 -36.05 21.87
N LEU C 415 9.20 -35.43 22.12
CA LEU C 415 10.48 -36.16 22.12
C LEU C 415 10.52 -37.22 23.24
N ARG C 416 9.96 -36.88 24.42
CA ARG C 416 9.87 -37.81 25.55
C ARG C 416 8.94 -38.99 25.16
N ASN C 417 7.83 -38.69 24.46
CA ASN C 417 6.86 -39.68 23.97
C ASN C 417 7.46 -40.61 22.92
N TYR C 418 8.30 -40.03 22.02
CA TYR C 418 9.02 -40.78 20.99
C TYR C 418 9.97 -41.80 21.64
N ALA C 419 10.80 -41.33 22.60
CA ALA C 419 11.79 -42.14 23.31
C ALA C 419 11.14 -43.27 24.09
N ASP C 420 10.00 -42.98 24.75
CA ASP C 420 9.25 -43.97 25.53
C ASP C 420 8.67 -45.04 24.59
N LEU C 421 8.02 -44.62 23.48
CA LEU C 421 7.46 -45.56 22.50
C LEU C 421 8.55 -46.49 21.91
N ASN C 422 9.71 -45.92 21.56
CA ASN C 422 10.79 -46.64 20.91
C ASN C 422 11.81 -47.31 21.85
N LYS C 423 11.54 -47.32 23.17
CA LYS C 423 12.39 -47.89 24.22
C LYS C 423 13.83 -47.32 24.18
N LEU C 424 13.94 -46.00 23.92
CA LEU C 424 15.22 -45.31 23.85
C LEU C 424 15.52 -44.67 25.19
N ILE C 425 16.81 -44.54 25.54
CA ILE C 425 17.21 -43.88 26.79
C ILE C 425 16.86 -42.38 26.66
N TYR C 426 16.11 -41.85 27.63
CA TYR C 426 15.74 -40.44 27.67
C TYR C 426 16.58 -39.81 28.79
N ASP C 427 17.70 -39.18 28.39
CA ASP C 427 18.61 -38.56 29.35
C ASP C 427 18.10 -37.22 29.79
N TYR C 428 17.23 -37.22 30.82
CA TYR C 428 16.64 -36.01 31.37
C TYR C 428 17.68 -34.95 31.75
N ASP C 429 18.71 -35.36 32.52
CA ASP C 429 19.76 -34.46 32.99
C ASP C 429 20.49 -33.69 31.88
N GLN C 430 20.80 -34.38 30.77
CA GLN C 430 21.47 -33.76 29.64
C GLN C 430 20.54 -32.75 28.94
N VAL C 431 19.28 -33.14 28.67
CA VAL C 431 18.30 -32.25 28.03
C VAL C 431 18.02 -31.04 28.95
N TYR C 432 17.88 -31.28 30.27
CA TYR C 432 17.64 -30.21 31.23
C TYR C 432 18.74 -29.16 31.22
N GLN C 433 20.03 -29.59 31.33
CA GLN C 433 21.19 -28.69 31.35
C GLN C 433 21.28 -27.84 30.10
N LEU C 434 20.97 -28.45 28.96
CA LEU C 434 20.94 -27.82 27.65
C LEU C 434 19.92 -26.65 27.66
N TYR C 435 18.69 -26.88 28.16
CA TYR C 435 17.67 -25.84 28.26
C TYR C 435 17.95 -24.85 29.40
N ASN C 436 18.59 -25.36 30.49
CA ASN C 436 18.97 -24.58 31.67
C ASN C 436 19.98 -23.48 31.31
N LEU C 437 20.76 -23.66 30.23
CA LEU C 437 21.73 -22.67 29.75
C LEU C 437 21.06 -21.32 29.48
N THR C 438 19.78 -21.36 29.01
CA THR C 438 18.98 -20.16 28.73
C THR C 438 17.88 -19.91 29.78
N GLY C 439 17.97 -20.57 30.92
CA GLY C 439 17.00 -20.45 32.01
C GLY C 439 15.63 -21.04 31.69
N MET C 440 15.58 -21.99 30.74
CA MET C 440 14.37 -22.67 30.29
C MET C 440 14.32 -24.17 30.68
N GLY C 441 15.11 -24.55 31.67
CA GLY C 441 15.15 -25.93 32.19
C GLY C 441 13.81 -26.49 32.61
N SER C 442 12.89 -25.63 33.08
CA SER C 442 11.54 -25.98 33.54
C SER C 442 10.64 -26.51 32.42
N LEU C 443 10.99 -26.26 31.16
CA LEU C 443 10.21 -26.73 30.01
C LEU C 443 10.47 -28.23 29.71
N VAL C 444 11.54 -28.78 30.31
CA VAL C 444 12.00 -30.16 30.11
C VAL C 444 11.19 -31.17 30.94
N PRO C 445 10.47 -32.12 30.28
CA PRO C 445 9.72 -33.12 31.05
C PRO C 445 10.64 -34.22 31.56
N ARG C 446 10.31 -34.85 32.69
CA ARG C 446 11.12 -35.94 33.26
C ARG C 446 10.91 -37.28 32.57
N SER D 2 -12.54 -29.93 -21.94
CA SER D 2 -11.78 -30.05 -20.69
C SER D 2 -12.59 -29.52 -19.51
N VAL D 3 -12.94 -30.41 -18.59
CA VAL D 3 -13.72 -30.05 -17.41
C VAL D 3 -12.85 -30.22 -16.17
N GLY D 4 -12.68 -29.11 -15.46
CA GLY D 4 -11.90 -29.03 -14.22
C GLY D 4 -12.78 -29.19 -13.01
N ILE D 5 -12.20 -29.70 -11.91
CA ILE D 5 -12.90 -29.84 -10.63
C ILE D 5 -11.92 -29.42 -9.52
N VAL D 6 -12.37 -28.55 -8.61
CA VAL D 6 -11.51 -28.14 -7.50
C VAL D 6 -11.52 -29.21 -6.44
N TYR D 7 -10.34 -29.74 -6.12
CA TYR D 7 -10.18 -30.75 -5.09
C TYR D 7 -8.74 -30.75 -4.63
N GLY D 8 -8.54 -31.27 -3.42
CA GLY D 8 -7.24 -31.48 -2.78
C GLY D 8 -7.44 -32.10 -1.42
N ASP D 9 -6.39 -32.72 -0.87
CA ASP D 9 -6.49 -33.34 0.47
C ASP D 9 -6.74 -32.30 1.57
N GLN D 10 -5.91 -31.25 1.65
CA GLN D 10 -6.14 -30.23 2.66
C GLN D 10 -7.42 -29.44 2.42
N TYR D 11 -7.74 -29.17 1.14
CA TYR D 11 -8.96 -28.47 0.74
C TYR D 11 -10.19 -29.24 1.25
N ARG D 12 -10.21 -30.59 1.07
CA ARG D 12 -11.32 -31.43 1.56
C ARG D 12 -11.47 -31.29 3.09
N GLN D 13 -10.36 -31.41 3.86
CA GLN D 13 -10.38 -31.27 5.33
C GLN D 13 -10.94 -29.88 5.75
N LEU D 14 -10.52 -28.79 5.07
CA LEU D 14 -11.00 -27.43 5.36
C LEU D 14 -12.48 -27.23 5.01
N CYS D 15 -12.91 -27.76 3.85
CA CYS D 15 -14.31 -27.64 3.41
C CYS D 15 -15.27 -28.45 4.31
N CYS D 16 -14.73 -29.41 5.08
CA CYS D 16 -15.46 -30.27 6.02
C CYS D 16 -15.30 -29.84 7.47
N SER D 17 -14.65 -28.69 7.72
CA SER D 17 -14.37 -28.27 9.09
C SER D 17 -15.42 -27.35 9.72
N SER D 18 -16.50 -27.00 8.98
CA SER D 18 -17.54 -26.08 9.49
C SER D 18 -18.69 -26.74 10.26
N PRO D 19 -19.27 -26.06 11.27
CA PRO D 19 -20.40 -26.68 12.01
C PRO D 19 -21.68 -26.81 11.20
N LYS D 20 -21.93 -25.84 10.31
CA LYS D 20 -23.13 -25.84 9.48
C LYS D 20 -23.09 -26.86 8.35
N PHE D 21 -21.97 -26.91 7.61
CA PHE D 21 -21.90 -27.81 6.47
C PHE D 21 -21.27 -29.18 6.72
N GLY D 22 -20.74 -29.39 7.92
CA GLY D 22 -20.10 -30.65 8.34
C GLY D 22 -19.29 -31.31 7.25
N ASP D 23 -19.61 -32.58 6.96
CA ASP D 23 -18.95 -33.38 5.95
C ASP D 23 -19.65 -33.36 4.55
N ARG D 24 -20.56 -32.42 4.28
CA ARG D 24 -21.24 -32.35 2.98
C ARG D 24 -20.26 -32.44 1.79
N TYR D 25 -19.16 -31.66 1.84
CA TYR D 25 -18.19 -31.65 0.74
C TYR D 25 -17.61 -33.04 0.49
N ALA D 26 -17.34 -33.81 1.58
CA ALA D 26 -16.82 -35.17 1.49
C ALA D 26 -17.83 -36.09 0.82
N LEU D 27 -19.13 -35.95 1.13
CA LEU D 27 -20.18 -36.76 0.50
C LEU D 27 -20.28 -36.48 -1.00
N VAL D 28 -20.26 -35.20 -1.39
CA VAL D 28 -20.33 -34.76 -2.80
C VAL D 28 -19.16 -35.38 -3.58
N MET D 29 -17.92 -35.10 -3.14
CA MET D 29 -16.71 -35.59 -3.78
C MET D 29 -16.59 -37.10 -3.81
N ASP D 30 -17.00 -37.80 -2.73
CA ASP D 30 -16.96 -39.27 -2.70
C ASP D 30 -18.05 -39.90 -3.57
N LEU D 31 -19.19 -39.20 -3.77
CA LEU D 31 -20.24 -39.71 -4.64
C LEU D 31 -19.83 -39.57 -6.13
N ILE D 32 -19.16 -38.45 -6.47
CA ILE D 32 -18.61 -38.20 -7.81
C ILE D 32 -17.54 -39.28 -8.11
N ASN D 33 -16.71 -39.59 -7.09
CA ASN D 33 -15.65 -40.61 -7.16
C ASN D 33 -16.25 -42.02 -7.29
N ALA D 34 -17.26 -42.35 -6.45
CA ALA D 34 -17.99 -43.62 -6.46
C ALA D 34 -18.60 -43.91 -7.83
N TYR D 35 -19.02 -42.86 -8.56
CA TYR D 35 -19.62 -42.97 -9.89
C TYR D 35 -18.60 -42.97 -11.04
N LYS D 36 -17.29 -43.09 -10.70
CA LYS D 36 -16.17 -43.15 -11.63
C LYS D 36 -16.03 -41.92 -12.53
N LEU D 37 -16.47 -40.76 -12.04
CA LEU D 37 -16.39 -39.50 -12.79
C LEU D 37 -15.04 -38.82 -12.73
N ILE D 38 -14.23 -39.09 -11.67
CA ILE D 38 -12.89 -38.50 -11.45
C ILE D 38 -11.88 -38.65 -12.63
N PRO D 39 -11.70 -39.83 -13.26
CA PRO D 39 -10.78 -39.91 -14.41
C PRO D 39 -11.19 -39.01 -15.60
N GLU D 40 -12.48 -38.61 -15.69
CA GLU D 40 -12.96 -37.70 -16.74
C GLU D 40 -12.64 -36.23 -16.43
N LEU D 41 -12.21 -35.95 -15.20
CA LEU D 41 -11.99 -34.58 -14.76
C LEU D 41 -10.54 -34.21 -14.50
N SER D 42 -10.20 -32.92 -14.72
CA SER D 42 -8.88 -32.39 -14.43
C SER D 42 -8.89 -31.75 -13.04
N ARG D 43 -8.04 -32.24 -12.12
CA ARG D 43 -7.99 -31.67 -10.78
C ARG D 43 -7.41 -30.27 -10.88
N VAL D 44 -8.16 -29.29 -10.37
CA VAL D 44 -7.71 -27.89 -10.31
C VAL D 44 -7.27 -27.63 -8.86
N PRO D 45 -5.97 -27.42 -8.62
CA PRO D 45 -5.52 -27.19 -7.24
C PRO D 45 -5.93 -25.83 -6.68
N PRO D 46 -6.40 -25.77 -5.43
CA PRO D 46 -6.70 -24.47 -4.81
C PRO D 46 -5.47 -23.58 -4.81
N LEU D 47 -5.68 -22.27 -5.02
CA LEU D 47 -4.60 -21.28 -5.08
C LEU D 47 -3.94 -21.12 -3.72
N GLN D 48 -2.62 -21.03 -3.71
CA GLN D 48 -1.86 -20.76 -2.49
C GLN D 48 -0.96 -19.59 -2.80
N TRP D 49 -0.58 -18.82 -1.77
CA TRP D 49 0.18 -17.58 -1.88
C TRP D 49 1.61 -17.62 -1.36
N ASP D 50 2.45 -16.71 -1.89
CA ASP D 50 3.88 -16.59 -1.55
C ASP D 50 4.10 -16.01 -0.18
N SER D 51 3.07 -15.36 0.37
CA SER D 51 3.24 -14.67 1.65
C SER D 51 1.90 -14.24 2.23
N PRO D 52 1.86 -13.90 3.56
CA PRO D 52 0.65 -13.32 4.14
C PRO D 52 0.22 -12.01 3.45
N SER D 53 1.17 -11.13 3.05
CA SER D 53 0.84 -9.87 2.33
C SER D 53 0.13 -10.16 0.99
N ARG D 54 0.59 -11.19 0.25
CA ARG D 54 -0.03 -11.57 -1.03
C ARG D 54 -1.43 -12.13 -0.85
N MET D 55 -1.65 -12.90 0.23
CA MET D 55 -2.99 -13.42 0.54
C MET D 55 -3.94 -12.23 0.85
N TYR D 56 -3.49 -11.30 1.73
CA TYR D 56 -4.26 -10.12 2.09
C TYR D 56 -4.58 -9.25 0.88
N GLU D 57 -3.61 -9.06 -0.04
CA GLU D 57 -3.82 -8.28 -1.27
C GLU D 57 -4.95 -8.92 -2.09
N ALA D 58 -5.00 -10.27 -2.14
CA ALA D 58 -6.01 -11.01 -2.88
C ALA D 58 -7.40 -10.90 -2.26
N VAL D 59 -7.51 -11.13 -0.94
CA VAL D 59 -8.82 -11.09 -0.26
C VAL D 59 -9.37 -9.67 -0.17
N THR D 60 -8.48 -8.69 0.12
CA THR D 60 -8.85 -7.27 0.21
C THR D 60 -9.16 -6.58 -1.12
N ALA D 61 -9.10 -7.33 -2.24
CA ALA D 61 -9.52 -6.86 -3.56
C ALA D 61 -11.05 -6.60 -3.45
N PHE D 62 -11.73 -7.26 -2.47
CA PHE D 62 -13.16 -7.00 -2.19
C PHE D 62 -13.40 -6.62 -0.72
N HIS D 63 -12.89 -7.45 0.21
CA HIS D 63 -13.12 -7.27 1.64
C HIS D 63 -12.24 -6.20 2.23
N SER D 64 -12.70 -5.51 3.28
CA SER D 64 -11.86 -4.50 3.94
C SER D 64 -10.82 -5.22 4.78
N THR D 65 -9.66 -4.59 5.00
CA THR D 65 -8.59 -5.14 5.84
C THR D 65 -9.10 -5.40 7.28
N GLU D 66 -9.85 -4.43 7.88
CA GLU D 66 -10.39 -4.57 9.24
C GLU D 66 -11.32 -5.78 9.37
N TYR D 67 -12.13 -6.05 8.34
CA TYR D 67 -13.00 -7.23 8.36
C TYR D 67 -12.17 -8.53 8.33
N VAL D 68 -11.18 -8.60 7.41
CA VAL D 68 -10.29 -9.75 7.28
C VAL D 68 -9.53 -9.99 8.61
N ASP D 69 -9.01 -8.92 9.20
CA ASP D 69 -8.30 -8.96 10.49
C ASP D 69 -9.24 -9.55 11.58
N ALA D 70 -10.53 -9.08 11.61
CA ALA D 70 -11.54 -9.54 12.59
C ALA D 70 -11.84 -11.02 12.43
N LEU D 71 -11.97 -11.46 11.16
CA LEU D 71 -12.23 -12.87 10.86
C LEU D 71 -11.03 -13.76 11.27
N LYS D 72 -9.81 -13.29 11.01
CA LYS D 72 -8.60 -14.03 11.41
C LYS D 72 -8.50 -14.06 12.96
N LYS D 73 -8.87 -12.93 13.63
CA LYS D 73 -8.87 -12.84 15.12
C LYS D 73 -9.90 -13.79 15.74
N LEU D 74 -11.06 -13.95 15.06
CA LEU D 74 -12.16 -14.85 15.44
C LEU D 74 -11.70 -16.32 15.48
N GLN D 75 -10.93 -16.75 14.45
CA GLN D 75 -10.34 -18.09 14.43
C GLN D 75 -9.37 -18.24 15.61
N MET D 76 -8.44 -17.30 15.78
CA MET D 76 -7.45 -17.31 16.87
C MET D 76 -8.14 -17.45 18.25
N LEU D 77 -9.21 -16.68 18.48
CA LEU D 77 -9.97 -16.69 19.73
C LEU D 77 -10.70 -18.00 19.95
N HIS D 78 -11.19 -18.61 18.84
CA HIS D 78 -11.87 -19.91 18.89
C HIS D 78 -10.90 -21.08 18.99
N CYS D 79 -9.60 -20.80 18.87
CA CYS D 79 -8.52 -21.80 19.05
C CYS D 79 -7.95 -21.80 20.46
N GLU D 80 -8.41 -20.85 21.29
CA GLU D 80 -8.01 -20.71 22.70
C GLU D 80 -9.12 -21.29 23.58
N GLU D 81 -8.78 -21.75 24.79
CA GLU D 81 -9.75 -22.32 25.74
C GLU D 81 -10.71 -21.22 26.26
N LYS D 82 -10.13 -20.06 26.63
CA LYS D 82 -10.77 -18.87 27.17
C LYS D 82 -11.94 -18.37 26.32
N GLU D 83 -12.99 -17.88 26.99
CA GLU D 83 -14.16 -17.26 26.36
C GLU D 83 -13.76 -15.85 25.82
N LEU D 84 -14.52 -15.32 24.86
CA LEU D 84 -14.25 -13.97 24.30
C LEU D 84 -14.55 -12.87 25.33
N THR D 85 -13.75 -11.79 25.35
CA THR D 85 -13.99 -10.65 26.25
C THR D 85 -15.19 -9.84 25.73
N ALA D 86 -15.73 -8.93 26.55
CA ALA D 86 -16.86 -8.05 26.18
C ALA D 86 -16.43 -7.21 24.96
N ASP D 87 -15.18 -6.68 24.97
CA ASP D 87 -14.65 -5.91 23.85
C ASP D 87 -14.57 -6.71 22.55
N ASP D 88 -14.09 -7.98 22.62
CA ASP D 88 -14.01 -8.86 21.44
C ASP D 88 -15.41 -9.19 20.91
N GLU D 89 -16.40 -9.38 21.81
CA GLU D 89 -17.80 -9.63 21.39
C GLU D 89 -18.34 -8.45 20.60
N LEU D 90 -18.09 -7.21 21.07
CA LEU D 90 -18.52 -5.98 20.40
C LEU D 90 -17.87 -5.91 19.05
N LEU D 91 -16.55 -6.20 18.99
CA LEU D 91 -15.80 -6.16 17.72
C LEU D 91 -16.41 -7.14 16.69
N MET D 92 -16.62 -8.42 17.09
CA MET D 92 -17.19 -9.42 16.21
C MET D 92 -18.61 -9.02 15.74
N ASP D 93 -19.44 -8.53 16.67
CA ASP D 93 -20.81 -8.06 16.36
C ASP D 93 -20.82 -6.93 15.30
N SER D 94 -19.83 -6.02 15.36
CA SER D 94 -19.71 -4.91 14.40
C SER D 94 -19.48 -5.38 12.93
N PHE D 95 -19.06 -6.68 12.73
CA PHE D 95 -18.87 -7.29 11.40
C PHE D 95 -19.91 -8.41 11.14
N SER D 96 -20.93 -8.56 12.04
CA SER D 96 -21.98 -9.61 11.98
C SER D 96 -21.34 -11.02 12.09
N LEU D 97 -20.19 -11.10 12.77
CA LEU D 97 -19.51 -12.40 13.00
C LEU D 97 -20.13 -13.03 14.26
N ASN D 98 -21.42 -13.36 14.17
CA ASN D 98 -22.23 -13.92 15.28
C ASN D 98 -23.47 -14.59 14.67
N TYR D 99 -24.42 -15.08 15.49
CA TYR D 99 -25.67 -15.68 14.99
C TYR D 99 -25.47 -16.80 13.96
N ASP D 100 -25.87 -16.58 12.68
CA ASP D 100 -25.71 -17.61 11.64
C ASP D 100 -24.30 -17.67 11.08
N CYS D 101 -23.42 -16.74 11.53
CA CYS D 101 -22.01 -16.68 11.15
C CYS D 101 -21.15 -16.74 12.41
N PRO D 102 -21.24 -17.82 13.21
CA PRO D 102 -20.46 -17.87 14.44
C PRO D 102 -18.98 -18.15 14.18
N GLY D 103 -18.18 -18.01 15.22
CA GLY D 103 -16.78 -18.40 15.16
C GLY D 103 -16.69 -19.89 15.40
N PHE D 104 -15.61 -20.49 14.94
CA PHE D 104 -15.28 -21.90 15.16
C PHE D 104 -13.75 -22.06 14.95
N PRO D 105 -13.09 -23.12 15.46
CA PRO D 105 -11.60 -23.16 15.38
C PRO D 105 -10.95 -22.96 14.00
N SER D 106 -11.67 -23.28 12.92
CA SER D 106 -11.12 -23.13 11.56
C SER D 106 -11.89 -22.13 10.69
N VAL D 107 -12.63 -21.20 11.31
CA VAL D 107 -13.44 -20.21 10.58
C VAL D 107 -12.70 -19.47 9.45
N PHE D 108 -11.47 -18.98 9.72
CA PHE D 108 -10.71 -18.28 8.70
C PHE D 108 -10.18 -19.23 7.60
N ASP D 109 -9.55 -20.35 7.99
CA ASP D 109 -9.04 -21.34 7.06
C ASP D 109 -10.16 -21.92 6.17
N TYR D 110 -11.36 -22.15 6.75
CA TYR D 110 -12.54 -22.69 6.05
C TYR D 110 -13.00 -21.70 4.98
N SER D 111 -13.17 -20.42 5.37
CA SER D 111 -13.63 -19.29 4.53
C SER D 111 -12.65 -19.01 3.37
N LEU D 112 -11.35 -18.97 3.70
CA LEU D 112 -10.28 -18.70 2.77
C LEU D 112 -10.14 -19.84 1.75
N ALA D 113 -10.39 -21.09 2.18
CA ALA D 113 -10.29 -22.24 1.27
C ALA D 113 -11.19 -22.06 0.05
N ALA D 114 -12.48 -21.69 0.25
CA ALA D 114 -13.44 -21.47 -0.85
C ALA D 114 -12.88 -20.44 -1.82
N VAL D 115 -12.27 -19.36 -1.29
CA VAL D 115 -11.63 -18.29 -2.07
C VAL D 115 -10.48 -18.87 -2.88
N GLN D 116 -9.58 -19.65 -2.23
CA GLN D 116 -8.46 -20.30 -2.93
C GLN D 116 -8.99 -21.20 -4.08
N GLY D 117 -10.09 -21.91 -3.81
CA GLY D 117 -10.72 -22.81 -4.79
C GLY D 117 -11.31 -22.07 -5.97
N SER D 118 -12.10 -21.03 -5.71
CA SER D 118 -12.73 -20.29 -6.80
C SER D 118 -11.78 -19.39 -7.59
N LEU D 119 -10.71 -18.88 -6.94
CA LEU D 119 -9.72 -18.07 -7.66
C LEU D 119 -8.91 -18.97 -8.59
N ALA D 120 -8.55 -20.19 -8.14
CA ALA D 120 -7.83 -21.14 -8.99
C ALA D 120 -8.72 -21.55 -10.15
N ALA D 121 -10.03 -21.71 -9.89
CA ALA D 121 -11.01 -22.07 -10.91
C ALA D 121 -11.07 -21.02 -12.00
N ALA D 122 -11.10 -19.71 -11.62
CA ALA D 122 -11.11 -18.61 -12.58
C ALA D 122 -9.81 -18.59 -13.39
N SER D 123 -8.65 -18.87 -12.76
CA SER D 123 -7.38 -18.91 -13.52
C SER D 123 -7.33 -20.05 -14.56
N ALA D 124 -7.86 -21.23 -14.23
CA ALA D 124 -7.92 -22.39 -15.14
C ALA D 124 -8.79 -22.05 -16.39
N LEU D 125 -9.80 -21.17 -16.20
CA LEU D 125 -10.63 -20.70 -17.30
C LEU D 125 -9.89 -19.64 -18.12
N ILE D 126 -9.21 -18.67 -17.45
CA ILE D 126 -8.47 -17.58 -18.11
C ILE D 126 -7.35 -18.10 -19.04
N CYS D 127 -6.49 -19.00 -18.54
CA CYS D 127 -5.37 -19.57 -19.32
C CYS D 127 -5.80 -20.65 -20.33
N ARG D 128 -7.12 -20.91 -20.43
CA ARG D 128 -7.75 -21.89 -21.31
C ARG D 128 -7.42 -23.37 -21.02
N HIS D 129 -6.97 -23.67 -19.77
CA HIS D 129 -6.73 -25.06 -19.38
C HIS D 129 -8.05 -25.86 -19.35
N CYS D 130 -9.14 -25.21 -18.93
CA CYS D 130 -10.47 -25.82 -18.84
C CYS D 130 -11.51 -24.98 -19.53
N GLU D 131 -12.48 -25.65 -20.16
CA GLU D 131 -13.62 -24.97 -20.79
C GLU D 131 -14.63 -24.66 -19.69
N VAL D 132 -14.73 -25.57 -18.68
CA VAL D 132 -15.62 -25.45 -17.51
C VAL D 132 -14.87 -25.92 -16.24
N VAL D 133 -15.06 -25.18 -15.13
CA VAL D 133 -14.48 -25.56 -13.83
C VAL D 133 -15.59 -25.60 -12.79
N ILE D 134 -15.61 -26.70 -12.03
CA ILE D 134 -16.54 -26.95 -10.96
C ILE D 134 -15.83 -26.74 -9.60
N ASN D 135 -16.50 -25.99 -8.68
CA ASN D 135 -16.02 -25.84 -7.32
C ASN D 135 -17.18 -26.03 -6.36
N TRP D 136 -17.35 -27.29 -5.87
CA TRP D 136 -18.43 -27.60 -4.92
C TRP D 136 -18.10 -27.14 -3.48
N GLY D 137 -16.91 -26.60 -3.26
CA GLY D 137 -16.53 -26.06 -1.95
C GLY D 137 -16.75 -24.56 -1.88
N GLY D 138 -17.21 -23.97 -2.99
CA GLY D 138 -17.44 -22.53 -3.10
C GLY D 138 -18.89 -22.14 -3.36
N GLY D 139 -19.10 -20.86 -3.63
CA GLY D 139 -20.44 -20.33 -3.93
C GLY D 139 -21.08 -19.53 -2.83
N TRP D 140 -20.25 -18.86 -2.01
CA TRP D 140 -20.66 -18.12 -0.82
C TRP D 140 -21.14 -16.69 -1.09
N HIS D 141 -22.31 -16.64 -1.72
CA HIS D 141 -22.92 -15.46 -2.27
C HIS D 141 -23.34 -14.30 -1.37
N HIS D 142 -23.52 -14.50 -0.06
CA HIS D 142 -24.04 -13.42 0.81
C HIS D 142 -22.97 -12.55 1.46
N ALA D 143 -21.69 -13.00 1.54
CA ALA D 143 -20.66 -12.22 2.24
C ALA D 143 -20.48 -10.84 1.60
N LYS D 144 -20.38 -9.82 2.44
CA LYS D 144 -20.25 -8.44 2.00
C LYS D 144 -18.85 -7.93 2.29
N ARG D 145 -18.50 -6.74 1.74
CA ARG D 145 -17.19 -6.13 1.94
C ARG D 145 -16.71 -6.25 3.40
N SER D 146 -17.56 -5.87 4.38
CA SER D 146 -17.18 -5.87 5.81
C SER D 146 -18.25 -6.54 6.64
N GLU D 147 -18.84 -7.63 6.13
CA GLU D 147 -19.93 -8.29 6.85
C GLU D 147 -20.09 -9.74 6.44
N ALA D 148 -20.16 -10.65 7.42
CA ALA D 148 -20.49 -12.06 7.16
C ALA D 148 -22.03 -12.09 7.11
N SER D 149 -22.64 -13.05 6.39
CA SER D 149 -24.10 -13.15 6.31
C SER D 149 -24.46 -14.56 5.77
N GLY D 150 -25.52 -15.17 6.29
CA GLY D 150 -26.00 -16.49 5.88
C GLY D 150 -24.92 -17.55 5.73
N PHE D 151 -24.03 -17.65 6.74
CA PHE D 151 -22.89 -18.58 6.77
C PHE D 151 -21.84 -18.35 5.65
N CYS D 152 -21.83 -17.18 5.05
CA CYS D 152 -20.83 -16.82 4.04
C CYS D 152 -19.94 -15.80 4.75
N TYR D 153 -18.63 -16.08 4.85
CA TYR D 153 -17.71 -15.19 5.55
C TYR D 153 -16.85 -14.39 4.55
N LEU D 154 -16.41 -15.06 3.48
CA LEU D 154 -15.59 -14.47 2.41
C LEU D 154 -16.27 -14.74 1.07
N ASN D 155 -16.47 -13.69 0.28
CA ASN D 155 -17.18 -13.89 -0.98
C ASN D 155 -16.25 -14.38 -2.08
N ASP D 156 -16.06 -15.72 -2.17
CA ASP D 156 -15.24 -16.35 -3.21
C ASP D 156 -15.77 -16.02 -4.62
N ILE D 157 -17.10 -15.89 -4.76
CA ILE D 157 -17.70 -15.58 -6.08
C ILE D 157 -17.23 -14.21 -6.59
N VAL D 158 -17.39 -13.19 -5.73
CA VAL D 158 -16.99 -11.82 -6.08
C VAL D 158 -15.52 -11.77 -6.47
N LEU D 159 -14.67 -12.44 -5.67
CA LEU D 159 -13.23 -12.46 -5.93
C LEU D 159 -12.93 -13.19 -7.25
N ALA D 160 -13.62 -14.34 -7.51
CA ALA D 160 -13.48 -15.07 -8.78
C ALA D 160 -13.93 -14.19 -9.93
N ILE D 161 -15.10 -13.51 -9.79
CA ILE D 161 -15.59 -12.60 -10.86
C ILE D 161 -14.60 -11.48 -11.09
N HIS D 162 -14.08 -10.87 -10.02
CA HIS D 162 -13.10 -9.78 -10.16
C HIS D 162 -11.85 -10.22 -10.97
N ARG D 163 -11.38 -11.46 -10.77
CA ARG D 163 -10.24 -12.02 -11.52
C ARG D 163 -10.58 -12.17 -13.00
N LEU D 164 -11.80 -12.64 -13.30
CA LEU D 164 -12.28 -12.82 -14.68
C LEU D 164 -12.39 -11.47 -15.42
N VAL D 165 -13.07 -10.46 -14.80
CA VAL D 165 -13.23 -9.12 -15.43
C VAL D 165 -11.93 -8.39 -15.64
N SER D 166 -10.96 -8.60 -14.74
CA SER D 166 -9.65 -7.96 -14.80
C SER D 166 -8.69 -8.63 -15.79
N SER D 167 -9.16 -9.68 -16.52
CA SER D 167 -8.32 -10.39 -17.48
C SER D 167 -8.58 -9.86 -18.90
N THR D 168 -8.13 -8.62 -19.14
CA THR D 168 -8.31 -7.90 -20.41
C THR D 168 -6.95 -7.45 -20.94
N GLN D 177 -12.96 -6.62 -24.77
CA GLN D 177 -14.21 -6.18 -24.14
C GLN D 177 -14.80 -7.33 -23.28
N THR D 178 -14.34 -7.44 -22.01
CA THR D 178 -14.72 -8.51 -21.09
C THR D 178 -15.99 -8.22 -20.27
N ARG D 179 -17.01 -9.07 -20.45
CA ARG D 179 -18.27 -9.03 -19.70
C ARG D 179 -18.47 -10.39 -19.07
N VAL D 180 -18.95 -10.43 -17.82
CA VAL D 180 -19.25 -11.65 -17.08
C VAL D 180 -20.77 -11.69 -16.79
N LEU D 181 -21.39 -12.84 -17.03
CA LEU D 181 -22.76 -13.07 -16.65
C LEU D 181 -22.75 -13.97 -15.43
N TYR D 182 -23.39 -13.52 -14.35
CA TYR D 182 -23.47 -14.29 -13.12
C TYR D 182 -24.90 -14.80 -12.97
N VAL D 183 -25.06 -16.11 -12.81
CA VAL D 183 -26.38 -16.72 -12.71
C VAL D 183 -26.44 -17.36 -11.34
N ASP D 184 -27.45 -17.02 -10.54
CA ASP D 184 -27.57 -17.50 -9.16
C ASP D 184 -28.84 -18.33 -9.00
N LEU D 185 -28.68 -19.66 -8.93
CA LEU D 185 -29.78 -20.63 -8.90
C LEU D 185 -30.21 -21.05 -7.49
N ASP D 186 -29.48 -20.58 -6.49
CA ASP D 186 -29.77 -20.88 -5.10
C ASP D 186 -31.21 -20.42 -4.75
N LEU D 187 -31.82 -21.08 -3.74
CA LEU D 187 -33.14 -20.68 -3.21
C LEU D 187 -33.14 -19.22 -2.69
N HIS D 188 -31.99 -18.77 -2.17
CA HIS D 188 -31.85 -17.43 -1.62
C HIS D 188 -31.31 -16.45 -2.66
N HIS D 189 -31.69 -15.17 -2.49
CA HIS D 189 -31.20 -14.09 -3.36
C HIS D 189 -29.68 -13.91 -3.17
N GLY D 190 -28.94 -13.82 -4.27
CA GLY D 190 -27.49 -13.62 -4.22
C GLY D 190 -27.15 -12.14 -4.06
N ASP D 191 -27.48 -11.60 -2.86
CA ASP D 191 -27.33 -10.18 -2.49
C ASP D 191 -25.89 -9.67 -2.47
N GLY D 192 -24.95 -10.44 -1.91
CA GLY D 192 -23.53 -10.05 -1.83
C GLY D 192 -22.92 -9.79 -3.21
N VAL D 193 -23.08 -10.75 -4.12
CA VAL D 193 -22.56 -10.61 -5.49
C VAL D 193 -23.26 -9.45 -6.22
N GLU D 194 -24.59 -9.36 -6.07
CA GLU D 194 -25.35 -8.28 -6.70
C GLU D 194 -24.85 -6.91 -6.22
N GLU D 195 -24.68 -6.75 -4.90
CA GLU D 195 -24.22 -5.48 -4.31
C GLU D 195 -22.81 -5.13 -4.76
N ALA D 196 -21.90 -6.11 -4.76
CA ALA D 196 -20.51 -5.89 -5.19
C ALA D 196 -20.41 -5.28 -6.60
N PHE D 197 -21.33 -5.67 -7.51
CA PHE D 197 -21.28 -5.21 -8.90
C PHE D 197 -22.42 -4.29 -9.29
N TRP D 198 -23.11 -3.74 -8.26
CA TRP D 198 -24.27 -2.83 -8.42
C TRP D 198 -24.01 -1.64 -9.38
N TYR D 199 -22.79 -1.09 -9.36
CA TYR D 199 -22.39 0.07 -10.18
C TYR D 199 -21.58 -0.34 -11.42
N SER D 200 -21.47 -1.64 -11.68
CA SER D 200 -20.63 -2.17 -12.75
C SER D 200 -21.41 -2.72 -13.94
N PRO D 201 -21.35 -2.09 -15.13
CA PRO D 201 -22.08 -2.64 -16.30
C PRO D 201 -21.48 -3.96 -16.84
N ARG D 202 -20.19 -4.20 -16.59
CA ARG D 202 -19.47 -5.35 -17.10
C ARG D 202 -19.79 -6.69 -16.45
N VAL D 203 -20.39 -6.66 -15.26
CA VAL D 203 -20.78 -7.88 -14.58
C VAL D 203 -22.29 -7.82 -14.46
N VAL D 204 -22.99 -8.63 -15.23
CA VAL D 204 -24.44 -8.66 -15.15
C VAL D 204 -24.80 -9.77 -14.18
N THR D 205 -25.62 -9.47 -13.18
CA THR D 205 -26.02 -10.50 -12.22
C THR D 205 -27.48 -10.87 -12.46
N PHE D 206 -27.81 -12.14 -12.27
CA PHE D 206 -29.18 -12.64 -12.41
C PHE D 206 -29.39 -13.70 -11.34
N SER D 207 -30.32 -13.39 -10.41
CA SER D 207 -30.67 -14.29 -9.33
C SER D 207 -32.13 -14.66 -9.43
N VAL D 208 -32.39 -15.96 -9.39
CA VAL D 208 -33.73 -16.51 -9.34
C VAL D 208 -33.83 -17.08 -7.92
N HIS D 209 -34.91 -16.75 -7.18
CA HIS D 209 -34.96 -17.17 -5.77
C HIS D 209 -36.35 -17.06 -5.24
N HIS D 210 -36.55 -17.57 -4.04
CA HIS D 210 -37.79 -17.31 -3.35
C HIS D 210 -37.62 -15.98 -2.61
N ALA D 211 -38.67 -15.18 -2.54
CA ALA D 211 -38.71 -13.98 -1.72
C ALA D 211 -40.13 -13.90 -1.18
N SER D 212 -40.27 -13.64 0.13
CA SER D 212 -41.53 -13.54 0.86
C SER D 212 -41.26 -12.77 2.17
N PRO D 213 -42.29 -12.11 2.79
CA PRO D 213 -42.01 -11.32 4.01
C PRO D 213 -41.35 -12.15 5.10
N GLY D 214 -40.26 -11.63 5.61
CA GLY D 214 -39.47 -12.28 6.67
C GLY D 214 -38.50 -13.36 6.22
N PHE D 215 -38.47 -13.66 4.91
CA PHE D 215 -37.58 -14.68 4.36
C PHE D 215 -36.24 -14.09 4.00
N PHE D 216 -35.16 -14.77 4.42
CA PHE D 216 -33.78 -14.32 4.20
C PHE D 216 -33.41 -14.20 2.69
N PRO D 217 -32.61 -13.18 2.25
CA PRO D 217 -32.11 -12.01 3.00
C PRO D 217 -33.07 -10.81 2.96
N GLY D 218 -34.13 -10.90 2.15
CA GLY D 218 -35.16 -9.85 2.04
C GLY D 218 -35.09 -9.04 0.78
N THR D 219 -33.98 -9.16 0.01
CA THR D 219 -33.75 -8.41 -1.22
C THR D 219 -34.12 -9.24 -2.46
N GLY D 220 -33.88 -8.68 -3.66
CA GLY D 220 -34.15 -9.36 -4.93
C GLY D 220 -35.62 -9.34 -5.29
N THR D 221 -36.35 -8.35 -4.76
CA THR D 221 -37.77 -8.19 -5.00
C THR D 221 -38.20 -6.71 -4.91
N TRP D 222 -39.52 -6.44 -5.02
CA TRP D 222 -40.10 -5.11 -4.88
C TRP D 222 -39.65 -4.53 -3.55
N ASN D 223 -39.08 -3.33 -3.62
CA ASN D 223 -38.44 -2.58 -2.55
C ASN D 223 -39.36 -1.46 -2.08
N MET D 224 -39.56 -1.34 -0.73
CA MET D 224 -40.42 -0.36 -0.03
C MET D 224 -41.80 -0.09 -0.65
N PRO D 231 -43.35 1.27 -3.90
CA PRO D 231 -42.74 -0.04 -4.13
C PRO D 231 -42.11 -0.18 -5.53
N ILE D 232 -40.76 -0.17 -5.60
CA ILE D 232 -40.04 -0.22 -6.89
C ILE D 232 -39.09 -1.41 -6.98
N PHE D 233 -38.72 -1.81 -8.21
CA PHE D 233 -37.74 -2.88 -8.42
C PHE D 233 -36.39 -2.25 -8.81
N LEU D 234 -35.45 -2.18 -7.88
CA LEU D 234 -34.11 -1.64 -8.14
C LEU D 234 -33.29 -2.61 -9.00
N ASN D 235 -32.41 -2.10 -9.86
CA ASN D 235 -31.68 -2.97 -10.79
C ASN D 235 -30.24 -2.54 -11.13
N GLY D 236 -29.58 -1.88 -10.18
CA GLY D 236 -28.23 -1.37 -10.38
C GLY D 236 -28.27 0.15 -10.37
N ALA D 237 -27.11 0.80 -10.23
CA ALA D 237 -27.02 2.26 -10.16
C ALA D 237 -25.83 2.81 -10.91
N GLY D 238 -25.86 4.11 -11.20
CA GLY D 238 -24.81 4.77 -11.96
C GLY D 238 -24.64 4.13 -13.33
N ARG D 239 -23.39 3.83 -13.72
CA ARG D 239 -23.13 3.18 -15.01
C ARG D 239 -23.61 1.71 -14.99
N GLY D 240 -23.94 1.21 -13.81
CA GLY D 240 -24.45 -0.14 -13.59
C GLY D 240 -25.96 -0.20 -13.64
N ARG D 241 -26.64 0.93 -13.96
CA ARG D 241 -28.10 0.91 -14.03
C ARG D 241 -28.56 -0.18 -15.00
N PHE D 242 -29.63 -0.94 -14.62
CA PHE D 242 -30.26 -2.04 -15.38
C PHE D 242 -29.43 -3.34 -15.46
N SER D 243 -28.27 -3.40 -14.76
CA SER D 243 -27.35 -4.54 -14.83
C SER D 243 -27.54 -5.63 -13.75
N ALA D 244 -28.47 -5.43 -12.80
CA ALA D 244 -28.77 -6.41 -11.75
C ALA D 244 -30.19 -6.94 -12.01
N PHE D 245 -30.30 -8.23 -12.39
CA PHE D 245 -31.57 -8.89 -12.74
C PHE D 245 -32.05 -9.80 -11.63
N ASN D 246 -33.36 -9.83 -11.40
CA ASN D 246 -33.92 -10.65 -10.34
C ASN D 246 -35.23 -11.28 -10.72
N LEU D 247 -35.42 -12.54 -10.34
CA LEU D 247 -36.69 -13.25 -10.56
C LEU D 247 -37.18 -13.87 -9.23
N PRO D 248 -38.03 -13.15 -8.44
CA PRO D 248 -38.52 -13.75 -7.19
C PRO D 248 -39.72 -14.65 -7.51
N LEU D 249 -39.74 -15.83 -6.90
CA LEU D 249 -40.79 -16.83 -7.14
C LEU D 249 -41.48 -17.23 -5.86
N GLU D 250 -42.78 -17.56 -5.93
CA GLU D 250 -43.50 -18.02 -4.74
C GLU D 250 -43.18 -19.50 -4.48
N GLU D 251 -43.43 -19.95 -3.24
CA GLU D 251 -43.16 -21.32 -2.81
C GLU D 251 -43.94 -22.37 -3.59
N GLY D 252 -43.37 -23.57 -3.64
CA GLY D 252 -43.99 -24.72 -4.28
C GLY D 252 -43.71 -24.93 -5.75
N ILE D 253 -42.88 -24.06 -6.39
CA ILE D 253 -42.59 -24.22 -7.82
C ILE D 253 -41.89 -25.57 -8.12
N ASN D 254 -42.36 -26.28 -9.17
CA ASN D 254 -41.84 -27.56 -9.63
C ASN D 254 -40.78 -27.35 -10.73
N ASP D 255 -40.18 -28.45 -11.22
CA ASP D 255 -39.13 -28.46 -12.23
C ASP D 255 -39.49 -27.75 -13.54
N LEU D 256 -40.64 -28.08 -14.12
CA LEU D 256 -41.07 -27.53 -15.39
C LEU D 256 -41.34 -26.02 -15.35
N ASP D 257 -42.12 -25.56 -14.35
CA ASP D 257 -42.47 -24.15 -14.20
C ASP D 257 -41.26 -23.29 -13.90
N TRP D 258 -40.36 -23.78 -13.04
CA TRP D 258 -39.13 -23.05 -12.72
C TRP D 258 -38.24 -22.99 -13.98
N SER D 259 -38.19 -24.11 -14.76
CA SER D 259 -37.44 -24.20 -16.03
C SER D 259 -37.98 -23.20 -17.07
N ASN D 260 -39.31 -23.13 -17.21
CA ASN D 260 -40.01 -22.21 -18.12
C ASN D 260 -39.87 -20.75 -17.70
N ALA D 261 -39.83 -20.49 -16.38
CA ALA D 261 -39.66 -19.14 -15.83
C ALA D 261 -38.27 -18.58 -16.14
N ILE D 262 -37.22 -19.41 -16.06
CA ILE D 262 -35.86 -18.91 -16.26
C ILE D 262 -35.24 -19.08 -17.65
N GLY D 263 -35.70 -20.09 -18.41
CA GLY D 263 -35.18 -20.43 -19.72
C GLY D 263 -35.05 -19.25 -20.68
N PRO D 264 -36.17 -18.53 -20.96
CA PRO D 264 -36.08 -17.37 -21.88
C PRO D 264 -35.24 -16.24 -21.33
N ILE D 265 -35.18 -16.08 -19.98
CA ILE D 265 -34.34 -15.04 -19.36
C ILE D 265 -32.86 -15.36 -19.66
N LEU D 266 -32.41 -16.61 -19.34
CA LEU D 266 -31.04 -17.09 -19.62
C LEU D 266 -30.66 -16.86 -21.09
N ASP D 267 -31.49 -17.35 -22.03
CA ASP D 267 -31.22 -17.20 -23.47
C ASP D 267 -31.15 -15.74 -23.90
N SER D 268 -32.05 -14.90 -23.37
CA SER D 268 -32.03 -13.46 -23.69
C SER D 268 -30.78 -12.77 -23.13
N LEU D 269 -30.31 -13.17 -21.91
CA LEU D 269 -29.10 -12.60 -21.32
C LEU D 269 -27.86 -12.93 -22.13
N ASN D 270 -27.76 -14.18 -22.60
CA ASN D 270 -26.62 -14.61 -23.41
C ASN D 270 -26.55 -13.89 -24.76
N ILE D 271 -27.71 -13.70 -25.42
CA ILE D 271 -27.82 -13.05 -26.74
C ILE D 271 -27.39 -11.59 -26.67
N VAL D 272 -27.94 -10.85 -25.70
CA VAL D 272 -27.72 -9.43 -25.49
C VAL D 272 -26.35 -9.11 -24.91
N ILE D 273 -25.95 -9.76 -23.81
CA ILE D 273 -24.66 -9.47 -23.16
C ILE D 273 -23.48 -10.04 -23.90
N GLN D 274 -23.64 -11.27 -24.47
CA GLN D 274 -22.58 -12.02 -25.16
C GLN D 274 -21.41 -12.13 -24.19
N PRO D 275 -21.60 -12.83 -23.05
CA PRO D 275 -20.54 -12.86 -22.04
C PRO D 275 -19.27 -13.57 -22.45
N SER D 276 -18.15 -13.08 -21.92
CA SER D 276 -16.82 -13.66 -22.10
C SER D 276 -16.68 -14.84 -21.12
N TYR D 277 -17.40 -14.77 -19.98
CA TYR D 277 -17.42 -15.83 -18.96
C TYR D 277 -18.79 -15.92 -18.34
N VAL D 278 -19.18 -17.13 -17.90
CA VAL D 278 -20.43 -17.31 -17.17
C VAL D 278 -20.04 -17.89 -15.80
N VAL D 279 -20.57 -17.34 -14.70
CA VAL D 279 -20.35 -17.86 -13.35
C VAL D 279 -21.71 -18.29 -12.83
N VAL D 280 -21.87 -19.57 -12.51
CA VAL D 280 -23.15 -20.13 -12.03
C VAL D 280 -23.02 -20.56 -10.58
N GLN D 281 -23.91 -20.06 -9.71
CA GLN D 281 -23.98 -20.52 -8.32
C GLN D 281 -25.13 -21.56 -8.36
N CYS D 282 -24.86 -22.80 -7.91
CA CYS D 282 -25.80 -23.92 -7.97
CA CYS D 282 -25.81 -23.91 -7.96
C CYS D 282 -26.26 -24.44 -6.58
N GLY D 283 -26.60 -23.53 -5.67
CA GLY D 283 -27.08 -23.89 -4.34
C GLY D 283 -28.21 -24.88 -4.45
N ALA D 284 -28.12 -25.98 -3.73
CA ALA D 284 -29.06 -27.11 -3.81
C ALA D 284 -30.32 -27.00 -2.96
N ASP D 285 -30.52 -25.88 -2.28
CA ASP D 285 -31.67 -25.68 -1.38
C ASP D 285 -33.03 -25.51 -2.05
N CYS D 286 -33.08 -25.52 -3.40
CA CYS D 286 -34.35 -25.50 -4.16
C CYS D 286 -34.90 -26.90 -4.25
N LEU D 287 -34.11 -27.93 -3.87
CA LEU D 287 -34.59 -29.32 -3.93
C LEU D 287 -35.82 -29.50 -3.06
N ALA D 288 -36.80 -30.30 -3.54
CA ALA D 288 -38.04 -30.57 -2.82
C ALA D 288 -37.75 -31.16 -1.44
N THR D 289 -36.60 -31.86 -1.30
CA THR D 289 -36.18 -32.56 -0.09
C THR D 289 -35.28 -31.73 0.82
N ASP D 290 -34.94 -30.51 0.43
CA ASP D 290 -34.15 -29.66 1.31
C ASP D 290 -35.05 -29.33 2.55
N PRO D 291 -34.50 -29.26 3.80
CA PRO D 291 -35.36 -28.94 4.97
C PRO D 291 -36.01 -27.54 4.95
N HIS D 292 -35.60 -26.62 4.03
CA HIS D 292 -36.27 -25.32 3.91
C HIS D 292 -37.68 -25.60 3.37
N ARG D 293 -37.81 -26.65 2.49
CA ARG D 293 -39.05 -27.11 1.87
C ARG D 293 -39.85 -25.96 1.24
N ILE D 294 -39.22 -25.23 0.30
CA ILE D 294 -39.83 -24.08 -0.39
C ILE D 294 -40.15 -24.44 -1.82
N PHE D 295 -39.13 -24.74 -2.62
CA PHE D 295 -39.35 -25.11 -4.01
C PHE D 295 -39.39 -26.63 -4.11
N ARG D 296 -39.88 -27.16 -5.24
CA ARG D 296 -40.01 -28.60 -5.46
C ARG D 296 -39.13 -29.08 -6.62
N LEU D 297 -37.89 -28.56 -6.71
CA LEU D 297 -36.98 -29.00 -7.77
C LEU D 297 -36.44 -30.42 -7.48
N THR D 298 -35.98 -31.14 -8.52
CA THR D 298 -35.45 -32.50 -8.32
C THR D 298 -34.06 -32.60 -8.94
N ASN D 299 -33.48 -33.81 -8.97
CA ASN D 299 -32.22 -34.09 -9.66
C ASN D 299 -32.54 -35.09 -10.79
N PHE D 300 -33.82 -35.20 -11.18
CA PHE D 300 -34.27 -36.17 -12.21
C PHE D 300 -33.70 -35.86 -13.58
N TYR D 301 -33.14 -36.89 -14.24
CA TYR D 301 -32.56 -36.77 -15.57
C TYR D 301 -33.18 -37.86 -16.48
N PRO D 302 -34.37 -37.60 -17.07
CA PRO D 302 -35.02 -38.64 -17.91
C PRO D 302 -34.38 -38.91 -19.26
N SER D 315 -40.31 -35.45 -16.06
CA SER D 315 -39.73 -34.12 -16.33
C SER D 315 -38.30 -33.90 -15.81
N LEU D 316 -37.54 -33.06 -16.53
CA LEU D 316 -36.14 -32.73 -16.30
C LEU D 316 -35.94 -31.79 -15.11
N SER D 317 -34.90 -32.08 -14.29
CA SER D 317 -34.50 -31.26 -13.15
C SER D 317 -34.30 -29.84 -13.65
N GLY D 318 -34.86 -28.87 -12.90
CA GLY D 318 -34.71 -27.44 -13.20
C GLY D 318 -33.25 -27.10 -13.25
N TYR D 319 -32.47 -27.67 -12.30
CA TYR D 319 -31.02 -27.47 -12.22
C TYR D 319 -30.28 -27.97 -13.48
N LEU D 320 -30.60 -29.21 -13.91
CA LEU D 320 -29.97 -29.82 -15.09
C LEU D 320 -30.39 -29.12 -16.36
N TYR D 321 -31.66 -28.67 -16.44
CA TYR D 321 -32.17 -27.89 -17.56
C TYR D 321 -31.35 -26.59 -17.72
N ALA D 322 -31.16 -25.87 -16.60
CA ALA D 322 -30.44 -24.58 -16.55
C ALA D 322 -28.98 -24.74 -16.91
N ILE D 323 -28.29 -25.75 -16.33
CA ILE D 323 -26.87 -26.01 -16.60
C ILE D 323 -26.67 -26.44 -18.06
N LYS D 324 -27.55 -27.32 -18.58
CA LYS D 324 -27.45 -27.78 -19.95
C LYS D 324 -27.54 -26.61 -20.93
N LYS D 325 -28.50 -25.69 -20.68
CA LYS D 325 -28.73 -24.51 -21.51
C LYS D 325 -27.49 -23.59 -21.47
N ILE D 326 -26.96 -23.31 -20.27
CA ILE D 326 -25.80 -22.43 -20.11
C ILE D 326 -24.59 -23.02 -20.85
N LEU D 327 -24.34 -24.33 -20.69
CA LEU D 327 -23.23 -25.03 -21.34
C LEU D 327 -23.36 -25.06 -22.85
N SER D 328 -24.60 -25.09 -23.38
CA SER D 328 -24.85 -25.05 -24.83
C SER D 328 -24.34 -23.77 -25.49
N TRP D 329 -24.12 -22.69 -24.71
CA TRP D 329 -23.62 -21.40 -25.22
C TRP D 329 -22.16 -21.48 -25.61
N LYS D 330 -21.44 -22.48 -25.05
CA LYS D 330 -20.02 -22.73 -25.29
C LYS D 330 -19.16 -21.52 -24.88
N VAL D 331 -19.47 -20.98 -23.68
CA VAL D 331 -18.76 -19.85 -23.06
C VAL D 331 -17.99 -20.40 -21.84
N PRO D 332 -16.68 -20.03 -21.63
CA PRO D 332 -15.96 -20.54 -20.44
C PRO D 332 -16.78 -20.31 -19.18
N THR D 333 -17.12 -21.41 -18.48
CA THR D 333 -18.04 -21.39 -17.33
C THR D 333 -17.49 -21.91 -16.01
N LEU D 334 -17.83 -21.20 -14.94
CA LEU D 334 -17.50 -21.58 -13.58
C LEU D 334 -18.82 -22.05 -12.90
N ILE D 335 -18.82 -23.29 -12.38
CA ILE D 335 -20.00 -23.81 -11.68
C ILE D 335 -19.60 -23.96 -10.20
N LEU D 336 -20.36 -23.30 -9.32
CA LEU D 336 -20.08 -23.30 -7.89
C LEU D 336 -21.22 -23.89 -7.10
N GLY D 337 -20.93 -24.26 -5.86
CA GLY D 337 -21.92 -24.77 -4.94
C GLY D 337 -22.70 -23.62 -4.32
N GLY D 338 -23.02 -23.78 -3.04
CA GLY D 338 -23.78 -22.81 -2.26
C GLY D 338 -24.58 -23.53 -1.21
N GLY D 339 -25.81 -23.10 -1.01
CA GLY D 339 -26.72 -23.73 -0.06
C GLY D 339 -27.01 -25.18 -0.40
N GLY D 340 -27.63 -25.89 0.55
CA GLY D 340 -27.97 -27.29 0.39
C GLY D 340 -27.79 -27.98 1.73
N TYR D 341 -28.91 -28.18 2.44
CA TYR D 341 -28.97 -28.69 3.81
C TYR D 341 -29.34 -30.16 3.99
N ASN D 342 -29.66 -30.85 2.89
CA ASN D 342 -29.88 -32.29 2.90
C ASN D 342 -28.61 -32.78 2.19
N PHE D 343 -27.57 -33.15 2.96
CA PHE D 343 -26.26 -33.51 2.38
C PHE D 343 -26.30 -34.63 1.33
N PRO D 344 -26.97 -35.79 1.59
CA PRO D 344 -27.03 -36.83 0.54
C PRO D 344 -27.75 -36.35 -0.72
N ASP D 345 -28.87 -35.60 -0.57
CA ASP D 345 -29.59 -35.08 -1.75
C ASP D 345 -28.81 -33.99 -2.49
N THR D 346 -27.99 -33.20 -1.76
CA THR D 346 -27.12 -32.20 -2.39
C THR D 346 -26.06 -32.98 -3.22
N ALA D 347 -25.49 -34.05 -2.65
CA ALA D 347 -24.52 -34.89 -3.36
C ALA D 347 -25.16 -35.56 -4.59
N ARG D 348 -26.42 -36.02 -4.46
CA ARG D 348 -27.19 -36.63 -5.55
C ARG D 348 -27.37 -35.64 -6.72
N LEU D 349 -27.67 -34.36 -6.38
CA LEU D 349 -27.84 -33.34 -7.41
C LEU D 349 -26.50 -32.98 -8.06
N TRP D 350 -25.50 -32.67 -7.22
CA TRP D 350 -24.19 -32.25 -7.71
C TRP D 350 -23.44 -33.31 -8.50
N THR D 351 -23.69 -34.59 -8.20
CA THR D 351 -23.11 -35.68 -8.99
C THR D 351 -23.75 -35.64 -10.38
N ARG D 352 -25.08 -35.46 -10.44
CA ARG D 352 -25.73 -35.35 -11.76
C ARG D 352 -25.29 -34.12 -12.55
N VAL D 353 -25.04 -32.99 -11.87
CA VAL D 353 -24.54 -31.77 -12.52
C VAL D 353 -23.13 -32.05 -13.11
N THR D 354 -22.29 -32.74 -12.33
CA THR D 354 -20.91 -33.07 -12.73
C THR D 354 -20.90 -33.93 -13.96
N ALA D 355 -21.71 -35.03 -13.96
CA ALA D 355 -21.86 -35.95 -15.09
C ALA D 355 -22.44 -35.22 -16.31
N LEU D 356 -23.42 -34.33 -16.11
CA LEU D 356 -24.02 -33.56 -17.20
C LEU D 356 -22.96 -32.67 -17.87
N THR D 357 -22.15 -31.95 -17.05
CA THR D 357 -21.10 -31.07 -17.54
C THR D 357 -20.11 -31.85 -18.42
N ILE D 358 -19.69 -33.03 -17.97
CA ILE D 358 -18.79 -33.90 -18.73
C ILE D 358 -19.43 -34.28 -20.09
N GLU D 359 -20.69 -34.69 -20.08
CA GLU D 359 -21.41 -35.14 -21.27
C GLU D 359 -21.58 -34.01 -22.29
N GLU D 360 -21.95 -32.80 -21.80
CA GLU D 360 -22.16 -31.61 -22.62
C GLU D 360 -20.86 -31.04 -23.22
N VAL D 361 -19.80 -30.93 -22.41
CA VAL D 361 -18.53 -30.35 -22.84
C VAL D 361 -17.77 -31.24 -23.81
N LYS D 362 -17.64 -32.53 -23.48
CA LYS D 362 -16.86 -33.51 -24.24
C LYS D 362 -17.62 -34.18 -25.39
N GLY D 363 -18.88 -34.52 -25.15
CA GLY D 363 -19.73 -35.25 -26.08
C GLY D 363 -19.73 -36.72 -25.73
N LYS D 364 -18.99 -37.09 -24.67
CA LYS D 364 -18.86 -38.46 -24.19
C LYS D 364 -20.00 -38.77 -23.23
N LYS D 365 -20.87 -39.72 -23.62
CA LYS D 365 -22.04 -40.13 -22.84
C LYS D 365 -21.64 -40.66 -21.47
N MET D 366 -22.17 -40.01 -20.42
CA MET D 366 -21.92 -40.44 -19.05
C MET D 366 -23.03 -41.37 -18.64
N THR D 367 -22.66 -42.59 -18.27
CA THR D 367 -23.61 -43.64 -17.89
C THR D 367 -23.63 -43.80 -16.39
N ILE D 368 -24.69 -43.27 -15.75
CA ILE D 368 -24.82 -43.29 -14.31
C ILE D 368 -25.87 -44.31 -13.86
N SER D 369 -25.45 -45.27 -13.01
CA SER D 369 -26.31 -46.31 -12.44
C SER D 369 -27.43 -45.68 -11.56
N PRO D 370 -28.71 -46.14 -11.64
CA PRO D 370 -29.75 -45.54 -10.78
C PRO D 370 -29.59 -45.86 -9.29
N GLU D 371 -28.68 -46.78 -8.99
CA GLU D 371 -28.34 -47.26 -7.67
C GLU D 371 -27.04 -46.61 -7.16
N ILE D 372 -27.03 -46.19 -5.89
CA ILE D 372 -25.84 -45.60 -5.27
C ILE D 372 -24.74 -46.68 -5.16
N PRO D 373 -23.54 -46.46 -5.75
CA PRO D 373 -22.48 -47.49 -5.64
C PRO D 373 -21.99 -47.58 -4.20
N GLU D 374 -21.47 -48.75 -3.83
CA GLU D 374 -20.88 -48.97 -2.52
C GLU D 374 -19.64 -48.08 -2.42
N HIS D 375 -19.49 -47.38 -1.29
CA HIS D 375 -18.39 -46.48 -0.99
C HIS D 375 -18.46 -46.05 0.48
N SER D 376 -17.48 -45.25 0.92
CA SER D 376 -17.35 -44.72 2.28
C SER D 376 -18.68 -44.27 2.93
N TYR D 377 -19.47 -43.44 2.19
CA TYR D 377 -20.73 -42.86 2.62
C TYR D 377 -22.03 -43.49 2.10
N PHE D 378 -21.96 -44.70 1.51
CA PHE D 378 -23.12 -45.44 0.99
C PHE D 378 -24.33 -45.48 1.97
N SER D 379 -24.08 -45.69 3.27
CA SER D 379 -25.11 -45.80 4.31
C SER D 379 -25.92 -44.49 4.52
N ARG D 380 -25.37 -43.35 4.11
CA ARG D 380 -26.05 -42.05 4.24
C ARG D 380 -27.18 -41.87 3.20
N TYR D 381 -27.24 -42.77 2.20
CA TYR D 381 -28.20 -42.73 1.10
C TYR D 381 -29.39 -43.67 1.28
N GLY D 382 -29.53 -44.21 2.49
CA GLY D 382 -30.58 -45.15 2.84
C GLY D 382 -31.92 -44.50 3.18
N PRO D 383 -32.99 -45.31 3.33
CA PRO D 383 -33.04 -46.79 3.19
C PRO D 383 -33.16 -47.26 1.75
N ASP D 384 -33.32 -46.32 0.79
CA ASP D 384 -33.53 -46.55 -0.65
C ASP D 384 -32.26 -46.83 -1.48
N PHE D 385 -31.18 -46.02 -1.28
CA PHE D 385 -29.90 -46.11 -1.99
C PHE D 385 -30.01 -45.87 -3.52
N GLU D 386 -30.95 -45.02 -3.92
CA GLU D 386 -31.16 -44.62 -5.31
C GLU D 386 -30.52 -43.24 -5.56
N LEU D 387 -30.12 -42.95 -6.83
CA LEU D 387 -29.56 -41.67 -7.21
C LEU D 387 -30.63 -40.58 -7.28
N ASP D 388 -31.83 -40.93 -7.76
CA ASP D 388 -32.96 -40.01 -7.77
C ASP D 388 -33.32 -39.65 -6.33
N ILE D 389 -33.63 -38.38 -6.05
CA ILE D 389 -34.07 -37.96 -4.71
C ILE D 389 -35.44 -38.62 -4.42
N ASP D 390 -35.79 -38.79 -3.14
CA ASP D 390 -37.07 -39.42 -2.78
C ASP D 390 -38.17 -38.35 -2.77
N TYR D 391 -38.76 -38.09 -3.94
CA TYR D 391 -39.83 -37.11 -4.08
C TYR D 391 -40.87 -37.51 -5.10
N PHE D 392 -42.15 -37.23 -4.80
CA PHE D 392 -43.31 -37.55 -5.64
C PHE D 392 -43.40 -36.74 -6.97
N PRO D 393 -44.19 -35.64 -7.14
CA PRO D 393 -44.25 -35.00 -8.47
C PRO D 393 -43.02 -34.20 -8.87
N LEU D 401 -48.55 -18.37 -12.89
CA LEU D 401 -47.91 -18.17 -14.19
C LEU D 401 -48.09 -16.73 -14.73
N ASP D 402 -49.20 -16.04 -14.37
CA ASP D 402 -49.45 -14.65 -14.76
C ASP D 402 -48.44 -13.72 -14.05
N SER D 403 -48.04 -14.08 -12.82
CA SER D 403 -47.03 -13.40 -12.01
C SER D 403 -45.68 -13.53 -12.74
N ILE D 404 -45.41 -14.71 -13.37
CA ILE D 404 -44.18 -14.98 -14.13
C ILE D 404 -44.15 -14.15 -15.42
N GLN D 405 -45.29 -14.05 -16.13
CA GLN D 405 -45.44 -13.26 -17.36
C GLN D 405 -45.18 -11.75 -17.10
N LYS D 406 -45.66 -11.24 -15.96
CA LYS D 406 -45.44 -9.87 -15.47
C LYS D 406 -43.93 -9.65 -15.26
N HIS D 407 -43.24 -10.63 -14.63
CA HIS D 407 -41.80 -10.59 -14.39
C HIS D 407 -41.00 -10.57 -15.67
N HIS D 408 -41.36 -11.44 -16.64
CA HIS D 408 -40.79 -11.57 -17.97
C HIS D 408 -40.87 -10.25 -18.75
N ARG D 409 -42.06 -9.61 -18.77
CA ARG D 409 -42.27 -8.32 -19.45
C ARG D 409 -41.32 -7.23 -18.86
N ARG D 410 -41.23 -7.17 -17.51
CA ARG D 410 -40.39 -6.25 -16.75
C ARG D 410 -38.88 -6.50 -17.05
N ILE D 411 -38.47 -7.78 -17.13
CA ILE D 411 -37.07 -8.20 -17.37
C ILE D 411 -36.64 -7.89 -18.83
N LEU D 412 -37.55 -8.14 -19.80
CA LEU D 412 -37.32 -7.86 -21.23
C LEU D 412 -37.07 -6.35 -21.40
N GLU D 413 -37.90 -5.52 -20.74
CA GLU D 413 -37.77 -4.05 -20.74
C GLU D 413 -36.44 -3.64 -20.10
N GLN D 414 -36.05 -4.26 -18.97
CA GLN D 414 -34.77 -3.98 -18.29
C GLN D 414 -33.56 -4.37 -19.18
N LEU D 415 -33.65 -5.51 -19.85
CA LEU D 415 -32.61 -5.96 -20.76
C LEU D 415 -32.46 -4.99 -21.95
N ARG D 416 -33.59 -4.50 -22.49
CA ARG D 416 -33.60 -3.51 -23.57
C ARG D 416 -32.91 -2.22 -23.07
N ASN D 417 -33.28 -1.75 -21.85
CA ASN D 417 -32.72 -0.55 -21.21
C ASN D 417 -31.23 -0.69 -20.97
N TYR D 418 -30.79 -1.88 -20.49
CA TYR D 418 -29.37 -2.20 -20.29
C TYR D 418 -28.61 -2.11 -21.63
N ALA D 419 -29.13 -2.79 -22.68
CA ALA D 419 -28.55 -2.79 -24.03
C ALA D 419 -28.41 -1.39 -24.57
N ASP D 420 -29.47 -0.54 -24.42
CA ASP D 420 -29.45 0.85 -24.90
C ASP D 420 -28.41 1.69 -24.15
N LEU D 421 -28.39 1.59 -22.80
CA LEU D 421 -27.45 2.33 -21.97
C LEU D 421 -25.99 1.97 -22.31
N ASN D 422 -25.71 0.70 -22.61
CA ASN D 422 -24.37 0.20 -22.90
C ASN D 422 -24.01 0.07 -24.39
N LYS D 423 -24.78 0.73 -25.27
CA LYS D 423 -24.58 0.76 -26.73
C LYS D 423 -24.29 -0.64 -27.31
N LEU D 424 -25.09 -1.65 -26.89
CA LEU D 424 -24.93 -3.01 -27.38
C LEU D 424 -25.90 -3.25 -28.54
N ILE D 425 -25.42 -3.94 -29.59
CA ILE D 425 -26.23 -4.23 -30.77
C ILE D 425 -26.90 -5.60 -30.60
N TYR D 426 -28.25 -5.62 -30.74
CA TYR D 426 -29.06 -6.84 -30.64
C TYR D 426 -30.39 -6.73 -31.41
N ASP D 427 -30.96 -7.87 -31.84
CA ASP D 427 -32.26 -7.86 -32.53
C ASP D 427 -33.38 -8.01 -31.50
N TYR D 428 -34.17 -6.93 -31.33
CA TYR D 428 -35.27 -6.83 -30.39
C TYR D 428 -36.35 -7.90 -30.57
N ASP D 429 -36.79 -8.13 -31.83
CA ASP D 429 -37.81 -9.12 -32.15
C ASP D 429 -37.39 -10.55 -31.78
N GLN D 430 -36.14 -10.94 -32.11
CA GLN D 430 -35.54 -12.25 -31.79
C GLN D 430 -35.58 -12.56 -30.26
N VAL D 431 -35.19 -11.57 -29.41
CA VAL D 431 -35.21 -11.76 -27.95
C VAL D 431 -36.64 -11.75 -27.37
N TYR D 432 -37.54 -10.93 -27.97
CA TYR D 432 -38.95 -10.84 -27.57
C TYR D 432 -39.62 -12.21 -27.75
N GLN D 433 -39.35 -12.86 -28.92
CA GLN D 433 -39.88 -14.18 -29.30
C GLN D 433 -39.54 -15.31 -28.33
N LEU D 434 -38.38 -15.21 -27.63
CA LEU D 434 -37.94 -16.22 -26.64
C LEU D 434 -38.97 -16.39 -25.53
N TYR D 435 -39.68 -15.30 -25.19
CA TYR D 435 -40.71 -15.25 -24.16
C TYR D 435 -42.09 -15.61 -24.71
#